data_2R1R
#
_entry.id   2R1R
#
_cell.length_a   227.820
_cell.length_b   227.820
_cell.length_c   343.470
_cell.angle_alpha   90.00
_cell.angle_beta   90.00
_cell.angle_gamma   120.00
#
_symmetry.space_group_name_H-M   'H 3 2'
#
loop_
_entity.id
_entity.type
_entity.pdbx_description
1 polymer 'RIBONUCLEOTIDE REDUCTASE R1 PROTEIN'
2 polymer 'RIBONUCLEOTIDE REDUCTASE R2 PROTEIN'
3 non-polymer "THYMIDINE-5'-TRIPHOSPHATE"
#
loop_
_entity_poly.entity_id
_entity_poly.type
_entity_poly.pdbx_seq_one_letter_code
_entity_poly.pdbx_strand_id
1 'polypeptide(L)'
;MNQNLLVTKRDGSTERINLDKIHRVLDWAAEGLHNVSISQVELRSHIQFYDGIKTSDIHETIIKAAADLISRDAPDYQYL
AARLAIFHLRKKAYGQFEPPALYDHVVKMVEMGKYDNHLLEDYTEEEFKQMDTFIDHDRDMTFSYAAVKQLEGKYLVQNR
VTGEIYESAQFLYILVAACLFSNYPRETRLQYVKRFYDAVSTFKISLPTPIMSGVRTPTRQFSSCVLIECGDSLDSINAT
SSAIVKYVSQRAGIGINAGRIRALGSPIRGGEAFHTGCIPFYKHFQTAVKSCSQGGVRGGAATLFYPMWHLEVESLLVLK
NNRGVEGNRVRHMDYGVQINKLMYTRLLKGEDITLFSPSDVPGLYDAFFADQEEFERLYTKYEKDDSIRKQRVKAVELFS
LMMQERASTGRIYIQNVDHCNTHSPFDPAIAPVRQSNLCLEIALPTKPLNDVNDENGEIALCTLSAFNLGAINNLDELEE
LAILAVRALDALLDYQDYPIPAAKRGAMGRRTLGIGVINFAYYLAKHGKRYSDGSANNLTHKTFEAIQYYLLKASNELAK
EQGACPWFNETTYAKGILPIDTYKKDLDTIANEPLHYDWEALRESIKTHGLRNSTLSALMPSETSSQISNATNGIEPPRG
YVSIKASKDGILRQVVPDYEHLHDAYELLWEMPGNDGYLQLVGIMQKFIDQSISANTNYDPSRFPSGKVPMQQLLKDLLT
AYKFGVKTLYYQNTRDGAEDAQDDLVPSIQDDGCESGACKI
;
A,B,C
2 'polypeptide(L)' YLVGQIDSEVDTDDLSNFQL D,E,F,P
#
loop_
_chem_comp.id
_chem_comp.type
_chem_comp.name
_chem_comp.formula
TTP non-polymer THYMIDINE-5'-TRIPHOSPHATE 'C10 H17 N2 O14 P3'
#
# COMPACT_ATOMS: atom_id res chain seq x y z
N LEU A 5 -10.30 -63.59 -20.41
CA LEU A 5 -11.15 -64.07 -19.28
C LEU A 5 -11.06 -63.14 -18.07
N LEU A 6 -12.13 -62.42 -17.81
CA LEU A 6 -12.53 -61.72 -16.62
C LEU A 6 -11.78 -60.46 -16.15
N VAL A 7 -12.25 -59.34 -16.72
CA VAL A 7 -11.88 -57.98 -16.41
C VAL A 7 -13.02 -57.25 -15.71
N THR A 8 -12.73 -56.24 -14.89
CA THR A 8 -13.73 -55.44 -14.20
C THR A 8 -13.59 -53.97 -14.59
N LYS A 9 -14.66 -53.24 -14.92
CA LYS A 9 -14.49 -51.83 -15.27
C LYS A 9 -14.64 -50.86 -14.11
N ARG A 10 -14.73 -49.59 -14.49
CA ARG A 10 -14.89 -48.47 -13.56
C ARG A 10 -16.19 -48.47 -12.78
N ASP A 11 -17.31 -48.96 -13.38
CA ASP A 11 -18.54 -49.11 -12.58
C ASP A 11 -18.45 -50.42 -11.76
N GLY A 12 -17.51 -51.25 -12.22
CA GLY A 12 -17.18 -52.40 -11.34
C GLY A 12 -18.06 -53.55 -11.85
N SER A 13 -18.15 -53.51 -13.19
CA SER A 13 -18.93 -54.58 -13.79
C SER A 13 -18.09 -55.25 -14.88
N THR A 14 -18.11 -56.55 -14.60
CA THR A 14 -17.43 -57.60 -15.29
C THR A 14 -17.80 -57.73 -16.76
N GLU A 15 -16.74 -57.78 -17.54
CA GLU A 15 -16.78 -58.08 -18.95
C GLU A 15 -15.56 -58.98 -19.23
N ARG A 16 -15.66 -59.76 -20.30
CA ARG A 16 -14.56 -60.62 -20.69
C ARG A 16 -13.45 -59.81 -21.37
N ILE A 17 -12.24 -60.36 -21.23
CA ILE A 17 -11.08 -59.78 -21.89
C ILE A 17 -11.12 -59.99 -23.40
N ASN A 18 -10.87 -58.92 -24.15
CA ASN A 18 -10.70 -59.08 -25.60
C ASN A 18 -9.28 -58.62 -25.90
N LEU A 19 -8.37 -59.59 -25.94
CA LEU A 19 -6.95 -59.28 -26.12
C LEU A 19 -6.53 -58.66 -27.44
N ASP A 20 -7.41 -58.39 -28.40
CA ASP A 20 -6.98 -57.74 -29.63
C ASP A 20 -7.24 -56.25 -29.57
N LYS A 21 -8.07 -55.86 -28.60
CA LYS A 21 -8.33 -54.43 -28.37
C LYS A 21 -7.02 -53.80 -27.88
N ILE A 22 -6.47 -54.40 -26.84
CA ILE A 22 -5.18 -54.02 -26.27
C ILE A 22 -4.15 -53.89 -27.39
N HIS A 23 -4.01 -54.96 -28.16
CA HIS A 23 -3.08 -54.99 -29.28
C HIS A 23 -3.24 -53.78 -30.18
N ARG A 24 -4.47 -53.47 -30.59
CA ARG A 24 -4.72 -52.31 -31.44
C ARG A 24 -4.17 -51.06 -30.75
N VAL A 25 -4.55 -50.83 -29.51
CA VAL A 25 -4.08 -49.67 -28.76
C VAL A 25 -2.57 -49.54 -28.89
N LEU A 26 -1.83 -50.60 -28.55
CA LEU A 26 -0.38 -50.62 -28.71
C LEU A 26 0.02 -50.28 -30.14
N ASP A 27 -0.55 -51.00 -31.10
CA ASP A 27 -0.29 -50.81 -32.51
C ASP A 27 -0.38 -49.34 -32.92
N TRP A 28 -1.44 -48.68 -32.48
CA TRP A 28 -1.65 -47.25 -32.70
C TRP A 28 -0.52 -46.41 -32.13
N ALA A 29 -0.26 -46.57 -30.84
CA ALA A 29 0.78 -45.82 -30.14
C ALA A 29 2.14 -45.90 -30.79
N ALA A 30 2.50 -47.08 -31.30
CA ALA A 30 3.76 -47.33 -31.97
C ALA A 30 3.91 -46.62 -33.31
N GLU A 31 2.79 -46.24 -33.93
CA GLU A 31 2.79 -45.54 -35.20
C GLU A 31 3.94 -44.53 -35.31
N GLY A 32 4.76 -44.74 -36.35
CA GLY A 32 5.88 -43.87 -36.62
C GLY A 32 7.14 -44.05 -35.80
N LEU A 33 7.14 -44.92 -34.80
CA LEU A 33 8.34 -45.09 -33.96
C LEU A 33 9.26 -46.17 -34.49
N HIS A 34 10.56 -46.06 -34.22
CA HIS A 34 11.55 -47.04 -34.68
C HIS A 34 12.23 -47.79 -33.54
N ASN A 35 12.32 -49.10 -33.70
CA ASN A 35 12.98 -49.99 -32.76
C ASN A 35 12.19 -50.35 -31.52
N VAL A 36 10.87 -50.20 -31.58
CA VAL A 36 10.02 -50.63 -30.46
C VAL A 36 9.35 -51.93 -30.89
N SER A 37 9.19 -52.86 -29.97
CA SER A 37 8.54 -54.12 -30.33
C SER A 37 7.26 -54.30 -29.51
N ILE A 38 6.14 -54.27 -30.23
CA ILE A 38 4.86 -54.50 -29.58
C ILE A 38 4.84 -55.81 -28.81
N SER A 39 5.29 -56.90 -29.43
CA SER A 39 5.38 -58.19 -28.80
C SER A 39 6.03 -58.12 -27.42
N GLN A 40 7.25 -57.56 -27.40
CA GLN A 40 7.99 -57.40 -26.15
C GLN A 40 7.08 -56.87 -25.04
N VAL A 41 6.38 -55.78 -25.32
CA VAL A 41 5.46 -55.16 -24.37
C VAL A 41 4.34 -56.11 -23.99
N GLU A 42 3.73 -56.75 -24.99
CA GLU A 42 2.64 -57.68 -24.69
C GLU A 42 3.12 -58.78 -23.75
N LEU A 43 4.25 -59.41 -24.08
CA LEU A 43 4.84 -60.43 -23.25
C LEU A 43 4.98 -60.02 -21.79
N ARG A 44 5.71 -58.95 -21.55
CA ARG A 44 5.94 -58.47 -20.19
C ARG A 44 4.73 -58.02 -19.40
N SER A 45 3.60 -57.71 -20.02
CA SER A 45 2.45 -57.24 -19.27
C SER A 45 1.35 -58.28 -19.17
N HIS A 46 1.22 -59.16 -20.17
CA HIS A 46 0.14 -60.15 -20.13
C HIS A 46 0.29 -61.13 -18.97
N ILE A 47 1.53 -61.54 -18.71
CA ILE A 47 1.86 -62.39 -17.57
C ILE A 47 1.38 -61.86 -16.23
N GLN A 48 1.27 -60.56 -16.01
CA GLN A 48 0.79 -59.99 -14.77
C GLN A 48 -0.73 -59.83 -14.75
N PHE A 49 -1.44 -60.29 -15.77
CA PHE A 49 -2.89 -60.16 -15.81
C PHE A 49 -3.60 -61.24 -14.99
N TYR A 50 -4.79 -60.95 -14.46
CA TYR A 50 -5.52 -61.91 -13.66
C TYR A 50 -7.03 -61.65 -13.62
N ASP A 51 -7.81 -62.71 -13.41
CA ASP A 51 -9.26 -62.62 -13.35
C ASP A 51 -9.73 -61.63 -12.27
N GLY A 52 -10.46 -60.62 -12.71
CA GLY A 52 -10.96 -59.58 -11.80
C GLY A 52 -10.07 -58.33 -11.88
N ILE A 53 -9.23 -58.36 -12.92
CA ILE A 53 -8.31 -57.25 -13.14
C ILE A 53 -9.08 -56.00 -13.53
N LYS A 54 -8.93 -54.97 -12.69
CA LYS A 54 -9.51 -53.66 -13.05
C LYS A 54 -8.90 -53.20 -14.38
N THR A 55 -9.68 -52.46 -15.15
CA THR A 55 -9.26 -51.93 -16.44
C THR A 55 -8.10 -50.95 -16.27
N SER A 56 -8.29 -50.01 -15.34
CA SER A 56 -7.25 -49.03 -15.04
C SER A 56 -5.88 -49.70 -14.91
N ASP A 57 -5.79 -50.73 -14.07
CA ASP A 57 -4.61 -51.56 -13.89
C ASP A 57 -4.05 -52.06 -15.22
N ILE A 58 -4.91 -52.55 -16.11
CA ILE A 58 -4.48 -52.98 -17.44
C ILE A 58 -3.65 -51.88 -18.11
N HIS A 59 -4.13 -50.64 -18.09
CA HIS A 59 -3.37 -49.54 -18.67
C HIS A 59 -2.04 -49.34 -17.94
N GLU A 60 -2.07 -49.18 -16.61
CA GLU A 60 -0.85 -49.03 -15.83
C GLU A 60 0.23 -50.05 -16.18
N THR A 61 -0.18 -51.32 -16.26
CA THR A 61 0.73 -52.40 -16.59
C THR A 61 1.41 -52.25 -17.95
N ILE A 62 0.68 -51.89 -19.00
CA ILE A 62 1.32 -51.79 -20.32
C ILE A 62 2.19 -50.54 -20.38
N ILE A 63 1.68 -49.46 -19.76
CA ILE A 63 2.44 -48.20 -19.71
C ILE A 63 3.81 -48.50 -19.10
N LYS A 64 3.79 -49.06 -17.89
CA LYS A 64 5.01 -49.41 -17.18
C LYS A 64 5.93 -50.30 -18.02
N ALA A 65 5.37 -51.35 -18.61
CA ALA A 65 6.15 -52.26 -19.42
C ALA A 65 6.90 -51.51 -20.52
N ALA A 66 6.16 -50.68 -21.26
CA ALA A 66 6.75 -49.85 -22.32
C ALA A 66 7.83 -48.94 -21.73
N ALA A 67 7.49 -48.26 -20.64
CA ALA A 67 8.38 -47.35 -19.96
C ALA A 67 9.66 -48.01 -19.46
N ASP A 68 9.59 -49.26 -19.02
CA ASP A 68 10.75 -49.97 -18.53
C ASP A 68 11.73 -50.34 -19.64
N LEU A 69 11.37 -50.22 -20.91
CA LEU A 69 12.28 -50.53 -21.99
C LEU A 69 13.00 -49.31 -22.54
N ILE A 70 12.75 -48.13 -21.95
CA ILE A 70 13.41 -46.90 -22.41
C ILE A 70 14.92 -47.06 -22.24
N SER A 71 15.68 -46.78 -23.28
CA SER A 71 17.13 -46.96 -23.26
C SER A 71 17.82 -46.07 -24.29
N ARG A 72 19.16 -46.14 -24.34
CA ARG A 72 19.88 -45.35 -25.33
C ARG A 72 19.81 -46.04 -26.69
N ASP A 73 19.62 -47.35 -26.68
CA ASP A 73 19.54 -48.15 -27.90
C ASP A 73 18.14 -48.16 -28.51
N ALA A 74 17.13 -47.84 -27.71
CA ALA A 74 15.75 -47.73 -28.19
C ALA A 74 15.07 -46.62 -27.41
N PRO A 75 15.26 -45.40 -27.88
CA PRO A 75 14.76 -44.19 -27.26
C PRO A 75 13.30 -43.91 -27.55
N ASP A 76 12.77 -44.50 -28.64
CA ASP A 76 11.37 -44.30 -28.99
C ASP A 76 10.37 -44.96 -28.06
N TYR A 77 10.81 -45.70 -27.05
CA TYR A 77 9.94 -46.26 -26.03
C TYR A 77 9.38 -45.10 -25.23
N GLN A 78 10.15 -44.03 -25.10
CA GLN A 78 9.74 -42.79 -24.48
C GLN A 78 8.36 -42.36 -24.99
N TYR A 79 8.20 -42.30 -26.31
CA TYR A 79 6.93 -41.91 -26.92
C TYR A 79 5.89 -43.01 -26.87
N LEU A 80 6.27 -44.27 -26.99
CA LEU A 80 5.27 -45.36 -26.91
C LEU A 80 4.61 -45.35 -25.53
N ALA A 81 5.43 -45.21 -24.50
CA ALA A 81 4.93 -45.20 -23.13
C ALA A 81 4.04 -43.98 -22.91
N ALA A 82 4.53 -42.82 -23.37
CA ALA A 82 3.84 -41.55 -23.25
C ALA A 82 2.44 -41.57 -23.85
N ARG A 83 2.35 -41.90 -25.14
CA ARG A 83 1.05 -42.01 -25.82
C ARG A 83 0.10 -42.90 -25.05
N LEU A 84 0.53 -44.11 -24.69
CA LEU A 84 -0.32 -44.98 -23.88
C LEU A 84 -0.80 -44.24 -22.63
N ALA A 85 0.07 -43.52 -21.94
CA ALA A 85 -0.33 -42.74 -20.77
C ALA A 85 -1.25 -41.58 -21.12
N ILE A 86 -1.01 -40.90 -22.24
CA ILE A 86 -1.92 -39.83 -22.68
C ILE A 86 -3.32 -40.40 -22.83
N PHE A 87 -3.41 -41.47 -23.62
CA PHE A 87 -4.66 -42.20 -23.83
C PHE A 87 -5.42 -42.49 -22.55
N HIS A 88 -4.72 -43.12 -21.60
CA HIS A 88 -5.29 -43.45 -20.29
C HIS A 88 -5.86 -42.22 -19.60
N LEU A 89 -5.06 -41.16 -19.50
CA LEU A 89 -5.50 -39.91 -18.90
C LEU A 89 -6.71 -39.34 -19.63
N ARG A 90 -6.70 -39.39 -20.96
CA ARG A 90 -7.90 -38.99 -21.71
C ARG A 90 -9.11 -39.69 -21.12
N LYS A 91 -9.14 -41.02 -21.18
CA LYS A 91 -10.24 -41.81 -20.62
C LYS A 91 -10.49 -41.46 -19.15
N LYS A 92 -9.43 -41.34 -18.35
CA LYS A 92 -9.58 -40.98 -16.95
C LYS A 92 -10.29 -39.65 -16.73
N ALA A 93 -10.10 -38.65 -17.58
CA ALA A 93 -10.72 -37.36 -17.37
C ALA A 93 -12.07 -37.18 -18.04
N TYR A 94 -12.20 -37.68 -19.27
CA TYR A 94 -13.40 -37.41 -20.06
C TYR A 94 -14.31 -38.62 -20.14
N GLY A 95 -13.75 -39.79 -19.90
CA GLY A 95 -14.50 -41.04 -19.97
C GLY A 95 -14.41 -41.64 -21.37
N GLN A 96 -13.71 -40.95 -22.25
CA GLN A 96 -13.52 -41.36 -23.64
C GLN A 96 -12.24 -40.70 -24.14
N PHE A 97 -11.69 -41.18 -25.25
CA PHE A 97 -10.47 -40.58 -25.78
C PHE A 97 -10.72 -39.15 -26.23
N GLU A 98 -11.82 -38.91 -26.93
CA GLU A 98 -12.17 -37.59 -27.43
C GLU A 98 -12.58 -36.57 -26.39
N PRO A 99 -11.80 -35.50 -26.30
CA PRO A 99 -12.02 -34.39 -25.40
C PRO A 99 -13.27 -33.61 -25.79
N PRO A 100 -14.08 -33.28 -24.80
CA PRO A 100 -15.28 -32.50 -24.98
C PRO A 100 -14.97 -31.17 -25.64
N ALA A 101 -16.02 -30.46 -26.00
CA ALA A 101 -15.92 -29.13 -26.60
C ALA A 101 -15.53 -28.11 -25.51
N LEU A 102 -14.54 -27.31 -25.84
CA LEU A 102 -14.00 -26.28 -24.95
C LEU A 102 -15.03 -25.62 -24.06
N TYR A 103 -16.04 -25.00 -24.66
CA TYR A 103 -17.10 -24.31 -23.93
C TYR A 103 -17.75 -25.18 -22.86
N ASP A 104 -18.23 -26.37 -23.26
CA ASP A 104 -18.86 -27.28 -22.31
C ASP A 104 -17.96 -27.55 -21.11
N HIS A 105 -16.71 -27.90 -21.41
CA HIS A 105 -15.67 -28.12 -20.41
C HIS A 105 -15.53 -26.95 -19.45
N VAL A 106 -15.18 -25.78 -19.96
CA VAL A 106 -15.04 -24.58 -19.14
C VAL A 106 -16.24 -24.46 -18.20
N VAL A 107 -17.44 -24.37 -18.79
CA VAL A 107 -18.70 -24.33 -18.05
C VAL A 107 -18.72 -25.29 -16.89
N LYS A 108 -18.59 -26.59 -17.16
CA LYS A 108 -18.57 -27.63 -16.13
C LYS A 108 -17.52 -27.36 -15.06
N MET A 109 -16.28 -27.10 -15.49
CA MET A 109 -15.19 -26.80 -14.57
C MET A 109 -15.48 -25.61 -13.67
N VAL A 110 -16.03 -24.55 -14.26
CA VAL A 110 -16.44 -23.36 -13.52
C VAL A 110 -17.48 -23.71 -12.46
N GLU A 111 -18.47 -24.53 -12.81
CA GLU A 111 -19.50 -24.96 -11.89
C GLU A 111 -18.95 -25.80 -10.74
N MET A 112 -17.95 -26.64 -11.05
CA MET A 112 -17.28 -27.42 -10.02
C MET A 112 -16.31 -26.59 -9.19
N GLY A 113 -16.04 -25.34 -9.60
CA GLY A 113 -15.18 -24.44 -8.88
C GLY A 113 -13.70 -24.74 -9.05
N LYS A 114 -13.31 -25.29 -10.20
CA LYS A 114 -11.91 -25.58 -10.45
C LYS A 114 -11.29 -24.53 -11.38
N TYR A 115 -12.12 -23.89 -12.19
CA TYR A 115 -11.65 -22.80 -13.04
C TYR A 115 -12.22 -21.46 -12.54
N ASP A 116 -11.50 -20.38 -12.80
CA ASP A 116 -11.96 -19.05 -12.41
C ASP A 116 -13.23 -18.71 -13.16
N ASN A 117 -14.21 -18.10 -12.50
CA ASN A 117 -15.47 -17.78 -13.16
C ASN A 117 -15.31 -16.63 -14.15
N HIS A 118 -14.39 -15.71 -13.88
CA HIS A 118 -14.10 -14.59 -14.78
C HIS A 118 -13.96 -15.00 -16.24
N LEU A 119 -13.50 -16.20 -16.55
CA LEU A 119 -13.38 -16.74 -17.89
C LEU A 119 -14.69 -16.71 -18.67
N LEU A 120 -15.79 -17.02 -17.99
CA LEU A 120 -17.10 -17.02 -18.64
C LEU A 120 -17.60 -15.59 -18.80
N GLU A 121 -17.17 -14.71 -17.89
CA GLU A 121 -17.46 -13.29 -17.97
C GLU A 121 -16.66 -12.61 -19.08
N ASP A 122 -15.38 -12.97 -19.23
CA ASP A 122 -14.54 -12.30 -20.22
C ASP A 122 -14.77 -12.79 -21.63
N TYR A 123 -15.05 -14.08 -21.79
CA TYR A 123 -15.25 -14.62 -23.13
C TYR A 123 -16.68 -15.07 -23.36
N THR A 124 -17.19 -14.81 -24.56
CA THR A 124 -18.54 -15.19 -24.93
C THR A 124 -18.55 -16.64 -25.42
N GLU A 125 -19.73 -17.24 -25.48
CA GLU A 125 -19.87 -18.61 -25.98
C GLU A 125 -19.26 -18.77 -27.37
N GLU A 126 -19.48 -17.79 -28.23
CA GLU A 126 -18.96 -17.75 -29.60
C GLU A 126 -17.44 -17.69 -29.59
N GLU A 127 -16.89 -16.88 -28.69
CA GLU A 127 -15.44 -16.76 -28.54
C GLU A 127 -14.81 -18.09 -28.18
N PHE A 128 -15.36 -18.79 -27.18
CA PHE A 128 -14.88 -20.11 -26.81
C PHE A 128 -14.96 -21.05 -28.01
N LYS A 129 -16.09 -21.06 -28.72
CA LYS A 129 -16.23 -21.82 -29.96
C LYS A 129 -15.12 -21.53 -30.96
N GLN A 130 -14.67 -20.28 -31.02
CA GLN A 130 -13.60 -19.91 -31.93
C GLN A 130 -12.28 -20.47 -31.43
N MET A 131 -11.98 -20.27 -30.15
CA MET A 131 -10.79 -20.85 -29.54
C MET A 131 -10.68 -22.35 -29.81
N ASP A 132 -11.75 -23.09 -29.60
CA ASP A 132 -11.80 -24.53 -29.86
C ASP A 132 -11.20 -24.90 -31.21
N THR A 133 -11.48 -24.14 -32.26
CA THR A 133 -10.88 -24.39 -33.58
C THR A 133 -9.36 -24.24 -33.59
N PHE A 134 -8.76 -23.43 -32.73
CA PHE A 134 -7.31 -23.32 -32.66
C PHE A 134 -6.69 -24.63 -32.14
N ILE A 135 -7.25 -25.15 -31.05
CA ILE A 135 -6.74 -26.35 -30.39
C ILE A 135 -6.48 -27.49 -31.36
N ASP A 136 -5.36 -28.16 -31.15
CA ASP A 136 -5.00 -29.38 -31.85
C ASP A 136 -4.66 -30.42 -30.79
N HIS A 137 -5.65 -31.24 -30.46
CA HIS A 137 -5.52 -32.26 -29.42
C HIS A 137 -4.48 -33.33 -29.71
N ASP A 138 -4.10 -33.50 -30.96
CA ASP A 138 -3.04 -34.39 -31.39
C ASP A 138 -1.65 -33.94 -31.00
N ARG A 139 -1.46 -32.73 -30.49
CA ARG A 139 -0.14 -32.30 -30.03
C ARG A 139 0.28 -33.06 -28.78
N ASP A 140 -0.70 -33.54 -28.02
CA ASP A 140 -0.55 -34.40 -26.89
C ASP A 140 0.31 -35.63 -27.19
N MET A 141 0.34 -36.11 -28.42
CA MET A 141 1.15 -37.21 -28.87
C MET A 141 2.63 -36.90 -29.06
N THR A 142 3.05 -35.65 -28.89
CA THR A 142 4.46 -35.32 -29.06
C THR A 142 5.22 -35.36 -27.73
N PHE A 143 4.50 -35.47 -26.62
CA PHE A 143 5.10 -35.50 -25.31
C PHE A 143 5.96 -36.74 -25.09
N SER A 144 6.97 -36.63 -24.23
CA SER A 144 7.81 -37.78 -23.89
C SER A 144 7.30 -38.32 -22.55
N TYR A 145 7.57 -39.59 -22.25
CA TYR A 145 7.06 -40.17 -21.02
C TYR A 145 7.37 -39.33 -19.80
N ALA A 146 8.62 -38.89 -19.62
CA ALA A 146 8.99 -38.06 -18.48
C ALA A 146 8.11 -36.81 -18.41
N ALA A 147 7.96 -36.11 -19.52
CA ALA A 147 7.03 -34.99 -19.61
C ALA A 147 5.63 -35.32 -19.13
N VAL A 148 4.99 -36.33 -19.71
CA VAL A 148 3.65 -36.71 -19.30
C VAL A 148 3.55 -36.88 -17.79
N LYS A 149 4.48 -37.58 -17.17
CA LYS A 149 4.56 -37.70 -15.72
C LYS A 149 4.60 -36.35 -15.00
N GLN A 150 5.31 -35.35 -15.52
CA GLN A 150 5.36 -34.03 -14.90
C GLN A 150 3.98 -33.38 -15.03
N LEU A 151 3.42 -33.45 -16.24
CA LEU A 151 2.09 -32.92 -16.50
C LEU A 151 1.06 -33.46 -15.52
N GLU A 152 0.97 -34.79 -15.47
CA GLU A 152 0.06 -35.51 -14.61
C GLU A 152 0.35 -35.21 -13.14
N GLY A 153 1.63 -35.11 -12.80
CA GLY A 153 2.07 -34.83 -11.46
C GLY A 153 1.85 -33.44 -10.89
N LYS A 154 2.15 -32.36 -11.61
CA LYS A 154 1.99 -31.06 -10.97
C LYS A 154 1.33 -29.98 -11.81
N TYR A 155 1.07 -30.20 -13.08
CA TYR A 155 0.45 -29.19 -13.92
C TYR A 155 -1.06 -29.33 -14.03
N LEU A 156 -1.52 -30.44 -14.60
CA LEU A 156 -2.96 -30.63 -14.79
C LEU A 156 -3.76 -30.34 -13.53
N VAL A 157 -5.00 -29.87 -13.73
CA VAL A 157 -5.93 -29.59 -12.65
C VAL A 157 -6.54 -30.92 -12.17
N GLN A 158 -6.37 -31.21 -10.89
CA GLN A 158 -6.90 -32.47 -10.36
C GLN A 158 -7.37 -32.35 -8.91
N ASN A 159 -7.91 -33.46 -8.42
CA ASN A 159 -8.33 -33.53 -7.01
C ASN A 159 -7.26 -34.40 -6.35
N ARG A 160 -6.40 -33.84 -5.53
CA ARG A 160 -5.26 -34.57 -4.98
C ARG A 160 -5.64 -35.64 -3.95
N VAL A 161 -6.72 -35.39 -3.24
CA VAL A 161 -7.26 -36.34 -2.28
C VAL A 161 -7.78 -37.57 -3.01
N THR A 162 -8.76 -37.38 -3.88
CA THR A 162 -9.40 -38.45 -4.64
C THR A 162 -8.56 -38.98 -5.79
N GLY A 163 -7.69 -38.16 -6.36
CA GLY A 163 -6.86 -38.59 -7.49
C GLY A 163 -7.52 -38.32 -8.84
N GLU A 164 -8.70 -37.72 -8.87
CA GLU A 164 -9.37 -37.44 -10.14
C GLU A 164 -8.62 -36.40 -10.98
N ILE A 165 -8.43 -36.65 -12.27
CA ILE A 165 -7.73 -35.69 -13.14
C ILE A 165 -8.79 -35.07 -14.05
N TYR A 166 -8.89 -33.74 -14.02
CA TYR A 166 -9.97 -33.04 -14.70
C TYR A 166 -9.72 -32.47 -16.08
N GLU A 167 -8.48 -32.30 -16.54
CA GLU A 167 -8.24 -31.70 -17.84
C GLU A 167 -7.12 -32.40 -18.60
N SER A 168 -6.86 -31.91 -19.81
CA SER A 168 -5.75 -32.44 -20.61
C SER A 168 -4.87 -31.30 -21.09
N ALA A 169 -3.61 -31.61 -21.36
CA ALA A 169 -2.62 -30.63 -21.80
C ALA A 169 -3.15 -29.50 -22.66
N GLN A 170 -3.73 -29.75 -23.84
CA GLN A 170 -4.18 -28.67 -24.72
C GLN A 170 -5.13 -27.69 -24.07
N PHE A 171 -6.04 -28.10 -23.20
CA PHE A 171 -6.94 -27.17 -22.52
C PHE A 171 -6.14 -26.25 -21.60
N LEU A 172 -5.15 -26.81 -20.91
CA LEU A 172 -4.26 -26.04 -20.05
C LEU A 172 -3.69 -24.87 -20.83
N TYR A 173 -3.00 -25.20 -21.92
CA TYR A 173 -2.35 -24.21 -22.77
C TYR A 173 -3.28 -23.13 -23.26
N ILE A 174 -4.40 -23.50 -23.89
CA ILE A 174 -5.35 -22.53 -24.41
C ILE A 174 -5.95 -21.62 -23.36
N LEU A 175 -6.23 -22.14 -22.17
CA LEU A 175 -6.80 -21.33 -21.09
C LEU A 175 -5.74 -20.46 -20.43
N VAL A 176 -4.47 -20.89 -20.44
CA VAL A 176 -3.41 -20.05 -19.90
C VAL A 176 -3.35 -18.81 -20.80
N ALA A 177 -3.39 -19.03 -22.10
CA ALA A 177 -3.37 -17.94 -23.07
C ALA A 177 -4.56 -17.02 -22.83
N ALA A 178 -5.76 -17.59 -22.89
CA ALA A 178 -6.98 -16.83 -22.67
C ALA A 178 -6.90 -15.89 -21.47
N CYS A 179 -6.49 -16.39 -20.30
CA CYS A 179 -6.40 -15.55 -19.12
C CYS A 179 -5.39 -14.42 -19.27
N LEU A 180 -4.17 -14.71 -19.69
CA LEU A 180 -3.14 -13.68 -19.82
C LEU A 180 -3.51 -12.58 -20.81
N PHE A 181 -4.19 -12.89 -21.91
CA PHE A 181 -4.58 -11.86 -22.86
C PHE A 181 -6.04 -11.45 -22.77
N SER A 182 -6.74 -11.75 -21.68
CA SER A 182 -8.16 -11.46 -21.55
C SER A 182 -8.51 -9.99 -21.57
N ASN A 183 -7.63 -9.09 -21.18
CA ASN A 183 -7.92 -7.66 -21.18
C ASN A 183 -7.63 -6.98 -22.51
N TYR A 184 -7.04 -7.70 -23.45
CA TYR A 184 -6.75 -7.11 -24.75
C TYR A 184 -8.02 -6.71 -25.46
N PRO A 185 -7.93 -5.67 -26.28
CA PRO A 185 -9.05 -5.17 -27.06
C PRO A 185 -9.57 -6.32 -27.89
N ARG A 186 -10.87 -6.36 -28.16
CA ARG A 186 -11.49 -7.47 -28.88
C ARG A 186 -10.94 -7.60 -30.29
N GLU A 187 -10.43 -6.55 -30.89
CA GLU A 187 -9.87 -6.57 -32.23
C GLU A 187 -8.52 -7.27 -32.32
N THR A 188 -7.88 -7.69 -31.23
CA THR A 188 -6.61 -8.38 -31.30
C THR A 188 -6.55 -9.61 -30.41
N ARG A 189 -7.20 -9.54 -29.26
CA ARG A 189 -7.26 -10.54 -28.21
C ARG A 189 -7.02 -11.98 -28.63
N LEU A 190 -7.93 -12.48 -29.46
CA LEU A 190 -7.93 -13.83 -29.97
C LEU A 190 -6.82 -14.16 -30.96
N GLN A 191 -6.32 -13.15 -31.64
CA GLN A 191 -5.18 -13.34 -32.56
C GLN A 191 -3.95 -13.65 -31.70
N TYR A 192 -3.79 -12.90 -30.61
CA TYR A 192 -2.74 -13.17 -29.64
C TYR A 192 -2.96 -14.54 -29.01
N VAL A 193 -4.15 -14.79 -28.48
CA VAL A 193 -4.48 -16.08 -27.87
C VAL A 193 -3.96 -17.22 -28.73
N LYS A 194 -4.38 -17.30 -29.99
CA LYS A 194 -3.91 -18.33 -30.91
C LYS A 194 -2.40 -18.36 -31.02
N ARG A 195 -1.78 -17.22 -31.31
CA ARG A 195 -0.33 -17.15 -31.45
C ARG A 195 0.43 -17.65 -30.23
N PHE A 196 0.06 -17.19 -29.04
CA PHE A 196 0.66 -17.68 -27.81
C PHE A 196 0.49 -19.19 -27.70
N TYR A 197 -0.77 -19.64 -27.74
CA TYR A 197 -1.08 -21.07 -27.71
C TYR A 197 -0.11 -21.86 -28.59
N ASP A 198 -0.04 -21.56 -29.89
CA ASP A 198 0.89 -22.24 -30.78
C ASP A 198 2.32 -22.25 -30.26
N ALA A 199 2.82 -21.10 -29.80
CA ALA A 199 4.16 -21.01 -29.25
C ALA A 199 4.37 -21.98 -28.10
N VAL A 200 3.55 -21.94 -27.07
CA VAL A 200 3.71 -22.82 -25.93
C VAL A 200 3.40 -24.28 -26.19
N SER A 201 2.44 -24.64 -27.03
CA SER A 201 2.09 -26.04 -27.23
C SER A 201 3.05 -26.77 -28.17
N THR A 202 3.87 -26.00 -28.88
CA THR A 202 4.87 -26.59 -29.76
C THR A 202 6.25 -26.35 -29.16
N PHE A 203 6.27 -26.16 -27.84
CA PHE A 203 7.40 -26.00 -26.97
C PHE A 203 8.43 -24.91 -27.29
N LYS A 204 8.03 -23.83 -27.95
CA LYS A 204 8.92 -22.74 -28.31
C LYS A 204 9.20 -21.90 -27.06
N ILE A 205 8.13 -21.56 -26.36
CA ILE A 205 8.26 -20.80 -25.12
C ILE A 205 7.96 -21.73 -23.93
N SER A 206 8.72 -21.60 -22.86
CA SER A 206 8.51 -22.46 -21.69
C SER A 206 8.03 -21.60 -20.53
N LEU A 207 7.13 -22.12 -19.71
CA LEU A 207 6.63 -21.34 -18.59
C LEU A 207 6.85 -22.06 -17.26
N PRO A 208 7.10 -21.30 -16.22
CA PRO A 208 7.33 -21.77 -14.87
C PRO A 208 6.15 -22.53 -14.28
N THR A 209 6.41 -23.34 -13.26
CA THR A 209 5.38 -24.18 -12.66
C THR A 209 4.16 -23.50 -12.09
N PRO A 210 4.33 -22.48 -11.28
CA PRO A 210 3.26 -21.71 -10.68
C PRO A 210 2.21 -21.25 -11.68
N ILE A 211 2.68 -20.66 -12.77
CA ILE A 211 1.83 -20.22 -13.87
C ILE A 211 1.09 -21.40 -14.48
N MET A 212 1.82 -22.39 -14.99
CA MET A 212 1.24 -23.56 -15.62
C MET A 212 0.22 -24.28 -14.75
N SER A 213 0.48 -24.44 -13.46
CA SER A 213 -0.44 -25.12 -12.58
C SER A 213 -1.55 -24.23 -12.06
N GLY A 214 -1.41 -22.91 -12.05
CA GLY A 214 -2.41 -22.01 -11.50
C GLY A 214 -3.26 -21.17 -12.42
N VAL A 215 -2.66 -20.47 -13.38
CA VAL A 215 -3.36 -19.59 -14.30
C VAL A 215 -4.50 -20.31 -15.02
N ARG A 216 -5.73 -19.95 -14.66
CA ARG A 216 -6.96 -20.52 -15.18
C ARG A 216 -7.83 -20.97 -14.00
N THR A 217 -7.22 -21.06 -12.82
CA THR A 217 -7.93 -21.46 -11.63
C THR A 217 -8.14 -20.24 -10.74
N PRO A 218 -9.02 -20.36 -9.76
CA PRO A 218 -9.35 -19.34 -8.80
C PRO A 218 -8.20 -18.62 -8.09
N THR A 219 -7.05 -19.23 -7.84
CA THR A 219 -5.93 -18.59 -7.18
C THR A 219 -5.34 -17.42 -7.96
N ARG A 220 -4.59 -16.58 -7.25
CA ARG A 220 -3.93 -15.41 -7.83
C ARG A 220 -2.46 -15.33 -7.45
N GLN A 221 -1.98 -16.28 -6.66
CA GLN A 221 -0.58 -16.32 -6.23
C GLN A 221 0.30 -17.00 -7.28
N PHE A 222 1.21 -16.26 -7.93
CA PHE A 222 2.03 -16.84 -8.98
C PHE A 222 3.53 -16.56 -8.89
N SER A 223 3.99 -15.83 -7.88
CA SER A 223 5.44 -15.54 -7.82
C SER A 223 6.18 -16.67 -7.12
N SER A 224 7.32 -17.07 -7.70
CA SER A 224 8.11 -18.15 -7.14
C SER A 224 9.25 -17.68 -6.25
N CYS A 225 9.87 -16.53 -6.53
CA CYS A 225 10.93 -16.11 -5.62
C CYS A 225 10.80 -14.63 -5.31
N VAL A 226 11.24 -14.27 -4.11
CA VAL A 226 11.14 -12.93 -3.57
C VAL A 226 12.50 -12.49 -3.06
N LEU A 227 12.75 -11.18 -3.03
CA LEU A 227 13.99 -10.61 -2.52
C LEU A 227 13.70 -9.57 -1.43
N ILE A 228 14.11 -9.84 -0.19
CA ILE A 228 13.88 -8.90 0.89
C ILE A 228 15.20 -8.38 1.46
N GLU A 229 15.30 -7.05 1.58
CA GLU A 229 16.50 -6.45 2.16
C GLU A 229 16.17 -6.03 3.59
N CYS A 230 16.98 -6.44 4.53
CA CYS A 230 16.70 -6.20 5.95
C CYS A 230 17.54 -5.04 6.47
N GLY A 231 16.90 -4.19 7.28
CA GLY A 231 17.57 -3.04 7.88
C GLY A 231 18.22 -3.42 9.21
N ASP A 232 19.08 -2.55 9.74
CA ASP A 232 19.77 -2.81 11.00
C ASP A 232 18.95 -2.31 12.18
N SER A 233 17.73 -2.81 12.34
CA SER A 233 16.85 -2.37 13.42
C SER A 233 15.85 -3.45 13.79
N LEU A 234 15.50 -3.56 15.07
CA LEU A 234 14.52 -4.56 15.50
C LEU A 234 13.23 -4.42 14.70
N ASP A 235 12.75 -3.20 14.50
CA ASP A 235 11.58 -2.96 13.66
C ASP A 235 11.69 -3.59 12.28
N SER A 236 12.81 -3.40 11.58
CA SER A 236 13.01 -3.97 10.24
C SER A 236 13.25 -5.47 10.28
N ILE A 237 13.95 -6.00 11.28
CA ILE A 237 14.13 -7.45 11.38
C ILE A 237 12.76 -8.10 11.42
N ASN A 238 11.94 -7.63 12.36
CA ASN A 238 10.59 -8.13 12.54
C ASN A 238 9.80 -8.10 11.25
N ALA A 239 9.80 -6.96 10.57
CA ALA A 239 9.08 -6.83 9.30
C ALA A 239 9.55 -7.88 8.31
N THR A 240 10.86 -7.92 8.10
CA THR A 240 11.48 -8.91 7.20
C THR A 240 10.93 -10.29 7.52
N SER A 241 11.20 -10.76 8.72
CA SER A 241 10.72 -12.05 9.18
C SER A 241 9.24 -12.22 8.88
N SER A 242 8.38 -11.25 9.19
CA SER A 242 6.96 -11.38 8.87
C SER A 242 6.78 -11.64 7.38
N ALA A 243 7.37 -10.81 6.52
CA ALA A 243 7.25 -11.00 5.08
C ALA A 243 7.60 -12.44 4.68
N ILE A 244 8.76 -12.93 5.08
CA ILE A 244 9.19 -14.28 4.77
C ILE A 244 8.09 -15.30 5.07
N VAL A 245 7.55 -15.27 6.28
CA VAL A 245 6.48 -16.21 6.66
C VAL A 245 5.32 -16.10 5.67
N LYS A 246 4.87 -14.90 5.33
CA LYS A 246 3.81 -14.75 4.34
C LYS A 246 4.19 -15.45 3.04
N TYR A 247 5.31 -15.08 2.45
CA TYR A 247 5.75 -15.62 1.18
C TYR A 247 6.10 -17.09 1.15
N VAL A 248 6.71 -17.69 2.18
CA VAL A 248 7.03 -19.12 2.16
C VAL A 248 5.78 -19.98 2.19
N SER A 249 4.70 -19.42 2.72
CA SER A 249 3.40 -20.09 2.80
C SER A 249 2.77 -20.27 1.44
N GLN A 250 3.23 -19.49 0.46
CA GLN A 250 2.79 -19.55 -0.92
C GLN A 250 3.89 -20.23 -1.75
N ARG A 251 4.69 -21.07 -1.10
CA ARG A 251 5.72 -21.87 -1.73
C ARG A 251 6.74 -21.04 -2.51
N ALA A 252 7.15 -19.91 -1.95
CA ALA A 252 8.11 -19.06 -2.66
C ALA A 252 9.52 -19.20 -2.09
N GLY A 253 10.48 -19.16 -3.01
CA GLY A 253 11.90 -19.22 -2.63
C GLY A 253 12.30 -17.82 -2.18
N ILE A 254 13.10 -17.70 -1.13
CA ILE A 254 13.43 -16.40 -0.58
C ILE A 254 14.89 -16.03 -0.79
N GLY A 255 15.19 -14.76 -0.94
CA GLY A 255 16.57 -14.29 -1.06
C GLY A 255 16.71 -13.12 -0.06
N ILE A 256 17.48 -13.29 1.00
CA ILE A 256 17.57 -12.30 2.07
C ILE A 256 18.89 -11.55 2.11
N ASN A 257 18.86 -10.23 2.27
CA ASN A 257 20.08 -9.45 2.41
C ASN A 257 20.15 -8.96 3.86
N ALA A 258 21.03 -9.58 4.65
CA ALA A 258 21.14 -9.23 6.06
C ALA A 258 22.53 -8.70 6.38
N GLY A 259 23.15 -8.05 5.40
CA GLY A 259 24.49 -7.50 5.52
C GLY A 259 24.56 -6.30 6.44
N ARG A 260 23.48 -5.53 6.61
CA ARG A 260 23.54 -4.33 7.42
C ARG A 260 23.50 -4.64 8.91
N ILE A 261 22.95 -5.77 9.34
CA ILE A 261 22.90 -6.09 10.77
C ILE A 261 24.29 -6.01 11.39
N ARG A 262 24.43 -5.16 12.42
CA ARG A 262 25.72 -4.95 13.06
C ARG A 262 26.37 -6.20 13.67
N ALA A 263 27.63 -6.05 14.04
CA ALA A 263 28.43 -7.16 14.55
C ALA A 263 28.33 -7.37 16.05
N LEU A 264 28.59 -8.62 16.46
CA LEU A 264 28.55 -8.94 17.89
C LEU A 264 29.59 -8.08 18.62
N GLY A 265 29.16 -7.55 19.76
CA GLY A 265 30.05 -6.70 20.56
C GLY A 265 29.69 -5.23 20.35
N SER A 266 29.10 -4.92 19.20
CA SER A 266 28.72 -3.57 18.86
C SER A 266 27.78 -2.95 19.89
N PRO A 267 28.00 -1.69 20.21
CA PRO A 267 27.24 -0.92 21.18
C PRO A 267 25.80 -0.63 20.78
N ILE A 268 24.85 -0.82 21.70
CA ILE A 268 23.45 -0.53 21.46
C ILE A 268 22.91 0.55 22.41
N ARG A 269 22.30 1.57 21.81
CA ARG A 269 21.69 2.69 22.52
C ARG A 269 22.67 3.69 23.12
N GLY A 270 23.96 3.40 23.17
CA GLY A 270 24.98 4.26 23.76
C GLY A 270 26.05 3.33 24.34
N GLY A 271 25.94 3.05 25.63
CA GLY A 271 26.86 2.08 26.24
C GLY A 271 26.00 1.25 27.21
N GLU A 272 24.69 1.49 27.04
CA GLU A 272 23.69 0.84 27.87
C GLU A 272 23.44 -0.61 27.51
N ALA A 273 23.97 -1.12 26.42
CA ALA A 273 23.74 -2.52 26.04
C ALA A 273 24.64 -2.85 24.86
N PHE A 274 25.17 -4.08 24.84
CA PHE A 274 26.07 -4.44 23.74
C PHE A 274 25.41 -5.52 22.89
N HIS A 275 25.42 -5.33 21.58
CA HIS A 275 24.87 -6.24 20.60
C HIS A 275 25.24 -7.69 20.88
N THR A 276 24.32 -8.56 20.47
CA THR A 276 24.38 -9.99 20.69
C THR A 276 24.99 -10.82 19.58
N GLY A 277 24.94 -10.35 18.35
CA GLY A 277 25.46 -11.07 17.19
C GLY A 277 24.42 -11.10 16.08
N CYS A 278 24.82 -11.56 14.91
CA CYS A 278 23.91 -11.69 13.79
C CYS A 278 23.29 -13.08 13.86
N ILE A 279 24.13 -14.03 14.27
CA ILE A 279 23.71 -15.43 14.37
C ILE A 279 22.31 -15.61 14.91
N PRO A 280 22.03 -15.16 16.11
CA PRO A 280 20.71 -15.21 16.74
C PRO A 280 19.61 -14.78 15.80
N PHE A 281 19.79 -13.73 15.01
CA PHE A 281 18.80 -13.31 14.03
C PHE A 281 18.76 -14.23 12.83
N TYR A 282 19.90 -14.71 12.33
CA TYR A 282 19.91 -15.62 11.18
C TYR A 282 19.08 -16.84 11.53
N LYS A 283 19.27 -17.38 12.74
CA LYS A 283 18.49 -18.51 13.20
C LYS A 283 17.01 -18.18 13.17
N HIS A 284 16.64 -16.95 13.53
CA HIS A 284 15.27 -16.49 13.51
C HIS A 284 14.73 -16.36 12.09
N PHE A 285 15.59 -16.03 11.14
CA PHE A 285 15.17 -15.97 9.74
C PHE A 285 15.01 -17.39 9.21
N GLN A 286 15.77 -18.33 9.76
CA GLN A 286 15.66 -19.73 9.34
C GLN A 286 14.29 -20.28 9.72
N THR A 287 13.95 -20.13 10.99
CA THR A 287 12.66 -20.57 11.52
C THR A 287 11.53 -19.89 10.76
N ALA A 288 11.69 -18.63 10.37
CA ALA A 288 10.69 -17.95 9.55
C ALA A 288 10.50 -18.73 8.24
N VAL A 289 11.60 -18.97 7.56
CA VAL A 289 11.62 -19.69 6.29
C VAL A 289 11.03 -21.08 6.36
N LYS A 290 11.34 -21.84 7.39
CA LYS A 290 10.85 -23.21 7.56
C LYS A 290 9.53 -23.28 8.28
N SER A 291 8.89 -22.16 8.61
CA SER A 291 7.64 -22.09 9.32
C SER A 291 6.52 -22.96 8.75
N CYS A 292 6.46 -23.15 7.43
CA CYS A 292 5.41 -23.95 6.82
C CYS A 292 5.90 -25.22 6.15
N SER A 293 6.82 -25.95 6.77
CA SER A 293 7.36 -27.17 6.20
C SER A 293 7.01 -28.38 7.05
N GLN A 294 7.25 -29.62 6.62
CA GLN A 294 6.86 -30.74 7.50
C GLN A 294 7.91 -30.97 8.59
N GLY A 295 7.56 -30.54 9.79
CA GLY A 295 8.44 -30.63 10.96
C GLY A 295 9.30 -29.36 11.09
N GLY A 296 10.23 -29.25 10.15
CA GLY A 296 11.16 -28.13 10.06
C GLY A 296 12.18 -28.56 9.00
N VAL A 297 11.66 -29.35 8.02
CA VAL A 297 12.51 -29.89 6.98
C VAL A 297 12.11 -29.53 5.54
N ARG A 298 10.99 -30.11 5.12
CA ARG A 298 10.48 -30.07 3.77
C ARG A 298 10.06 -28.76 3.16
N GLY A 299 10.95 -28.24 2.30
CA GLY A 299 10.60 -27.03 1.55
C GLY A 299 11.05 -25.74 2.23
N GLY A 300 10.77 -24.65 1.49
CA GLY A 300 11.15 -23.32 1.95
C GLY A 300 12.67 -23.19 1.86
N ALA A 301 13.13 -22.62 0.76
CA ALA A 301 14.57 -22.43 0.61
C ALA A 301 14.86 -20.94 0.65
N ALA A 302 16.04 -20.58 1.14
CA ALA A 302 16.42 -19.19 1.21
C ALA A 302 17.95 -19.10 1.07
N THR A 303 18.42 -17.97 0.58
CA THR A 303 19.84 -17.71 0.40
C THR A 303 20.14 -16.35 1.02
N LEU A 304 21.02 -16.31 2.00
CA LEU A 304 21.31 -15.07 2.71
C LEU A 304 22.63 -14.45 2.25
N PHE A 305 22.65 -13.13 2.10
CA PHE A 305 23.81 -12.41 1.63
C PHE A 305 24.43 -11.50 2.68
N TYR A 306 25.76 -11.37 2.63
CA TYR A 306 26.50 -10.49 3.51
C TYR A 306 27.83 -10.14 2.85
N PRO A 307 28.38 -8.98 3.12
CA PRO A 307 29.64 -8.51 2.58
C PRO A 307 30.78 -9.35 3.11
N MET A 308 31.90 -9.45 2.40
CA MET A 308 33.02 -10.26 2.87
C MET A 308 33.84 -9.55 3.93
N TRP A 309 33.70 -8.22 4.03
CA TRP A 309 34.41 -7.45 5.04
C TRP A 309 33.61 -7.30 6.33
N HIS A 310 32.44 -7.92 6.44
CA HIS A 310 31.69 -7.82 7.68
C HIS A 310 32.60 -8.30 8.81
N LEU A 311 32.43 -7.75 10.01
CA LEU A 311 33.29 -8.14 11.13
C LEU A 311 33.10 -9.57 11.61
N GLU A 312 31.93 -10.16 11.39
CA GLU A 312 31.64 -11.51 11.83
C GLU A 312 31.86 -12.54 10.73
N VAL A 313 32.36 -12.11 9.59
CA VAL A 313 32.55 -12.95 8.41
C VAL A 313 33.13 -14.33 8.64
N GLU A 314 34.17 -14.44 9.46
CA GLU A 314 34.74 -15.75 9.76
C GLU A 314 33.74 -16.66 10.48
N SER A 315 32.83 -16.13 11.27
CA SER A 315 31.82 -16.94 11.94
C SER A 315 30.66 -17.25 11.00
N LEU A 316 30.42 -16.39 10.01
CA LEU A 316 29.31 -16.58 9.07
C LEU A 316 29.65 -17.64 8.07
N LEU A 317 30.86 -17.60 7.52
CA LEU A 317 31.36 -18.57 6.54
C LEU A 317 31.19 -20.02 6.93
N VAL A 318 31.35 -20.39 8.20
CA VAL A 318 31.23 -21.77 8.63
C VAL A 318 29.88 -22.09 9.28
N LEU A 319 28.83 -21.42 8.85
CA LEU A 319 27.50 -21.64 9.40
C LEU A 319 26.92 -22.97 8.94
N LYS A 320 27.42 -23.53 7.83
CA LYS A 320 26.92 -24.82 7.38
C LYS A 320 27.86 -25.93 7.84
N ASN A 321 29.13 -25.65 8.08
CA ASN A 321 30.05 -26.71 8.51
C ASN A 321 29.34 -27.56 9.57
N ASN A 322 29.07 -28.82 9.28
CA ASN A 322 28.35 -29.68 10.21
C ASN A 322 29.08 -29.86 11.55
N ARG A 323 30.39 -30.00 11.50
CA ARG A 323 31.17 -30.25 12.71
C ARG A 323 31.34 -29.01 13.60
N GLY A 324 30.37 -28.77 14.48
CA GLY A 324 30.49 -27.61 15.36
C GLY A 324 29.33 -27.47 16.34
N VAL A 325 29.52 -26.58 17.32
CA VAL A 325 28.47 -26.33 18.32
C VAL A 325 27.19 -25.81 17.66
N GLU A 326 26.07 -26.42 18.05
CA GLU A 326 24.76 -26.03 17.53
C GLU A 326 24.50 -24.52 17.66
N GLY A 327 24.86 -23.95 18.80
CA GLY A 327 24.80 -22.53 19.05
C GLY A 327 25.35 -21.61 17.96
N ASN A 328 26.45 -21.99 17.29
CA ASN A 328 26.97 -21.17 16.21
C ASN A 328 26.78 -21.83 14.85
N ARG A 329 25.58 -22.35 14.59
CA ARG A 329 25.29 -22.99 13.32
C ARG A 329 23.88 -22.75 12.79
N VAL A 330 23.78 -22.26 11.56
CA VAL A 330 22.47 -22.09 10.90
C VAL A 330 22.58 -22.96 9.65
N ARG A 331 22.38 -24.27 9.83
CA ARG A 331 22.62 -25.23 8.75
C ARG A 331 21.69 -25.26 7.57
N HIS A 332 20.42 -24.90 7.68
CA HIS A 332 19.48 -25.09 6.58
C HIS A 332 19.26 -23.88 5.69
N MET A 333 20.27 -23.08 5.40
CA MET A 333 20.12 -21.92 4.52
C MET A 333 21.38 -21.77 3.68
N ASP A 334 21.27 -21.34 2.43
CA ASP A 334 22.49 -21.15 1.63
C ASP A 334 22.98 -19.73 1.82
N TYR A 335 24.26 -19.44 1.64
CA TYR A 335 24.79 -18.11 1.86
C TYR A 335 25.50 -17.55 0.63
N GLY A 336 25.47 -16.23 0.48
CA GLY A 336 26.14 -15.59 -0.66
C GLY A 336 27.11 -14.52 -0.16
N VAL A 337 28.40 -14.72 -0.41
CA VAL A 337 29.41 -13.75 0.02
C VAL A 337 29.60 -12.72 -1.07
N GLN A 338 29.49 -11.44 -0.71
CA GLN A 338 29.62 -10.33 -1.65
C GLN A 338 31.05 -9.81 -1.76
N ILE A 339 31.63 -9.83 -2.94
CA ILE A 339 33.02 -9.45 -3.13
C ILE A 339 33.12 -8.34 -4.18
N ASN A 340 34.17 -7.53 -4.08
CA ASN A 340 34.39 -6.48 -5.07
C ASN A 340 35.88 -6.48 -5.46
N LYS A 341 36.19 -5.63 -6.44
CA LYS A 341 37.54 -5.54 -6.97
C LYS A 341 38.61 -5.40 -5.90
N LEU A 342 38.45 -4.47 -4.96
CA LEU A 342 39.43 -4.28 -3.90
C LEU A 342 39.78 -5.55 -3.16
N MET A 343 38.78 -6.31 -2.72
CA MET A 343 39.00 -7.59 -2.04
C MET A 343 39.90 -8.52 -2.84
N TYR A 344 39.64 -8.72 -4.12
CA TYR A 344 40.48 -9.59 -4.93
C TYR A 344 41.91 -9.05 -5.01
N THR A 345 42.04 -7.73 -5.14
CA THR A 345 43.35 -7.10 -5.24
C THR A 345 44.22 -7.37 -4.02
N ARG A 346 43.66 -7.21 -2.83
CA ARG A 346 44.34 -7.60 -1.60
C ARG A 346 44.85 -9.02 -1.68
N LEU A 347 44.09 -9.96 -2.22
CA LEU A 347 44.50 -11.34 -2.36
C LEU A 347 45.72 -11.51 -3.26
N LEU A 348 45.74 -10.80 -4.38
CA LEU A 348 46.81 -10.94 -5.36
C LEU A 348 48.13 -10.38 -4.85
N LYS A 349 48.06 -9.23 -4.19
CA LYS A 349 49.23 -8.59 -3.58
C LYS A 349 49.64 -9.28 -2.27
N GLY A 350 48.88 -10.25 -1.78
CA GLY A 350 49.17 -10.98 -0.56
C GLY A 350 49.02 -10.13 0.70
N GLU A 351 48.24 -9.07 0.65
CA GLU A 351 48.07 -8.19 1.80
C GLU A 351 46.99 -8.72 2.74
N ASP A 352 46.54 -7.83 3.61
CA ASP A 352 45.51 -8.12 4.59
C ASP A 352 44.18 -7.49 4.23
N ILE A 353 43.12 -8.02 4.83
CA ILE A 353 41.77 -7.49 4.65
C ILE A 353 41.30 -6.96 5.99
N THR A 354 40.71 -5.77 6.00
CA THR A 354 40.21 -5.23 7.27
C THR A 354 38.72 -5.47 7.42
N LEU A 355 38.29 -6.06 8.53
CA LEU A 355 36.88 -6.34 8.74
C LEU A 355 36.23 -5.27 9.60
N PHE A 356 35.06 -4.77 9.22
CA PHE A 356 34.36 -3.76 9.98
C PHE A 356 32.90 -4.10 10.26
N SER A 357 32.34 -3.42 11.27
CA SER A 357 30.92 -3.53 11.54
C SER A 357 30.31 -2.40 10.72
N PRO A 358 29.31 -2.71 9.92
CA PRO A 358 28.61 -1.76 9.06
C PRO A 358 28.26 -0.49 9.82
N SER A 359 27.71 -0.64 11.03
CA SER A 359 27.36 0.46 11.90
C SER A 359 28.45 1.48 12.18
N ASP A 360 29.70 1.05 12.37
CA ASP A 360 30.78 1.96 12.69
C ASP A 360 31.47 2.63 11.50
N VAL A 361 31.15 2.38 10.24
CA VAL A 361 31.85 3.04 9.13
C VAL A 361 30.88 3.69 8.16
N PRO A 362 30.49 4.91 8.47
CA PRO A 362 29.48 5.66 7.75
C PRO A 362 29.76 5.76 6.26
N GLY A 363 28.77 5.44 5.44
CA GLY A 363 28.89 5.49 3.99
C GLY A 363 29.65 4.37 3.31
N LEU A 364 30.20 3.42 4.05
CA LEU A 364 30.97 2.34 3.45
C LEU A 364 30.07 1.33 2.74
N TYR A 365 29.03 0.87 3.43
CA TYR A 365 28.11 -0.11 2.86
C TYR A 365 27.55 0.37 1.53
N ASP A 366 27.02 1.59 1.51
CA ASP A 366 26.44 2.15 0.30
C ASP A 366 27.44 2.25 -0.84
N ALA A 367 28.66 2.69 -0.55
CA ALA A 367 29.69 2.85 -1.57
C ALA A 367 30.05 1.52 -2.19
N PHE A 368 30.15 0.49 -1.36
CA PHE A 368 30.46 -0.87 -1.75
C PHE A 368 29.75 -1.31 -3.02
N PHE A 369 28.44 -1.03 -3.10
CA PHE A 369 27.66 -1.34 -4.29
C PHE A 369 27.68 -0.23 -5.33
N ALA A 370 27.43 1.01 -4.94
CA ALA A 370 27.27 2.12 -5.86
C ALA A 370 28.51 2.77 -6.44
N ASP A 371 29.58 2.97 -5.69
CA ASP A 371 30.76 3.66 -6.24
C ASP A 371 32.07 3.08 -5.77
N GLN A 372 32.79 2.37 -6.64
CA GLN A 372 34.03 1.72 -6.23
C GLN A 372 35.12 2.70 -5.83
N GLU A 373 35.21 3.84 -6.53
CA GLU A 373 36.18 4.87 -6.19
C GLU A 373 36.03 5.29 -4.72
N GLU A 374 34.81 5.71 -4.39
CA GLU A 374 34.46 6.18 -3.06
C GLU A 374 34.64 5.08 -2.02
N PHE A 375 34.22 3.86 -2.37
CA PHE A 375 34.38 2.73 -1.45
C PHE A 375 35.84 2.65 -1.02
N GLU A 376 36.71 2.52 -2.02
CA GLU A 376 38.14 2.53 -1.81
C GLU A 376 38.61 3.69 -0.93
N ARG A 377 38.23 4.91 -1.29
CA ARG A 377 38.57 6.10 -0.52
C ARG A 377 38.24 5.96 0.96
N LEU A 378 36.97 5.68 1.27
CA LEU A 378 36.54 5.49 2.66
C LEU A 378 37.19 4.26 3.30
N TYR A 379 37.28 3.16 2.59
CA TYR A 379 37.88 1.94 3.13
C TYR A 379 39.30 2.17 3.62
N THR A 380 40.12 2.85 2.83
CA THR A 380 41.48 3.18 3.23
C THR A 380 41.45 4.09 4.45
N LYS A 381 40.74 5.21 4.36
CA LYS A 381 40.61 6.14 5.48
C LYS A 381 40.25 5.43 6.78
N TYR A 382 39.17 4.65 6.81
CA TYR A 382 38.76 3.92 7.99
C TYR A 382 39.81 2.91 8.45
N GLU A 383 40.56 2.30 7.55
CA GLU A 383 41.62 1.38 7.96
C GLU A 383 42.59 2.03 8.95
N LYS A 384 43.01 3.26 8.64
CA LYS A 384 43.91 4.00 9.51
C LYS A 384 43.20 4.53 10.77
N ASP A 385 42.03 5.13 10.62
CA ASP A 385 41.28 5.67 11.76
C ASP A 385 41.31 4.71 12.95
N ASP A 386 42.00 5.09 14.02
CA ASP A 386 42.11 4.21 15.18
C ASP A 386 40.87 4.08 16.05
N SER A 387 40.02 5.11 16.04
CA SER A 387 38.77 5.07 16.80
C SER A 387 37.88 3.93 16.35
N ILE A 388 37.85 3.64 15.05
CA ILE A 388 37.04 2.56 14.51
C ILE A 388 37.51 1.17 15.00
N ARG A 389 36.56 0.41 15.52
CA ARG A 389 36.84 -0.98 15.90
C ARG A 389 37.06 -1.77 14.61
N LYS A 390 38.06 -2.63 14.56
CA LYS A 390 38.34 -3.36 13.33
C LYS A 390 39.18 -4.60 13.63
N GLN A 391 39.39 -5.45 12.65
CA GLN A 391 40.22 -6.64 12.82
C GLN A 391 40.82 -7.04 11.49
N ARG A 392 42.12 -7.38 11.47
CA ARG A 392 42.80 -7.70 10.23
C ARG A 392 42.93 -9.20 9.99
N VAL A 393 42.76 -9.63 8.75
CA VAL A 393 42.99 -11.03 8.42
C VAL A 393 43.79 -11.08 7.13
N LYS A 394 44.57 -12.16 7.00
CA LYS A 394 45.31 -12.32 5.75
C LYS A 394 44.30 -12.60 4.63
N ALA A 395 44.41 -11.87 3.53
CA ALA A 395 43.51 -12.07 2.39
C ALA A 395 43.40 -13.55 2.02
N VAL A 396 44.56 -14.18 1.90
CA VAL A 396 44.70 -15.59 1.59
C VAL A 396 43.95 -16.52 2.55
N GLU A 397 43.98 -16.25 3.84
CA GLU A 397 43.27 -17.13 4.77
C GLU A 397 41.76 -17.01 4.57
N LEU A 398 41.29 -15.75 4.56
CA LEU A 398 39.87 -15.49 4.36
C LEU A 398 39.40 -16.19 3.09
N PHE A 399 39.97 -15.86 1.94
CA PHE A 399 39.56 -16.53 0.70
C PHE A 399 39.59 -18.04 0.83
N SER A 400 40.70 -18.60 1.31
CA SER A 400 40.83 -20.04 1.49
C SER A 400 39.68 -20.64 2.27
N LEU A 401 39.35 -20.05 3.41
CA LEU A 401 38.24 -20.48 4.25
C LEU A 401 36.90 -20.50 3.51
N MET A 402 36.64 -19.46 2.72
CA MET A 402 35.42 -19.37 1.93
C MET A 402 35.37 -20.47 0.88
N MET A 403 36.43 -20.61 0.09
CA MET A 403 36.49 -21.63 -0.94
C MET A 403 36.35 -23.03 -0.34
N GLN A 404 37.03 -23.26 0.76
CA GLN A 404 36.97 -24.52 1.50
C GLN A 404 35.52 -24.89 1.80
N GLU A 405 34.84 -24.01 2.54
CA GLU A 405 33.42 -24.19 2.85
C GLU A 405 32.60 -24.29 1.57
N ARG A 406 32.93 -23.52 0.53
CA ARG A 406 32.19 -23.63 -0.72
C ARG A 406 32.33 -25.05 -1.25
N ALA A 407 33.57 -25.53 -1.31
CA ALA A 407 33.86 -26.88 -1.81
C ALA A 407 33.19 -27.96 -0.98
N SER A 408 33.35 -27.92 0.34
CA SER A 408 32.77 -28.91 1.23
C SER A 408 31.26 -29.05 1.08
N THR A 409 30.54 -27.93 1.12
CA THR A 409 29.08 -27.95 1.03
C THR A 409 28.54 -27.76 -0.38
N GLY A 410 29.23 -26.93 -1.17
CA GLY A 410 28.79 -26.65 -2.54
C GLY A 410 27.73 -25.57 -2.58
N ARG A 411 27.40 -25.00 -1.43
CA ARG A 411 26.34 -24.04 -1.26
C ARG A 411 26.84 -22.72 -0.67
N ILE A 412 28.10 -22.38 -0.92
CA ILE A 412 28.59 -21.07 -0.47
C ILE A 412 28.81 -20.26 -1.75
N TYR A 413 27.89 -19.33 -2.02
CA TYR A 413 27.82 -18.65 -3.30
C TYR A 413 28.55 -17.31 -3.33
N ILE A 414 28.95 -16.88 -4.52
CA ILE A 414 29.67 -15.62 -4.70
C ILE A 414 28.90 -14.63 -5.55
N GLN A 415 28.97 -13.36 -5.12
CA GLN A 415 28.33 -12.29 -5.87
C GLN A 415 29.25 -11.09 -6.03
N ASN A 416 29.68 -10.79 -7.24
CA ASN A 416 30.57 -9.66 -7.50
C ASN A 416 29.72 -8.41 -7.66
N VAL A 417 29.53 -7.72 -6.55
CA VAL A 417 28.71 -6.52 -6.45
C VAL A 417 29.10 -5.45 -7.45
N ASP A 418 30.39 -5.15 -7.58
CA ASP A 418 30.83 -4.11 -8.51
C ASP A 418 30.31 -4.41 -9.90
N HIS A 419 30.64 -5.57 -10.45
CA HIS A 419 30.10 -5.98 -11.74
C HIS A 419 28.59 -5.80 -11.77
N CYS A 420 27.86 -6.28 -10.78
CA CYS A 420 26.42 -6.12 -10.71
C CYS A 420 25.92 -4.69 -10.87
N ASN A 421 26.66 -3.67 -10.48
CA ASN A 421 26.20 -2.30 -10.62
C ASN A 421 26.88 -1.48 -11.71
N THR A 422 28.03 -1.87 -12.22
CA THR A 422 28.68 -1.14 -13.30
C THR A 422 28.12 -1.55 -14.66
N HIS A 423 27.69 -2.79 -14.77
CA HIS A 423 27.10 -3.33 -15.99
C HIS A 423 25.69 -3.81 -15.70
N SER A 424 24.80 -2.84 -15.46
CA SER A 424 23.40 -3.17 -15.18
C SER A 424 22.49 -2.19 -15.89
N PRO A 425 21.20 -2.46 -15.83
CA PRO A 425 20.15 -1.63 -16.38
C PRO A 425 19.81 -0.46 -15.47
N PHE A 426 20.19 -0.49 -14.21
CA PHE A 426 19.85 0.56 -13.27
C PHE A 426 21.01 1.50 -12.93
N ASP A 427 20.66 2.71 -12.52
CA ASP A 427 21.62 3.71 -12.06
C ASP A 427 21.87 3.47 -10.57
N PRO A 428 23.11 3.12 -10.23
CA PRO A 428 23.53 2.75 -8.90
C PRO A 428 23.28 3.83 -7.86
N ALA A 429 23.40 5.09 -8.27
CA ALA A 429 23.11 6.19 -7.36
C ALA A 429 21.64 6.24 -6.96
N ILE A 430 20.73 5.91 -7.87
CA ILE A 430 19.31 5.94 -7.56
C ILE A 430 18.78 4.59 -7.11
N ALA A 431 19.11 3.50 -7.80
CA ALA A 431 18.61 2.19 -7.40
C ALA A 431 19.63 1.09 -7.70
N PRO A 432 20.47 0.84 -6.72
CA PRO A 432 21.55 -0.13 -6.78
C PRO A 432 21.07 -1.55 -6.54
N VAL A 433 21.75 -2.52 -7.13
CA VAL A 433 21.41 -3.93 -6.89
C VAL A 433 22.31 -4.39 -5.75
N ARG A 434 21.75 -4.86 -4.63
CA ARG A 434 22.56 -5.24 -3.49
C ARG A 434 22.29 -6.62 -2.92
N GLN A 435 21.94 -7.60 -3.74
CA GLN A 435 21.64 -8.95 -3.26
C GLN A 435 21.14 -9.73 -4.47
N SER A 436 20.96 -11.03 -4.38
CA SER A 436 20.43 -11.77 -5.53
C SER A 436 19.32 -12.69 -5.06
N ASN A 437 18.86 -13.69 -5.81
CA ASN A 437 17.77 -14.52 -5.27
C ASN A 437 18.31 -15.86 -4.81
N LEU A 438 17.41 -16.80 -4.62
CA LEU A 438 17.78 -18.14 -4.20
C LEU A 438 18.79 -18.80 -5.13
N CYS A 439 18.49 -18.84 -6.43
CA CYS A 439 19.35 -19.50 -7.39
C CYS A 439 20.35 -18.59 -8.09
N LEU A 440 20.67 -17.44 -7.53
CA LEU A 440 21.63 -16.49 -8.05
C LEU A 440 21.49 -16.03 -9.49
N GLU A 441 20.30 -15.80 -10.03
CA GLU A 441 20.19 -15.29 -11.41
C GLU A 441 19.46 -13.95 -11.47
N ILE A 442 18.82 -13.55 -10.38
CA ILE A 442 18.07 -12.29 -10.34
C ILE A 442 18.89 -11.19 -9.69
N ALA A 443 18.84 -10.01 -10.27
CA ALA A 443 19.56 -8.85 -9.75
C ALA A 443 18.68 -7.63 -9.87
N LEU A 444 17.93 -7.32 -8.82
CA LEU A 444 17.04 -6.16 -8.82
C LEU A 444 17.22 -5.35 -7.55
N PRO A 445 16.82 -4.09 -7.60
CA PRO A 445 16.94 -3.15 -6.50
C PRO A 445 15.89 -3.40 -5.41
N THR A 446 16.28 -3.17 -4.17
CA THR A 446 15.43 -3.36 -3.01
C THR A 446 15.61 -2.26 -1.96
N LYS A 447 14.60 -1.99 -1.15
CA LYS A 447 14.68 -1.04 -0.04
C LYS A 447 14.04 -1.73 1.16
N PRO A 448 14.67 -1.68 2.32
CA PRO A 448 14.26 -2.32 3.54
C PRO A 448 12.92 -1.81 4.07
N LEU A 449 12.20 -2.69 4.78
CA LEU A 449 10.91 -2.27 5.33
C LEU A 449 11.05 -1.90 6.79
N ASN A 450 10.15 -1.09 7.31
CA ASN A 450 10.17 -0.77 8.74
C ASN A 450 8.92 -1.36 9.39
N ASP A 451 8.14 -2.09 8.61
CA ASP A 451 6.94 -2.76 9.07
C ASP A 451 6.40 -3.59 7.91
N VAL A 452 5.68 -4.67 8.17
CA VAL A 452 5.15 -5.51 7.10
C VAL A 452 4.43 -4.70 6.02
N ASN A 453 3.62 -3.74 6.45
CA ASN A 453 2.85 -2.91 5.52
C ASN A 453 3.52 -1.61 5.14
N ASP A 454 4.75 -1.35 5.58
CA ASP A 454 5.45 -0.12 5.21
C ASP A 454 5.37 0.07 3.70
N GLU A 455 4.85 1.22 3.29
CA GLU A 455 4.66 1.56 1.89
C GLU A 455 5.91 2.04 1.16
N ASN A 456 6.96 2.40 1.88
CA ASN A 456 8.17 2.93 1.27
C ASN A 456 9.28 1.91 1.10
N GLY A 457 8.99 0.65 1.42
CA GLY A 457 9.99 -0.41 1.24
C GLY A 457 9.84 -0.94 -0.19
N GLU A 458 10.84 -1.69 -0.63
CA GLU A 458 10.73 -2.30 -1.96
C GLU A 458 11.17 -3.77 -1.90
N ILE A 459 10.38 -4.64 -2.51
CA ILE A 459 10.67 -6.07 -2.52
C ILE A 459 10.66 -6.60 -3.94
N ALA A 460 11.77 -7.14 -4.44
CA ALA A 460 11.80 -7.50 -5.86
C ALA A 460 11.14 -8.84 -6.10
N LEU A 461 10.64 -9.08 -7.32
CA LEU A 461 9.98 -10.34 -7.64
C LEU A 461 10.49 -11.01 -8.90
N CYS A 462 10.38 -12.35 -8.92
CA CYS A 462 10.82 -13.12 -10.07
C CYS A 462 9.66 -13.46 -11.02
N THR A 463 9.61 -12.73 -12.12
CA THR A 463 8.57 -13.01 -13.13
C THR A 463 9.31 -13.67 -14.29
N LEU A 464 9.23 -14.99 -14.42
CA LEU A 464 10.02 -15.71 -15.40
C LEU A 464 9.38 -16.46 -16.56
N SER A 465 10.23 -16.81 -17.52
CA SER A 465 9.90 -17.57 -18.71
C SER A 465 11.17 -17.93 -19.47
N ALA A 466 11.07 -18.71 -20.55
CA ALA A 466 12.27 -19.06 -21.31
C ALA A 466 12.04 -19.50 -22.75
N PHE A 467 13.05 -19.24 -23.60
CA PHE A 467 13.02 -19.63 -24.99
C PHE A 467 13.66 -21.01 -25.14
N ASN A 468 13.08 -21.85 -26.00
CA ASN A 468 13.64 -23.17 -26.25
C ASN A 468 14.53 -23.08 -27.48
N LEU A 469 15.84 -23.03 -27.32
CA LEU A 469 16.76 -22.91 -28.45
C LEU A 469 16.76 -24.10 -29.38
N GLY A 470 16.21 -25.24 -28.99
CA GLY A 470 16.14 -26.42 -29.82
C GLY A 470 14.91 -26.39 -30.72
N ALA A 471 13.97 -25.50 -30.46
CA ALA A 471 12.73 -25.39 -31.21
C ALA A 471 12.71 -24.30 -32.27
N ILE A 472 13.71 -23.43 -32.33
CA ILE A 472 13.71 -22.40 -33.37
C ILE A 472 14.66 -22.82 -34.49
N ASN A 473 14.33 -22.48 -35.72
CA ASN A 473 15.19 -22.85 -36.86
C ASN A 473 16.21 -21.76 -37.15
N ASN A 474 15.79 -20.51 -37.04
CA ASN A 474 16.73 -19.39 -37.22
C ASN A 474 16.45 -18.35 -36.13
N LEU A 475 17.47 -17.59 -35.76
CA LEU A 475 17.37 -16.56 -34.73
C LEU A 475 16.32 -15.50 -35.00
N ASP A 476 15.88 -15.28 -36.22
CA ASP A 476 14.84 -14.33 -36.53
C ASP A 476 13.43 -14.76 -36.13
N GLU A 477 13.24 -15.99 -35.65
CA GLU A 477 11.95 -16.40 -35.11
C GLU A 477 11.76 -15.85 -33.71
N LEU A 478 12.85 -15.43 -33.07
CA LEU A 478 12.80 -14.85 -31.73
C LEU A 478 11.99 -13.56 -31.71
N GLU A 479 12.03 -12.75 -32.76
CA GLU A 479 11.21 -11.55 -32.86
C GLU A 479 9.76 -11.81 -32.41
N GLU A 480 9.08 -12.78 -33.00
CA GLU A 480 7.70 -13.08 -32.63
C GLU A 480 7.66 -13.57 -31.19
N LEU A 481 8.44 -14.61 -30.90
CA LEU A 481 8.49 -15.20 -29.56
C LEU A 481 8.67 -14.14 -28.48
N ALA A 482 9.61 -13.21 -28.65
CA ALA A 482 9.83 -12.12 -27.72
C ALA A 482 8.56 -11.30 -27.51
N ILE A 483 7.89 -10.94 -28.60
CA ILE A 483 6.61 -10.28 -28.57
C ILE A 483 5.61 -11.01 -27.69
N LEU A 484 5.40 -12.31 -27.85
CA LEU A 484 4.44 -13.01 -27.01
C LEU A 484 4.93 -13.10 -25.56
N ALA A 485 6.17 -13.54 -25.40
CA ALA A 485 6.76 -13.69 -24.07
C ALA A 485 6.68 -12.42 -23.23
N VAL A 486 7.16 -11.29 -23.75
CA VAL A 486 7.13 -10.04 -23.01
C VAL A 486 5.69 -9.61 -22.75
N ARG A 487 4.81 -9.72 -23.72
CA ARG A 487 3.41 -9.33 -23.57
C ARG A 487 2.63 -10.18 -22.58
N ALA A 488 2.83 -11.48 -22.50
CA ALA A 488 2.08 -12.31 -21.56
C ALA A 488 2.55 -12.11 -20.12
N LEU A 489 3.85 -11.90 -19.94
CA LEU A 489 4.41 -11.67 -18.62
C LEU A 489 4.05 -10.29 -18.12
N ASP A 490 4.03 -9.28 -18.98
CA ASP A 490 3.60 -7.95 -18.57
C ASP A 490 2.15 -7.95 -18.11
N ALA A 491 1.28 -8.68 -18.79
CA ALA A 491 -0.12 -8.80 -18.40
C ALA A 491 -0.30 -9.55 -17.09
N LEU A 492 0.57 -10.53 -16.85
CA LEU A 492 0.54 -11.27 -15.61
C LEU A 492 0.76 -10.38 -14.40
N LEU A 493 1.69 -9.42 -14.45
CA LEU A 493 1.94 -8.53 -13.32
C LEU A 493 0.66 -7.82 -12.87
N ASP A 494 -0.21 -7.45 -13.80
CA ASP A 494 -1.48 -6.80 -13.50
C ASP A 494 -2.58 -7.80 -13.15
N TYR A 495 -2.35 -9.07 -13.39
CA TYR A 495 -3.31 -10.12 -13.10
C TYR A 495 -3.15 -10.69 -11.71
N GLN A 496 -1.92 -10.88 -11.24
CA GLN A 496 -1.65 -11.53 -9.97
C GLN A 496 -1.81 -10.62 -8.76
N ASP A 497 -1.89 -11.24 -7.59
CA ASP A 497 -2.04 -10.50 -6.34
C ASP A 497 -0.72 -10.33 -5.60
N TYR A 498 -0.66 -9.25 -4.83
CA TYR A 498 0.49 -8.85 -4.04
C TYR A 498 0.12 -8.78 -2.57
N PRO A 499 0.57 -9.73 -1.79
CA PRO A 499 0.29 -9.83 -0.37
C PRO A 499 0.85 -8.65 0.42
N ILE A 500 2.07 -8.24 0.16
CA ILE A 500 2.69 -7.11 0.85
C ILE A 500 2.80 -5.91 -0.08
N PRO A 501 2.45 -4.73 0.41
CA PRO A 501 2.50 -3.49 -0.33
C PRO A 501 3.83 -3.24 -1.00
N ALA A 502 4.94 -3.48 -0.29
CA ALA A 502 6.28 -3.30 -0.82
C ALA A 502 6.61 -4.13 -2.06
N ALA A 503 5.95 -5.25 -2.27
CA ALA A 503 6.18 -6.10 -3.43
C ALA A 503 5.42 -5.56 -4.64
N LYS A 504 4.25 -4.99 -4.38
CA LYS A 504 3.45 -4.36 -5.43
C LYS A 504 4.18 -3.12 -5.91
N ARG A 505 4.80 -2.39 -5.00
CA ARG A 505 5.52 -1.18 -5.38
C ARG A 505 6.55 -1.43 -6.46
N GLY A 506 7.44 -2.39 -6.23
CA GLY A 506 8.49 -2.71 -7.18
C GLY A 506 7.92 -3.26 -8.48
N ALA A 507 6.97 -4.17 -8.35
CA ALA A 507 6.33 -4.79 -9.51
C ALA A 507 5.70 -3.75 -10.43
N MET A 508 4.88 -2.86 -9.90
CA MET A 508 4.26 -1.82 -10.71
C MET A 508 5.27 -0.74 -11.09
N GLY A 509 6.11 -0.33 -10.15
CA GLY A 509 7.10 0.70 -10.45
C GLY A 509 7.96 0.36 -11.66
N ARG A 510 8.65 -0.78 -11.62
CA ARG A 510 9.63 -1.14 -12.63
C ARG A 510 9.21 -2.26 -13.57
N ARG A 511 8.14 -2.99 -13.30
CA ARG A 511 7.72 -4.08 -14.18
C ARG A 511 8.86 -4.93 -14.71
N THR A 512 9.60 -5.62 -13.85
CA THR A 512 10.77 -6.38 -14.24
C THR A 512 10.48 -7.81 -14.66
N LEU A 513 11.17 -8.27 -15.72
CA LEU A 513 11.01 -9.62 -16.21
C LEU A 513 12.34 -10.37 -16.19
N GLY A 514 12.26 -11.69 -16.27
CA GLY A 514 13.44 -12.54 -16.26
C GLY A 514 13.28 -13.68 -17.28
N ILE A 515 13.60 -13.40 -18.53
CA ILE A 515 13.48 -14.44 -19.56
C ILE A 515 14.84 -15.02 -19.92
N GLY A 516 14.95 -16.35 -19.98
CA GLY A 516 16.20 -17.02 -20.30
C GLY A 516 15.99 -18.12 -21.35
N VAL A 517 16.87 -19.13 -21.40
CA VAL A 517 16.76 -20.18 -22.38
C VAL A 517 16.87 -21.59 -21.80
N ILE A 518 16.41 -22.58 -22.54
CA ILE A 518 16.55 -23.99 -22.22
C ILE A 518 17.04 -24.70 -23.49
N ASN A 519 17.66 -25.85 -23.39
CA ASN A 519 18.14 -26.61 -24.53
C ASN A 519 19.42 -26.02 -25.13
N PHE A 520 20.23 -25.31 -24.33
CA PHE A 520 21.44 -24.72 -24.89
C PHE A 520 22.40 -25.79 -25.38
N ALA A 521 22.65 -26.81 -24.58
CA ALA A 521 23.59 -27.86 -24.93
C ALA A 521 23.23 -28.53 -26.25
N TYR A 522 21.96 -28.93 -26.35
CA TYR A 522 21.46 -29.54 -27.57
C TYR A 522 21.67 -28.62 -28.76
N TYR A 523 21.35 -27.34 -28.58
CA TYR A 523 21.56 -26.33 -29.62
C TYR A 523 23.01 -26.30 -30.07
N LEU A 524 23.97 -26.22 -29.16
CA LEU A 524 25.38 -26.29 -29.51
C LEU A 524 25.69 -27.58 -30.26
N ALA A 525 25.25 -28.72 -29.76
CA ALA A 525 25.50 -30.01 -30.38
C ALA A 525 25.02 -30.05 -31.82
N LYS A 526 23.85 -29.49 -32.13
CA LYS A 526 23.39 -29.38 -33.50
C LYS A 526 24.37 -28.58 -34.34
N HIS A 527 24.98 -27.52 -33.79
CA HIS A 527 25.91 -26.70 -34.55
C HIS A 527 27.35 -27.20 -34.49
N GLY A 528 27.56 -28.40 -33.97
CA GLY A 528 28.84 -29.05 -33.86
C GLY A 528 29.88 -28.31 -33.03
N LYS A 529 29.46 -27.68 -31.94
CA LYS A 529 30.36 -26.97 -31.06
C LYS A 529 30.41 -27.67 -29.70
N ARG A 530 31.38 -27.31 -28.88
CA ARG A 530 31.53 -27.89 -27.56
C ARG A 530 31.71 -26.75 -26.54
N TYR A 531 31.65 -27.09 -25.26
CA TYR A 531 31.80 -26.07 -24.23
C TYR A 531 33.25 -25.73 -23.95
N SER A 532 34.05 -26.74 -23.64
CA SER A 532 35.41 -26.55 -23.18
C SER A 532 36.48 -26.03 -24.12
N ASP A 533 36.34 -26.02 -25.44
CA ASP A 533 37.44 -25.56 -26.28
C ASP A 533 37.34 -24.14 -26.81
N GLY A 534 36.21 -23.47 -26.63
CA GLY A 534 36.08 -22.10 -27.13
C GLY A 534 35.60 -22.06 -28.57
N SER A 535 35.12 -23.20 -29.06
CA SER A 535 34.58 -23.30 -30.41
C SER A 535 33.21 -22.65 -30.49
N ALA A 536 32.48 -22.59 -29.37
CA ALA A 536 31.14 -22.01 -29.35
C ALA A 536 31.11 -20.51 -29.12
N ASN A 537 32.23 -19.90 -28.70
CA ASN A 537 32.26 -18.48 -28.38
C ASN A 537 31.56 -17.57 -29.37
N ASN A 538 31.92 -17.62 -30.66
CA ASN A 538 31.28 -16.68 -31.60
C ASN A 538 29.81 -17.02 -31.84
N LEU A 539 29.41 -18.29 -31.82
CA LEU A 539 28.00 -18.63 -31.99
C LEU A 539 27.14 -18.17 -30.83
N THR A 540 27.71 -18.26 -29.63
CA THR A 540 27.05 -17.81 -28.42
C THR A 540 26.89 -16.29 -28.42
N HIS A 541 27.89 -15.58 -28.90
CA HIS A 541 27.81 -14.11 -28.97
C HIS A 541 26.69 -13.69 -29.91
N LYS A 542 26.63 -14.35 -31.08
CA LYS A 542 25.61 -14.13 -32.08
C LYS A 542 24.21 -14.48 -31.60
N THR A 543 24.06 -15.58 -30.86
CA THR A 543 22.76 -16.03 -30.37
C THR A 543 22.18 -15.06 -29.35
N PHE A 544 23.02 -14.73 -28.36
CA PHE A 544 22.59 -13.85 -27.28
C PHE A 544 22.42 -12.42 -27.73
N GLU A 545 23.11 -12.01 -28.80
CA GLU A 545 22.84 -10.69 -29.36
C GLU A 545 21.39 -10.65 -29.83
N ALA A 546 21.01 -11.60 -30.67
CA ALA A 546 19.64 -11.71 -31.15
C ALA A 546 18.62 -11.69 -30.01
N ILE A 547 18.75 -12.60 -29.05
CA ILE A 547 17.83 -12.68 -27.93
C ILE A 547 17.59 -11.31 -27.30
N GLN A 548 18.65 -10.68 -26.79
CA GLN A 548 18.51 -9.39 -26.14
C GLN A 548 17.98 -8.30 -27.04
N TYR A 549 18.44 -8.25 -28.29
CA TYR A 549 17.91 -7.28 -29.24
C TYR A 549 16.39 -7.39 -29.35
N TYR A 550 15.86 -8.54 -29.74
CA TYR A 550 14.43 -8.74 -29.88
C TYR A 550 13.64 -8.55 -28.59
N LEU A 551 14.19 -8.86 -27.42
CA LEU A 551 13.46 -8.61 -26.18
C LEU A 551 13.32 -7.10 -26.00
N LEU A 552 14.42 -6.37 -26.10
CA LEU A 552 14.40 -4.91 -26.01
C LEU A 552 13.43 -4.32 -27.03
N LYS A 553 13.47 -4.78 -28.27
CA LYS A 553 12.55 -4.32 -29.30
C LYS A 553 11.11 -4.50 -28.86
N ALA A 554 10.74 -5.71 -28.45
CA ALA A 554 9.37 -6.01 -28.01
C ALA A 554 8.92 -5.13 -26.86
N SER A 555 9.79 -4.92 -25.87
CA SER A 555 9.46 -4.03 -24.75
C SER A 555 9.25 -2.60 -25.25
N ASN A 556 10.09 -2.16 -26.18
CA ASN A 556 9.98 -0.82 -26.72
C ASN A 556 8.66 -0.64 -27.46
N GLU A 557 8.29 -1.64 -28.27
CA GLU A 557 7.02 -1.58 -28.99
C GLU A 557 5.86 -1.49 -28.00
N LEU A 558 5.90 -2.32 -26.96
CA LEU A 558 4.88 -2.30 -25.92
C LEU A 558 4.83 -0.93 -25.24
N ALA A 559 5.98 -0.31 -24.99
CA ALA A 559 6.05 1.01 -24.38
C ALA A 559 5.27 2.03 -25.20
N LYS A 560 5.47 2.04 -26.51
CA LYS A 560 4.72 2.91 -27.41
C LYS A 560 3.23 2.65 -27.24
N GLU A 561 2.81 1.39 -27.36
CA GLU A 561 1.41 1.04 -27.21
C GLU A 561 0.84 1.37 -25.83
N GLN A 562 1.47 0.98 -24.72
CA GLN A 562 0.86 1.13 -23.40
C GLN A 562 1.58 2.02 -22.41
N GLY A 563 2.72 2.61 -22.76
CA GLY A 563 3.43 3.51 -21.87
C GLY A 563 4.55 2.86 -21.11
N ALA A 564 5.70 3.52 -21.02
CA ALA A 564 6.86 3.01 -20.30
C ALA A 564 6.56 2.81 -18.82
N CYS A 565 7.32 1.96 -18.15
CA CYS A 565 7.10 1.75 -16.71
C CYS A 565 7.36 3.05 -15.98
N PRO A 566 6.56 3.33 -14.97
CA PRO A 566 6.64 4.50 -14.14
C PRO A 566 8.06 4.86 -13.72
N TRP A 567 8.81 3.90 -13.18
CA TRP A 567 10.18 4.23 -12.74
C TRP A 567 11.23 3.98 -13.81
N PHE A 568 10.91 4.24 -15.08
CA PHE A 568 11.81 4.02 -16.19
C PHE A 568 13.02 4.94 -16.13
N ASN A 569 12.83 6.12 -15.56
CA ASN A 569 13.82 7.16 -15.39
C ASN A 569 14.96 6.82 -14.45
N GLU A 570 14.91 5.69 -13.74
CA GLU A 570 16.02 5.30 -12.88
C GLU A 570 16.92 4.30 -13.62
N THR A 571 16.49 3.85 -14.79
CA THR A 571 17.32 2.94 -15.57
C THR A 571 18.41 3.66 -16.35
N THR A 572 19.45 2.90 -16.71
CA THR A 572 20.53 3.40 -17.55
C THR A 572 20.01 3.49 -19.00
N TYR A 573 19.03 2.64 -19.29
CA TYR A 573 18.35 2.57 -20.57
C TYR A 573 17.75 3.93 -20.92
N ALA A 574 17.14 4.58 -19.94
CA ALA A 574 16.57 5.90 -20.08
C ALA A 574 17.57 6.97 -20.44
N LYS A 575 18.84 6.82 -20.08
CA LYS A 575 19.90 7.75 -20.39
C LYS A 575 20.62 7.36 -21.68
N GLY A 576 20.02 6.49 -22.49
CA GLY A 576 20.57 6.04 -23.75
C GLY A 576 21.74 5.09 -23.60
N ILE A 577 21.84 4.37 -22.49
CA ILE A 577 22.92 3.40 -22.29
C ILE A 577 22.46 1.97 -22.47
N LEU A 578 23.15 1.21 -23.31
CA LEU A 578 22.83 -0.18 -23.59
C LEU A 578 23.86 -1.15 -23.03
N PRO A 579 23.49 -2.42 -22.98
CA PRO A 579 24.33 -3.52 -22.54
C PRO A 579 25.64 -3.55 -23.30
N ILE A 580 25.64 -3.30 -24.60
CA ILE A 580 26.83 -3.23 -25.41
C ILE A 580 27.77 -2.08 -25.06
N ASP A 581 27.33 -1.10 -24.28
CA ASP A 581 28.19 0.01 -23.89
C ASP A 581 28.92 -0.20 -22.57
N THR A 582 28.44 -1.06 -21.69
CA THR A 582 29.05 -1.21 -20.39
C THR A 582 29.63 -2.56 -20.03
N TYR A 583 29.70 -3.50 -20.95
CA TYR A 583 30.20 -4.85 -20.63
C TYR A 583 31.68 -4.82 -20.30
N LYS A 584 32.18 -5.89 -19.68
CA LYS A 584 33.59 -5.96 -19.31
C LYS A 584 34.46 -6.13 -20.56
N LYS A 585 35.27 -5.12 -20.81
CA LYS A 585 36.18 -5.00 -21.94
C LYS A 585 37.09 -6.17 -22.24
N ASP A 586 37.46 -7.04 -21.31
CA ASP A 586 38.28 -8.21 -21.61
C ASP A 586 37.55 -9.19 -22.53
N LEU A 587 36.22 -9.20 -22.58
CA LEU A 587 35.48 -10.08 -23.48
C LEU A 587 35.92 -9.94 -24.93
N ASP A 588 36.39 -8.77 -25.33
CA ASP A 588 36.86 -8.49 -26.68
C ASP A 588 38.00 -9.40 -27.12
N THR A 589 38.81 -9.90 -26.19
CA THR A 589 39.88 -10.82 -26.49
C THR A 589 39.41 -12.27 -26.68
N ILE A 590 38.19 -12.66 -26.31
CA ILE A 590 37.77 -14.04 -26.48
C ILE A 590 36.67 -14.21 -27.52
N ALA A 591 36.32 -13.16 -28.26
CA ALA A 591 35.27 -13.28 -29.28
C ALA A 591 35.26 -12.10 -30.24
N ASN A 592 35.21 -12.39 -31.55
CA ASN A 592 35.20 -11.32 -32.54
C ASN A 592 33.90 -11.20 -33.31
N GLU A 593 32.89 -12.02 -33.03
CA GLU A 593 31.63 -11.87 -33.74
C GLU A 593 31.16 -10.42 -33.67
N PRO A 594 30.84 -9.85 -34.81
CA PRO A 594 30.35 -8.49 -34.96
C PRO A 594 28.87 -8.39 -34.65
N LEU A 595 28.39 -7.19 -34.39
CA LEU A 595 26.96 -7.00 -34.08
C LEU A 595 26.15 -7.05 -35.37
N HIS A 596 25.16 -7.92 -35.45
CA HIS A 596 24.35 -8.01 -36.66
C HIS A 596 23.11 -7.15 -36.64
N TYR A 597 22.79 -6.49 -35.54
CA TYR A 597 21.54 -5.74 -35.45
C TYR A 597 21.75 -4.24 -35.32
N ASP A 598 20.71 -3.47 -35.66
CA ASP A 598 20.82 -2.02 -35.55
C ASP A 598 20.58 -1.54 -34.12
N TRP A 599 21.67 -1.47 -33.36
CA TRP A 599 21.57 -1.08 -31.95
C TRP A 599 21.42 0.42 -31.80
N GLU A 600 21.99 1.17 -32.75
CA GLU A 600 21.87 2.63 -32.72
C GLU A 600 20.45 3.12 -32.98
N ALA A 601 19.75 2.48 -33.92
CA ALA A 601 18.36 2.82 -34.20
C ALA A 601 17.44 2.50 -33.02
N LEU A 602 17.79 1.44 -32.30
CA LEU A 602 17.06 1.02 -31.11
C LEU A 602 17.38 1.95 -29.95
N ARG A 603 18.65 2.34 -29.85
CA ARG A 603 19.09 3.25 -28.80
C ARG A 603 18.22 4.49 -28.73
N GLU A 604 18.05 5.12 -29.89
CA GLU A 604 17.15 6.25 -30.05
C GLU A 604 15.74 5.91 -29.59
N SER A 605 15.11 4.95 -30.27
CA SER A 605 13.75 4.55 -29.93
C SER A 605 13.52 4.35 -28.45
N ILE A 606 14.41 3.62 -27.76
CA ILE A 606 14.30 3.49 -26.31
C ILE A 606 14.34 4.88 -25.65
N LYS A 607 15.37 5.67 -25.94
CA LYS A 607 15.48 7.01 -25.38
C LYS A 607 14.19 7.80 -25.50
N THR A 608 13.64 7.85 -26.72
CA THR A 608 12.40 8.52 -27.04
C THR A 608 11.14 7.95 -26.41
N HIS A 609 10.82 6.69 -26.63
CA HIS A 609 9.61 6.06 -26.12
C HIS A 609 9.75 5.23 -24.86
N GLY A 610 10.96 5.02 -24.40
CA GLY A 610 11.21 4.25 -23.19
C GLY A 610 10.93 2.76 -23.34
N LEU A 611 10.99 2.06 -22.21
CA LEU A 611 10.75 0.62 -22.18
C LEU A 611 9.58 0.32 -21.27
N ARG A 612 8.81 -0.72 -21.61
CA ARG A 612 7.70 -1.09 -20.75
C ARG A 612 8.25 -1.71 -19.46
N ASN A 613 9.30 -2.51 -19.62
CA ASN A 613 9.93 -3.25 -18.54
C ASN A 613 11.37 -2.80 -18.32
N SER A 614 11.83 -2.66 -17.08
CA SER A 614 13.19 -2.22 -16.82
C SER A 614 14.25 -3.29 -17.04
N THR A 615 13.94 -4.55 -16.76
CA THR A 615 14.84 -5.67 -16.98
C THR A 615 14.11 -6.72 -17.81
N LEU A 616 14.78 -7.46 -18.70
CA LEU A 616 14.06 -8.45 -19.49
C LEU A 616 14.63 -9.86 -19.45
N SER A 617 15.96 -10.00 -19.44
CA SER A 617 16.56 -11.33 -19.49
C SER A 617 17.29 -11.73 -18.22
N ALA A 618 17.30 -13.04 -17.99
CA ALA A 618 17.98 -13.65 -16.86
C ALA A 618 18.09 -15.15 -17.14
N LEU A 619 19.21 -15.78 -16.87
CA LEU A 619 19.35 -17.20 -17.21
C LEU A 619 19.28 -18.09 -15.98
N MET A 620 18.06 -18.55 -15.69
CA MET A 620 17.76 -19.41 -14.55
C MET A 620 17.89 -20.88 -14.92
N PRO A 621 18.16 -21.71 -13.94
CA PRO A 621 18.18 -23.16 -14.11
C PRO A 621 16.74 -23.61 -14.31
N SER A 622 16.48 -24.79 -14.85
CA SER A 622 15.08 -25.22 -14.96
C SER A 622 14.99 -26.73 -15.14
N GLU A 623 14.61 -27.41 -14.05
CA GLU A 623 14.47 -28.86 -14.10
C GLU A 623 13.14 -29.26 -14.70
N THR A 624 12.03 -28.91 -14.05
CA THR A 624 10.69 -29.26 -14.50
C THR A 624 10.39 -28.85 -15.94
N SER A 625 10.45 -27.55 -16.19
CA SER A 625 10.19 -26.93 -17.48
C SER A 625 10.89 -27.63 -18.63
N SER A 626 12.17 -27.93 -18.47
CA SER A 626 12.94 -28.65 -19.46
C SER A 626 12.41 -30.05 -19.71
N GLN A 627 11.94 -30.75 -18.69
CA GLN A 627 11.43 -32.11 -18.85
C GLN A 627 10.20 -32.15 -19.76
N ILE A 628 9.22 -31.29 -19.52
CA ILE A 628 8.03 -31.25 -20.35
C ILE A 628 8.38 -31.14 -21.82
N SER A 629 9.31 -30.27 -22.15
CA SER A 629 9.75 -30.05 -23.52
C SER A 629 10.86 -30.97 -23.97
N ASN A 630 11.16 -32.06 -23.27
CA ASN A 630 12.28 -32.95 -23.56
C ASN A 630 13.48 -32.13 -24.05
N ALA A 631 14.09 -31.43 -23.10
CA ALA A 631 15.23 -30.57 -23.42
C ALA A 631 16.30 -30.62 -22.34
N THR A 632 17.50 -30.17 -22.72
CA THR A 632 18.60 -30.12 -21.74
C THR A 632 18.36 -28.93 -20.83
N ASN A 633 18.81 -28.99 -19.57
CA ASN A 633 18.50 -27.95 -18.61
C ASN A 633 19.23 -26.64 -18.86
N GLY A 634 18.45 -25.56 -18.93
CA GLY A 634 19.02 -24.23 -19.14
C GLY A 634 20.25 -24.32 -20.04
N ILE A 635 21.30 -23.63 -19.62
CA ILE A 635 22.56 -23.59 -20.37
C ILE A 635 23.50 -24.75 -20.05
N GLU A 636 23.22 -25.46 -18.97
CA GLU A 636 24.06 -26.56 -18.51
C GLU A 636 24.14 -27.73 -19.47
N PRO A 637 25.31 -28.32 -19.54
CA PRO A 637 25.57 -29.54 -20.29
C PRO A 637 24.97 -30.69 -19.48
N PRO A 638 24.52 -31.72 -20.15
CA PRO A 638 23.90 -32.88 -19.52
C PRO A 638 24.92 -33.77 -18.82
N ARG A 639 24.49 -34.39 -17.72
CA ARG A 639 25.38 -35.26 -16.96
C ARG A 639 25.65 -36.59 -17.65
N GLY A 640 24.66 -37.06 -18.40
CA GLY A 640 24.76 -38.33 -19.14
C GLY A 640 23.69 -38.35 -20.23
N TYR A 641 23.67 -39.39 -21.05
CA TYR A 641 22.72 -39.48 -22.15
C TYR A 641 21.33 -39.88 -21.68
N VAL A 642 21.23 -40.51 -20.52
CA VAL A 642 19.95 -40.91 -19.97
C VAL A 642 19.82 -40.37 -18.55
N SER A 643 18.75 -39.62 -18.30
CA SER A 643 18.51 -39.12 -16.95
C SER A 643 17.59 -40.07 -16.19
N ILE A 644 17.89 -40.28 -14.91
CA ILE A 644 17.04 -41.19 -14.14
C ILE A 644 16.41 -40.43 -12.97
N LYS A 645 15.14 -40.74 -12.79
CA LYS A 645 14.35 -40.13 -11.73
C LYS A 645 13.41 -41.17 -11.12
N ALA A 646 13.28 -41.10 -9.79
CA ALA A 646 12.43 -42.01 -9.07
C ALA A 646 11.02 -41.43 -8.91
N SER A 647 10.03 -42.30 -8.94
CA SER A 647 8.63 -41.92 -8.75
C SER A 647 7.92 -43.10 -8.07
N LYS A 648 6.69 -42.88 -7.59
CA LYS A 648 5.91 -43.97 -6.99
C LYS A 648 5.51 -44.99 -8.05
N ASP A 649 5.23 -44.52 -9.26
CA ASP A 649 4.86 -45.36 -10.39
C ASP A 649 6.03 -46.07 -11.06
N GLY A 650 7.26 -45.89 -10.60
CA GLY A 650 8.43 -46.52 -11.20
C GLY A 650 9.60 -45.56 -11.43
N ILE A 651 10.61 -46.08 -12.13
CA ILE A 651 11.82 -45.32 -12.46
C ILE A 651 11.57 -44.57 -13.77
N LEU A 652 11.83 -43.27 -13.74
CA LEU A 652 11.66 -42.42 -14.91
C LEU A 652 12.96 -42.24 -15.68
N ARG A 653 12.91 -42.55 -16.97
CA ARG A 653 14.08 -42.42 -17.83
C ARG A 653 13.81 -41.43 -18.96
N GLN A 654 14.76 -40.53 -19.21
CA GLN A 654 14.64 -39.55 -20.28
C GLN A 654 15.95 -39.48 -21.05
N VAL A 655 15.86 -39.68 -22.36
CA VAL A 655 17.02 -39.65 -23.24
C VAL A 655 17.23 -38.27 -23.86
N VAL A 656 18.46 -37.82 -23.92
CA VAL A 656 18.79 -36.53 -24.51
C VAL A 656 18.21 -36.45 -25.92
N PRO A 657 17.76 -35.25 -26.27
CA PRO A 657 17.15 -34.97 -27.55
C PRO A 657 18.07 -35.32 -28.72
N ASP A 658 17.55 -36.13 -29.63
CA ASP A 658 18.25 -36.56 -30.83
C ASP A 658 19.57 -37.27 -30.53
N TYR A 659 19.54 -38.17 -29.56
CA TYR A 659 20.71 -38.95 -29.18
C TYR A 659 21.23 -39.76 -30.36
N GLU A 660 20.29 -40.35 -31.07
CA GLU A 660 20.46 -41.19 -32.23
C GLU A 660 21.39 -40.66 -33.30
N HIS A 661 21.43 -39.35 -33.46
CA HIS A 661 22.25 -38.67 -34.45
C HIS A 661 23.29 -37.76 -33.80
N LEU A 662 23.12 -37.43 -32.53
CA LEU A 662 24.03 -36.50 -31.88
C LEU A 662 24.78 -37.02 -30.67
N HIS A 663 24.69 -38.30 -30.32
CA HIS A 663 25.41 -38.83 -29.16
C HIS A 663 26.86 -38.38 -29.14
N ASP A 664 27.52 -38.40 -30.30
CA ASP A 664 28.90 -37.97 -30.40
C ASP A 664 29.14 -36.47 -30.45
N ALA A 665 28.11 -35.66 -30.72
CA ALA A 665 28.30 -34.21 -30.76
C ALA A 665 28.19 -33.61 -29.36
N TYR A 666 27.44 -34.30 -28.49
CA TYR A 666 27.28 -33.81 -27.13
C TYR A 666 28.62 -33.82 -26.39
N GLU A 667 28.75 -32.90 -25.45
CA GLU A 667 29.89 -32.91 -24.54
C GLU A 667 29.29 -33.01 -23.13
N LEU A 668 29.47 -34.14 -22.46
CA LEU A 668 28.88 -34.32 -21.14
C LEU A 668 29.64 -33.61 -20.02
N LEU A 669 28.94 -33.29 -18.94
CA LEU A 669 29.49 -32.54 -17.83
C LEU A 669 30.89 -32.97 -17.39
N TRP A 670 31.13 -34.26 -17.17
CA TRP A 670 32.44 -34.70 -16.70
C TRP A 670 33.40 -35.04 -17.81
N GLU A 671 33.04 -34.73 -19.05
CA GLU A 671 33.92 -34.90 -20.19
C GLU A 671 34.80 -33.66 -20.35
N MET A 672 34.32 -32.55 -19.78
CA MET A 672 35.07 -31.30 -19.83
C MET A 672 36.33 -31.45 -18.99
N PRO A 673 37.44 -31.03 -19.54
CA PRO A 673 38.73 -31.02 -18.87
C PRO A 673 38.81 -30.00 -17.76
N GLY A 674 38.11 -28.88 -17.90
CA GLY A 674 38.10 -27.84 -16.88
C GLY A 674 36.91 -26.89 -16.96
N ASN A 675 37.01 -25.78 -16.21
CA ASN A 675 35.94 -24.79 -16.20
C ASN A 675 36.14 -23.60 -17.13
N ASP A 676 37.29 -23.48 -17.80
CA ASP A 676 37.57 -22.30 -18.62
C ASP A 676 36.56 -22.11 -19.74
N GLY A 677 36.37 -23.10 -20.60
CA GLY A 677 35.46 -23.00 -21.74
C GLY A 677 34.09 -22.47 -21.34
N TYR A 678 33.50 -23.11 -20.34
CA TYR A 678 32.19 -22.77 -19.82
C TYR A 678 32.16 -21.35 -19.26
N LEU A 679 33.18 -21.00 -18.50
CA LEU A 679 33.26 -19.67 -17.90
C LEU A 679 33.32 -18.55 -18.92
N GLN A 680 33.96 -18.81 -20.06
CA GLN A 680 34.03 -17.81 -21.12
C GLN A 680 32.65 -17.65 -21.76
N LEU A 681 31.97 -18.75 -22.04
CA LEU A 681 30.64 -18.72 -22.62
C LEU A 681 29.66 -17.97 -21.71
N VAL A 682 29.73 -18.28 -20.43
CA VAL A 682 28.96 -17.57 -19.41
C VAL A 682 29.23 -16.06 -19.50
N GLY A 683 30.48 -15.62 -19.57
CA GLY A 683 30.82 -14.20 -19.63
C GLY A 683 30.30 -13.51 -20.88
N ILE A 684 30.38 -14.21 -22.01
CA ILE A 684 29.86 -13.74 -23.29
C ILE A 684 28.35 -13.56 -23.21
N MET A 685 27.67 -14.49 -22.57
CA MET A 685 26.23 -14.36 -22.35
C MET A 685 25.92 -13.11 -21.53
N GLN A 686 26.68 -12.85 -20.47
CA GLN A 686 26.47 -11.74 -19.57
C GLN A 686 26.63 -10.38 -20.21
N LYS A 687 27.32 -10.28 -21.34
CA LYS A 687 27.46 -9.05 -22.11
C LYS A 687 26.08 -8.49 -22.45
N PHE A 688 25.14 -9.31 -22.87
CA PHE A 688 23.81 -8.87 -23.22
C PHE A 688 22.76 -9.12 -22.16
N ILE A 689 22.93 -10.06 -21.24
CA ILE A 689 21.87 -10.30 -20.25
C ILE A 689 21.74 -9.10 -19.32
N ASP A 690 20.51 -8.64 -19.13
CA ASP A 690 20.16 -7.54 -18.27
C ASP A 690 20.47 -7.80 -16.80
N GLN A 691 20.24 -9.03 -16.38
CA GLN A 691 20.45 -9.42 -14.99
C GLN A 691 21.64 -10.34 -14.78
N SER A 692 21.39 -11.55 -14.30
CA SER A 692 22.48 -12.49 -14.04
C SER A 692 22.20 -13.92 -14.50
N ILE A 693 23.21 -14.78 -14.36
CA ILE A 693 23.17 -16.17 -14.78
C ILE A 693 23.49 -17.12 -13.63
N SER A 694 22.87 -18.29 -13.58
CA SER A 694 23.17 -19.28 -12.53
C SER A 694 24.32 -20.18 -12.98
N ALA A 695 25.53 -19.60 -12.98
CA ALA A 695 26.73 -20.31 -13.39
C ALA A 695 27.21 -21.28 -12.31
N ASN A 696 27.63 -22.46 -12.74
CA ASN A 696 28.16 -23.47 -11.84
C ASN A 696 29.67 -23.66 -12.06
N THR A 697 30.34 -24.27 -11.08
CA THR A 697 31.72 -24.66 -11.23
C THR A 697 31.82 -26.15 -10.92
N ASN A 698 32.41 -26.95 -11.79
CA ASN A 698 32.51 -28.39 -11.60
C ASN A 698 33.93 -28.92 -11.48
N TYR A 699 34.19 -29.76 -10.47
CA TYR A 699 35.50 -30.37 -10.27
C TYR A 699 35.42 -31.88 -10.11
N ASP A 700 36.33 -32.58 -10.77
CA ASP A 700 36.44 -34.04 -10.70
C ASP A 700 37.75 -34.40 -10.04
N PRO A 701 37.67 -34.96 -8.85
CA PRO A 701 38.81 -35.34 -8.03
C PRO A 701 39.74 -36.32 -8.71
N SER A 702 39.24 -37.20 -9.57
CA SER A 702 40.05 -38.15 -10.32
C SER A 702 41.11 -37.50 -11.21
N ARG A 703 40.89 -36.31 -11.74
CA ARG A 703 41.86 -35.59 -12.55
C ARG A 703 42.98 -34.93 -11.76
N PHE A 704 42.96 -34.95 -10.44
CA PHE A 704 43.99 -34.33 -9.61
C PHE A 704 44.80 -35.37 -8.87
N PRO A 705 46.07 -35.06 -8.63
CA PRO A 705 47.01 -35.92 -7.95
C PRO A 705 46.51 -36.21 -6.55
N SER A 706 46.34 -37.49 -6.20
CA SER A 706 45.84 -37.88 -4.90
C SER A 706 44.35 -37.62 -4.68
N GLY A 707 43.60 -37.36 -5.75
CA GLY A 707 42.18 -37.05 -5.65
C GLY A 707 41.84 -35.89 -4.73
N LYS A 708 42.55 -34.78 -4.85
CA LYS A 708 42.27 -33.61 -4.02
C LYS A 708 42.41 -32.32 -4.80
N VAL A 709 41.30 -31.62 -4.90
CA VAL A 709 41.24 -30.37 -5.64
C VAL A 709 42.14 -29.32 -4.99
N PRO A 710 43.13 -28.88 -5.75
CA PRO A 710 44.10 -27.90 -5.31
C PRO A 710 43.47 -26.55 -5.05
N MET A 711 43.90 -25.92 -3.95
CA MET A 711 43.42 -24.59 -3.63
C MET A 711 43.90 -23.62 -4.71
N GLN A 712 45.12 -23.82 -5.22
CA GLN A 712 45.59 -22.97 -6.31
C GLN A 712 44.57 -22.96 -7.46
N GLN A 713 43.96 -24.08 -7.82
CA GLN A 713 43.00 -24.15 -8.91
C GLN A 713 41.63 -23.58 -8.62
N LEU A 714 41.20 -23.51 -7.37
CA LEU A 714 39.87 -23.00 -7.04
C LEU A 714 39.87 -21.47 -7.12
N LEU A 715 41.00 -20.89 -6.75
CA LEU A 715 41.16 -19.44 -6.80
C LEU A 715 41.38 -19.00 -8.25
N LYS A 716 42.13 -19.84 -8.96
CA LYS A 716 42.37 -19.54 -10.39
C LYS A 716 41.03 -19.38 -11.10
N ASP A 717 40.16 -20.37 -11.01
CA ASP A 717 38.84 -20.32 -11.63
C ASP A 717 37.99 -19.15 -11.13
N LEU A 718 38.09 -18.84 -9.84
CA LEU A 718 37.38 -17.71 -9.26
C LEU A 718 37.77 -16.38 -9.91
N LEU A 719 39.07 -16.18 -10.11
CA LEU A 719 39.58 -14.96 -10.71
C LEU A 719 39.20 -14.89 -12.19
N THR A 720 39.33 -16.01 -12.90
CA THR A 720 38.94 -16.07 -14.31
C THR A 720 37.54 -15.48 -14.48
N ALA A 721 36.59 -16.09 -13.76
CA ALA A 721 35.21 -15.65 -13.74
C ALA A 721 35.08 -14.14 -13.61
N TYR A 722 35.70 -13.58 -12.55
CA TYR A 722 35.66 -12.13 -12.37
C TYR A 722 36.21 -11.38 -13.58
N LYS A 723 37.34 -11.80 -14.11
CA LYS A 723 37.98 -11.18 -15.26
C LYS A 723 37.06 -11.04 -16.47
N PHE A 724 36.19 -12.00 -16.72
CA PHE A 724 35.25 -11.94 -17.83
C PHE A 724 33.89 -11.39 -17.45
N GLY A 725 33.80 -10.74 -16.31
CA GLY A 725 32.62 -10.03 -15.89
C GLY A 725 31.50 -10.85 -15.30
N VAL A 726 31.76 -12.07 -14.86
CA VAL A 726 30.68 -12.88 -14.27
C VAL A 726 30.19 -12.20 -13.00
N LYS A 727 28.87 -12.08 -12.88
CA LYS A 727 28.26 -11.38 -11.77
C LYS A 727 28.10 -12.25 -10.53
N THR A 728 27.62 -13.48 -10.72
CA THR A 728 27.40 -14.40 -9.61
C THR A 728 27.95 -15.79 -9.87
N LEU A 729 28.06 -16.58 -8.80
CA LEU A 729 28.51 -17.97 -8.88
C LEU A 729 27.65 -18.86 -7.99
N TYR A 730 26.97 -19.81 -8.62
CA TYR A 730 26.07 -20.74 -7.96
C TYR A 730 26.74 -22.02 -7.48
N TYR A 731 26.15 -23.19 -7.69
CA TYR A 731 26.66 -24.44 -7.19
C TYR A 731 28.13 -24.68 -7.50
N GLN A 732 28.69 -25.68 -6.83
CA GLN A 732 30.04 -26.16 -7.07
C GLN A 732 29.97 -27.69 -7.04
N ASN A 733 29.85 -28.31 -8.22
CA ASN A 733 29.72 -29.76 -8.31
C ASN A 733 31.06 -30.48 -8.20
N THR A 734 31.13 -31.40 -7.24
CA THR A 734 32.34 -32.15 -6.99
C THR A 734 32.02 -33.64 -7.09
N ARG A 735 32.06 -34.13 -8.32
CA ARG A 735 31.74 -35.47 -8.71
C ARG A 735 32.20 -36.60 -7.82
N ASP A 736 31.27 -37.50 -7.47
CA ASP A 736 31.67 -38.67 -6.72
C ASP A 736 30.94 -39.95 -7.12
N GLY A 737 31.53 -40.54 -8.14
CA GLY A 737 31.07 -41.86 -8.59
C GLY A 737 31.75 -42.73 -7.49
N SER B 8 44.91 -27.32 0.04
CA SER B 8 44.86 -26.02 0.79
C SER B 8 46.17 -25.24 0.65
N GLU B 9 47.04 -25.76 -0.23
CA GLU B 9 48.31 -25.12 -0.52
C GLU B 9 48.04 -23.98 -1.52
N VAL B 10 48.50 -22.78 -1.17
CA VAL B 10 48.28 -21.64 -2.04
C VAL B 10 49.58 -20.89 -2.34
N ASP B 11 49.73 -20.57 -3.64
CA ASP B 11 50.88 -19.81 -4.09
C ASP B 11 50.39 -18.45 -4.58
N THR B 12 50.89 -17.42 -3.90
CA THR B 12 50.56 -16.03 -4.18
C THR B 12 51.19 -15.46 -5.45
N ASP B 13 52.43 -15.86 -5.69
CA ASP B 13 53.18 -15.37 -6.84
C ASP B 13 52.48 -15.77 -8.13
N ASP B 14 52.23 -17.07 -8.28
CA ASP B 14 51.52 -17.53 -9.49
C ASP B 14 50.23 -16.74 -9.70
N LEU B 15 49.47 -16.37 -8.66
CA LEU B 15 48.35 -15.46 -8.81
C LEU B 15 48.71 -14.00 -9.08
N SER B 16 49.64 -13.41 -8.35
CA SER B 16 50.08 -12.03 -8.43
C SER B 16 50.12 -11.36 -9.80
N ASN B 17 50.50 -12.07 -10.85
CA ASN B 17 50.62 -11.59 -12.22
C ASN B 17 49.29 -11.57 -12.95
N PHE B 18 48.26 -12.20 -12.38
CA PHE B 18 46.91 -12.20 -12.93
C PHE B 18 46.43 -10.76 -13.08
N GLN B 19 45.65 -10.53 -14.13
CA GLN B 19 45.14 -9.19 -14.44
C GLN B 19 43.61 -9.12 -14.41
N LEU B 20 43.08 -8.72 -13.26
CA LEU B 20 41.63 -8.71 -13.06
C LEU B 20 40.87 -8.04 -14.20
N LEU C 5 55.33 -1.55 55.56
CA LEU C 5 56.30 -1.24 54.46
C LEU C 5 55.66 -1.38 53.09
N LEU C 6 55.46 -0.25 52.43
CA LEU C 6 55.20 -0.02 51.04
C LEU C 6 53.88 -0.44 50.38
N VAL C 7 52.94 0.49 50.50
CA VAL C 7 51.61 0.49 49.89
C VAL C 7 51.52 1.55 48.80
N THR C 8 50.66 1.37 47.81
CA THR C 8 50.43 2.33 46.74
C THR C 8 48.97 2.77 46.71
N LYS C 9 48.64 4.06 46.60
CA LYS C 9 47.23 4.44 46.57
C LYS C 9 46.63 4.54 45.17
N ARG C 10 45.44 5.14 45.14
CA ARG C 10 44.67 5.36 43.92
C ARG C 10 45.30 6.32 42.93
N ASP C 11 46.05 7.35 43.42
CA ASP C 11 46.80 8.19 42.48
C ASP C 11 48.12 7.47 42.10
N GLY C 12 48.44 6.49 42.94
CA GLY C 12 49.52 5.59 42.50
C GLY C 12 50.79 6.16 43.15
N SER C 13 50.52 6.65 44.37
CA SER C 13 51.67 7.19 45.08
C SER C 13 51.75 6.54 46.46
N THR C 14 52.99 6.08 46.57
CA THR C 14 53.56 5.32 47.64
C THR C 14 53.53 6.03 48.98
N GLU C 15 53.01 5.29 49.94
CA GLU C 15 53.02 5.62 51.34
C GLU C 15 53.33 4.32 52.10
N ARG C 16 53.88 4.48 53.30
CA ARG C 16 54.17 3.32 54.13
C ARG C 16 52.88 2.76 54.77
N ILE C 17 52.96 1.46 55.03
CA ILE C 17 51.88 0.77 55.71
C ILE C 17 51.78 1.18 57.18
N ASN C 18 50.57 1.49 57.63
CA ASN C 18 50.37 1.71 59.07
C ASN C 18 49.36 0.63 59.50
N LEU C 19 49.90 -0.47 59.99
CA LEU C 19 49.06 -1.61 60.35
C LEU C 19 48.07 -1.42 61.50
N ASP C 20 47.97 -0.27 62.14
CA ASP C 20 46.98 -0.11 63.20
C ASP C 20 45.73 0.58 62.66
N LYS C 21 45.88 1.18 61.48
CA LYS C 21 44.71 1.79 60.81
C LYS C 21 43.76 0.66 60.43
N ILE C 22 44.31 -0.33 59.74
CA ILE C 22 43.59 -1.54 59.34
C ILE C 22 42.87 -2.13 60.55
N HIS C 23 43.64 -2.36 61.62
CA HIS C 23 43.10 -2.89 62.86
C HIS C 23 41.88 -2.11 63.33
N ARG C 24 41.98 -0.79 63.37
CA ARG C 24 40.86 0.04 63.80
C ARG C 24 39.65 -0.26 62.91
N VAL C 25 39.83 -0.20 61.59
CA VAL C 25 38.75 -0.49 60.66
C VAL C 25 38.04 -1.78 61.05
N LEU C 26 38.79 -2.88 61.17
CA LEU C 26 38.24 -4.15 61.61
C LEU C 26 37.50 -4.01 62.94
N ASP C 27 38.18 -3.44 63.93
CA ASP C 27 37.63 -3.21 65.25
C ASP C 27 36.25 -2.56 65.20
N TRP C 28 36.14 -1.52 64.39
CA TRP C 28 34.88 -0.82 64.15
C TRP C 28 33.81 -1.74 63.60
N ALA C 29 34.10 -2.40 62.48
CA ALA C 29 33.18 -3.30 61.82
C ALA C 29 32.61 -4.39 62.72
N ALA C 30 33.45 -4.93 63.60
CA ALA C 30 33.08 -5.96 64.55
C ALA C 30 32.12 -5.49 65.64
N GLU C 31 32.07 -4.18 65.89
CA GLU C 31 31.17 -3.61 66.88
C GLU C 31 29.81 -4.30 66.93
N GLY C 32 29.49 -4.82 68.12
CA GLY C 32 28.24 -5.49 68.36
C GLY C 32 28.09 -6.91 67.88
N LEU C 33 29.07 -7.48 67.18
CA LEU C 33 28.95 -8.85 66.68
C LEU C 33 29.49 -9.87 67.67
N HIS C 34 28.95 -11.09 67.64
CA HIS C 34 29.38 -12.16 68.55
C HIS C 34 30.04 -13.33 67.83
N ASN C 35 31.17 -13.78 68.37
CA ASN C 35 31.90 -14.93 67.87
C ASN C 35 32.78 -14.67 66.66
N VAL C 36 33.11 -13.41 66.40
CA VAL C 36 34.03 -13.09 65.31
C VAL C 36 35.38 -12.77 65.95
N SER C 37 36.47 -13.16 65.32
CA SER C 37 37.77 -12.87 65.89
C SER C 37 38.58 -12.00 64.93
N ILE C 38 38.83 -10.76 65.37
CA ILE C 38 39.64 -9.86 64.57
C ILE C 38 40.99 -10.47 64.21
N SER C 39 41.68 -11.03 65.20
CA SER C 39 42.96 -11.69 64.98
C SER C 39 42.92 -12.66 63.81
N GLN C 40 41.96 -13.60 63.86
CA GLN C 40 41.79 -14.57 62.80
C GLN C 40 41.86 -13.90 61.42
N VAL C 41 41.08 -12.84 61.23
CA VAL C 41 41.05 -12.10 59.99
C VAL C 41 42.41 -11.48 59.69
N GLU C 42 43.00 -10.84 60.68
CA GLU C 42 44.31 -10.23 60.45
C GLU C 42 45.32 -11.27 59.97
N LEU C 43 45.40 -12.40 60.69
CA LEU C 43 46.28 -13.49 60.32
C LEU C 43 46.14 -13.91 58.86
N ARG C 44 44.94 -14.30 58.46
CA ARG C 44 44.68 -14.74 57.11
C ARG C 44 44.89 -13.74 55.99
N SER C 45 44.90 -12.44 56.26
CA SER C 45 45.05 -11.46 55.20
C SER C 45 46.42 -10.81 55.19
N HIS C 46 47.07 -10.68 56.34
CA HIS C 46 48.38 -10.02 56.38
C HIS C 46 49.45 -10.79 55.60
N ILE C 47 49.41 -12.12 55.71
CA ILE C 47 50.28 -13.00 54.96
C ILE C 47 50.24 -12.79 53.45
N GLN C 48 49.15 -12.35 52.85
CA GLN C 48 49.04 -12.09 51.44
C GLN C 48 49.48 -10.66 51.06
N PHE C 49 49.95 -9.87 52.03
CA PHE C 49 50.37 -8.50 51.72
C PHE C 49 51.77 -8.43 51.13
N TYR C 50 52.05 -7.42 50.31
CA TYR C 50 53.36 -7.27 49.68
C TYR C 50 53.69 -5.83 49.29
N ASP C 51 54.99 -5.51 49.23
CA ASP C 51 55.47 -4.19 48.86
C ASP C 51 54.95 -3.77 47.48
N GLY C 52 54.21 -2.66 47.46
CA GLY C 52 53.63 -2.16 46.21
C GLY C 52 52.16 -2.55 46.12
N ILE C 53 51.65 -3.02 47.26
CA ILE C 53 50.27 -3.45 47.33
C ILE C 53 49.34 -2.25 47.19
N LYS C 54 48.52 -2.30 46.13
CA LYS C 54 47.48 -1.27 45.98
C LYS C 54 46.57 -1.32 47.22
N THR C 55 46.04 -0.15 47.58
CA THR C 55 45.14 0.00 48.71
C THR C 55 43.86 -0.79 48.51
N SER C 56 43.26 -0.60 47.33
CA SER C 56 42.04 -1.32 46.98
C SER C 56 42.17 -2.81 47.32
N ASP C 57 43.23 -3.45 46.83
CA ASP C 57 43.59 -4.82 47.15
C ASP C 57 43.57 -5.11 48.65
N ILE C 58 44.16 -4.23 49.45
CA ILE C 58 44.12 -4.38 50.90
C ILE C 58 42.69 -4.59 51.38
N HIS C 59 41.74 -3.78 50.92
CA HIS C 59 40.35 -3.97 51.30
C HIS C 59 39.82 -5.32 50.82
N GLU C 60 39.94 -5.62 49.53
CA GLU C 60 39.51 -6.90 48.97
C GLU C 60 39.97 -8.09 49.82
N THR C 61 41.25 -8.10 50.18
CA THR C 61 41.83 -9.16 50.97
C THR C 61 41.17 -9.34 52.33
N ILE C 62 40.91 -8.26 53.07
CA ILE C 62 40.32 -8.45 54.40
C ILE C 62 38.85 -8.83 54.28
N ILE C 63 38.18 -8.21 53.30
CA ILE C 63 36.78 -8.52 53.04
C ILE C 63 36.65 -10.02 52.82
N LYS C 64 37.40 -10.53 51.84
CA LYS C 64 37.40 -11.95 51.51
C LYS C 64 37.70 -12.82 52.74
N ALA C 65 38.74 -12.47 53.48
CA ALA C 65 39.13 -13.23 54.66
C ALA C 65 37.96 -13.36 55.62
N ALA C 66 37.33 -12.23 55.93
CA ALA C 66 36.15 -12.20 56.80
C ALA C 66 35.04 -13.06 56.21
N ALA C 67 34.77 -12.85 54.92
CA ALA C 67 33.74 -13.58 54.20
C ALA C 67 33.96 -15.09 54.18
N ASP C 68 35.20 -15.53 54.10
CA ASP C 68 35.52 -16.95 54.07
C ASP C 68 35.26 -17.63 55.41
N LEU C 69 35.05 -16.91 56.50
CA LEU C 69 34.77 -17.53 57.79
C LEU C 69 33.29 -17.64 58.09
N ILE C 70 32.44 -17.22 57.15
CA ILE C 70 30.98 -17.30 57.37
C ILE C 70 30.60 -18.76 57.55
N SER C 71 29.85 -19.08 58.60
CA SER C 71 29.49 -20.45 58.92
C SER C 71 28.21 -20.51 59.76
N ARG C 72 27.77 -21.73 60.09
CA ARG C 72 26.59 -21.86 60.95
C ARG C 72 26.98 -21.62 62.41
N ASP C 73 28.24 -21.86 62.72
CA ASP C 73 28.76 -21.68 64.09
C ASP C 73 29.16 -20.24 64.38
N ALA C 74 29.40 -19.45 63.35
CA ALA C 74 29.72 -18.04 63.48
C ALA C 74 29.12 -17.28 62.30
N PRO C 75 27.85 -16.95 62.44
CA PRO C 75 27.06 -16.30 61.41
C PRO C 75 27.30 -14.80 61.33
N ASP C 76 27.80 -14.21 62.40
CA ASP C 76 28.08 -12.78 62.39
C ASP C 76 29.23 -12.33 61.51
N TYR C 77 29.95 -13.24 60.87
CA TYR C 77 30.98 -12.92 59.90
C TYR C 77 30.29 -12.28 58.70
N GLN C 78 29.06 -12.70 58.43
CA GLN C 78 28.21 -12.10 57.42
C GLN C 78 28.23 -10.58 57.50
N TYR C 79 27.97 -10.03 58.69
CA TYR C 79 27.97 -8.60 58.89
C TYR C 79 29.37 -8.00 58.96
N LEU C 80 30.35 -8.70 59.50
CA LEU C 80 31.72 -8.16 59.54
C LEU C 80 32.24 -7.95 58.13
N ALA C 81 32.00 -8.95 57.27
CA ALA C 81 32.45 -8.88 55.88
C ALA C 81 31.71 -7.76 55.16
N ALA C 82 30.40 -7.70 55.35
CA ALA C 82 29.52 -6.72 54.75
C ALA C 82 29.94 -5.29 55.04
N ARG C 83 30.02 -4.94 56.32
CA ARG C 83 30.46 -3.60 56.73
C ARG C 83 31.78 -3.24 56.07
N LEU C 84 32.79 -4.10 56.17
CA LEU C 84 34.05 -3.84 55.49
C LEU C 84 33.81 -3.52 54.01
N ALA C 85 32.97 -4.28 53.33
CA ALA C 85 32.64 -4.02 51.94
C ALA C 85 31.86 -2.72 51.76
N ILE C 86 30.93 -2.41 52.65
CA ILE C 86 30.22 -1.13 52.59
C ILE C 86 31.22 0.01 52.62
N PHE C 87 32.07 -0.02 53.64
CA PHE C 87 33.15 0.95 53.81
C PHE C 87 33.94 1.18 52.52
N HIS C 88 34.45 0.08 51.96
CA HIS C 88 35.23 0.12 50.72
C HIS C 88 34.45 0.82 49.60
N LEU C 89 33.22 0.40 49.36
CA LEU C 89 32.36 1.02 48.35
C LEU C 89 32.15 2.51 48.63
N ARG C 90 31.93 2.86 49.90
CA ARG C 90 31.85 4.28 50.25
C ARG C 90 33.06 4.99 49.66
N LYS C 91 34.27 4.63 50.09
CA LYS C 91 35.51 5.21 49.57
C LYS C 91 35.58 5.13 48.05
N LYS C 92 35.22 3.99 47.47
CA LYS C 92 35.23 3.83 46.02
C LYS C 92 34.34 4.84 45.30
N ALA C 93 33.20 5.22 45.86
CA ALA C 93 32.28 6.11 45.16
C ALA C 93 32.50 7.59 45.47
N TYR C 94 32.75 7.90 46.74
CA TYR C 94 32.81 9.29 47.17
C TYR C 94 34.23 9.76 47.41
N GLY C 95 35.14 8.81 47.63
CA GLY C 95 36.53 9.14 47.90
C GLY C 95 36.76 9.27 49.40
N GLN C 96 35.70 9.10 50.17
CA GLN C 96 35.73 9.19 51.63
C GLN C 96 34.55 8.38 52.17
N PHE C 97 34.57 8.05 53.45
CA PHE C 97 33.47 7.29 54.02
C PHE C 97 32.16 8.08 53.99
N GLU C 98 32.22 9.35 54.35
CA GLU C 98 31.05 10.22 54.38
C GLU C 98 30.48 10.60 53.03
N PRO C 99 29.23 10.21 52.81
CA PRO C 99 28.50 10.49 51.59
C PRO C 99 28.18 11.99 51.50
N PRO C 100 28.38 12.54 50.32
CA PRO C 100 28.09 13.92 50.02
C PRO C 100 26.62 14.24 50.33
N ALA C 101 26.30 15.52 50.25
CA ALA C 101 24.94 16.00 50.44
C ALA C 101 24.09 15.66 49.22
N LEU C 102 22.93 15.10 49.50
CA LEU C 102 21.98 14.68 48.48
C LEU C 102 21.92 15.56 47.25
N TYR C 103 21.61 16.85 47.43
CA TYR C 103 21.54 17.81 46.34
C TYR C 103 22.78 17.83 45.47
N ASP C 104 23.95 18.01 46.08
CA ASP C 104 25.21 18.03 45.33
C ASP C 104 25.34 16.78 44.46
N HIS C 105 25.15 15.62 45.08
CA HIS C 105 25.15 14.33 44.41
C HIS C 105 24.23 14.30 43.20
N VAL C 106 22.93 14.49 43.41
CA VAL C 106 21.95 14.49 42.33
C VAL C 106 22.47 15.35 41.18
N VAL C 107 22.73 16.63 41.47
CA VAL C 107 23.30 17.59 40.52
C VAL C 107 24.42 16.98 39.70
N LYS C 108 25.49 16.53 40.35
CA LYS C 108 26.62 15.89 39.69
C LYS C 108 26.21 14.71 38.80
N MET C 109 25.42 13.79 39.38
CA MET C 109 24.93 12.64 38.65
C MET C 109 24.13 13.03 37.41
N VAL C 110 23.26 14.02 37.55
CA VAL C 110 22.47 14.54 36.44
C VAL C 110 23.38 15.08 35.34
N GLU C 111 24.43 15.81 35.71
CA GLU C 111 25.39 16.36 34.75
C GLU C 111 26.16 15.26 34.03
N MET C 112 26.49 14.19 34.76
CA MET C 112 27.16 13.04 34.15
C MET C 112 26.20 12.19 33.31
N GLY C 113 24.90 12.45 33.41
CA GLY C 113 23.89 11.74 32.65
C GLY C 113 23.59 10.34 33.18
N LYS C 114 23.72 10.17 34.49
CA LYS C 114 23.40 8.87 35.09
C LYS C 114 22.05 8.90 35.78
N TYR C 115 21.61 10.08 36.20
CA TYR C 115 20.28 10.23 36.78
C TYR C 115 19.37 11.02 35.82
N ASP C 116 18.07 10.77 35.89
CA ASP C 116 17.12 11.49 35.05
C ASP C 116 17.14 12.98 35.41
N ASN C 117 17.07 13.86 34.42
CA ASN C 117 17.12 15.29 34.70
C ASN C 117 15.83 15.78 35.34
N HIS C 118 14.70 15.16 35.00
CA HIS C 118 13.40 15.50 35.59
C HIS C 118 13.44 15.66 37.11
N LEU C 119 14.29 14.95 37.83
CA LEU C 119 14.47 15.07 39.26
C LEU C 119 14.78 16.48 39.73
N LEU C 120 15.60 17.19 38.96
CA LEU C 120 15.95 18.57 39.31
C LEU C 120 14.82 19.51 38.95
N GLU C 121 14.05 19.12 37.94
CA GLU C 121 12.85 19.87 37.55
C GLU C 121 11.71 19.65 38.56
N ASP C 122 11.53 18.43 39.06
CA ASP C 122 10.40 18.15 39.95
C ASP C 122 10.67 18.63 41.37
N TYR C 123 11.90 18.52 41.84
CA TYR C 123 12.21 18.91 43.21
C TYR C 123 13.11 20.13 43.27
N THR C 124 12.83 21.03 44.22
CA THR C 124 13.61 22.23 44.40
C THR C 124 14.83 21.93 45.27
N GLU C 125 15.80 22.84 45.28
CA GLU C 125 16.99 22.67 46.10
C GLU C 125 16.63 22.47 47.57
N GLU C 126 15.65 23.21 48.06
CA GLU C 126 15.17 23.14 49.43
C GLU C 126 14.54 21.78 49.71
N GLU C 127 13.79 21.27 48.73
CA GLU C 127 13.16 19.96 48.85
C GLU C 127 14.20 18.87 49.01
N PHE C 128 15.24 18.87 48.17
CA PHE C 128 16.33 17.91 48.29
C PHE C 128 16.98 18.05 49.67
N LYS C 129 17.26 19.27 50.11
CA LYS C 129 17.77 19.51 51.46
C LYS C 129 16.90 18.89 52.54
N GLN C 130 15.58 18.88 52.33
CA GLN C 130 14.67 18.28 53.30
C GLN C 130 14.78 16.76 53.24
N MET C 131 14.74 16.19 52.04
CA MET C 131 14.95 14.75 51.87
C MET C 131 16.20 14.27 52.57
N ASP C 132 17.33 14.95 52.37
CA ASP C 132 18.60 14.63 53.02
C ASP C 132 18.45 14.35 54.51
N THR C 133 17.64 15.14 55.23
CA THR C 133 17.40 14.89 56.65
C THR C 133 16.70 13.57 56.92
N PHE C 134 15.90 13.03 56.00
CA PHE C 134 15.28 11.72 56.18
C PHE C 134 16.34 10.62 56.19
N ILE C 135 17.23 10.64 55.21
CA ILE C 135 18.25 9.63 55.03
C ILE C 135 19.00 9.30 56.32
N ASP C 136 19.23 8.03 56.53
CA ASP C 136 20.07 7.52 57.61
C ASP C 136 21.11 6.59 56.98
N HIS C 137 22.29 7.13 56.70
CA HIS C 137 23.36 6.40 56.05
C HIS C 137 23.89 5.21 56.83
N ASP C 138 23.64 5.17 58.13
CA ASP C 138 23.98 4.06 58.98
C ASP C 138 23.14 2.82 58.77
N ARG C 139 22.07 2.88 57.97
CA ARG C 139 21.27 1.69 57.68
C ARG C 139 22.05 0.71 56.82
N ASP C 140 23.00 1.24 56.05
CA ASP C 140 23.95 0.51 55.25
C ASP C 140 24.68 -0.56 56.05
N MET C 141 24.86 -0.39 57.35
CA MET C 141 25.48 -1.34 58.25
C MET C 141 24.60 -2.52 58.64
N THR C 142 23.35 -2.57 58.21
CA THR C 142 22.49 -3.70 58.55
C THR C 142 22.51 -4.77 57.46
N PHE C 143 23.09 -4.48 56.31
CA PHE C 143 23.16 -5.40 55.20
C PHE C 143 24.00 -6.63 55.51
N SER C 144 23.70 -7.75 54.88
CA SER C 144 24.50 -8.96 55.05
C SER C 144 25.44 -9.05 53.86
N TYR C 145 26.55 -9.78 53.98
CA TYR C 145 27.51 -9.86 52.89
C TYR C 145 26.86 -10.22 51.57
N ALA C 146 26.04 -11.27 51.52
CA ALA C 146 25.37 -11.67 50.29
C ALA C 146 24.58 -10.51 49.70
N ALA C 147 23.78 -9.83 50.51
CA ALA C 147 23.09 -8.62 50.10
C ALA C 147 24.01 -7.59 49.46
N VAL C 148 25.05 -7.16 50.17
CA VAL C 148 25.98 -6.16 49.61
C VAL C 148 26.47 -6.56 48.23
N LYS C 149 26.88 -7.81 48.04
CA LYS C 149 27.23 -8.33 46.72
C LYS C 149 26.14 -8.15 45.68
N GLN C 150 24.87 -8.33 46.02
CA GLN C 150 23.78 -8.14 45.08
C GLN C 150 23.68 -6.66 44.74
N LEU C 151 23.70 -5.82 45.78
CA LEU C 151 23.67 -4.38 45.62
C LEU C 151 24.73 -3.89 44.63
N GLU C 152 25.98 -4.24 44.96
CA GLU C 152 27.15 -3.89 44.17
C GLU C 152 27.06 -4.46 42.77
N GLY C 153 26.55 -5.69 42.67
CA GLY C 153 26.40 -6.39 41.42
C GLY C 153 25.34 -5.93 40.46
N LYS C 154 24.10 -5.65 40.88
CA LYS C 154 23.10 -5.29 39.88
C LYS C 154 22.20 -4.12 40.23
N TYR C 155 22.26 -3.59 41.43
CA TYR C 155 21.40 -2.47 41.81
C TYR C 155 22.06 -1.12 41.66
N LEU C 156 23.13 -0.88 42.40
CA LEU C 156 23.80 0.43 42.37
C LEU C 156 24.09 0.88 40.94
N VAL C 157 24.08 2.20 40.75
CA VAL C 157 24.40 2.83 39.46
C VAL C 157 25.91 2.83 39.28
N GLN C 158 26.36 2.22 38.20
CA GLN C 158 27.81 2.16 37.95
C GLN C 158 28.17 2.21 36.47
N ASN C 159 29.47 2.22 36.21
CA ASN C 159 29.96 2.18 34.83
C ASN C 159 30.49 0.76 34.68
N ARG C 160 29.81 -0.09 33.90
CA ARG C 160 30.16 -1.50 33.81
C ARG C 160 31.47 -1.80 33.08
N VAL C 161 31.79 -0.92 32.13
CA VAL C 161 33.04 -1.01 31.40
C VAL C 161 34.23 -0.72 32.33
N THR C 162 34.24 0.49 32.90
CA THR C 162 35.29 0.95 33.78
C THR C 162 35.23 0.35 35.19
N GLY C 163 34.05 -0.03 35.66
CA GLY C 163 33.91 -0.58 37.00
C GLY C 163 33.65 0.47 38.07
N GLU C 164 33.53 1.75 37.68
CA GLU C 164 33.28 2.80 38.67
C GLU C 164 31.89 2.68 39.30
N ILE C 165 31.79 2.79 40.63
CA ILE C 165 30.49 2.71 41.31
C ILE C 165 30.14 4.13 41.79
N TYR C 166 28.99 4.62 41.35
CA TYR C 166 28.62 6.01 41.58
C TYR C 166 27.73 6.35 42.75
N GLU C 167 27.03 5.41 43.39
CA GLU C 167 26.14 5.75 44.49
C GLU C 167 26.21 4.73 45.62
N SER C 168 25.43 4.98 46.66
CA SER C 168 25.34 4.05 47.78
C SER C 168 23.88 3.73 48.08
N ALA C 169 23.64 2.57 48.68
CA ALA C 169 22.31 2.11 49.00
C ALA C 169 21.31 3.19 49.39
N GLN C 170 21.52 3.98 50.45
CA GLN C 170 20.53 4.96 50.88
C GLN C 170 20.11 5.94 49.80
N PHE C 171 21.01 6.40 48.92
CA PHE C 171 20.63 7.31 47.84
C PHE C 171 19.67 6.60 46.87
N LEU C 172 19.95 5.34 46.58
CA LEU C 172 19.09 4.53 45.73
C LEU C 172 17.65 4.58 46.24
N TYR C 173 17.49 4.17 47.49
CA TYR C 173 16.19 4.12 48.14
C TYR C 173 15.45 5.46 48.11
N ILE C 174 16.08 6.53 48.59
CA ILE C 174 15.46 7.84 48.62
C ILE C 174 15.06 8.36 47.24
N LEU C 175 15.87 8.13 46.22
CA LEU C 175 15.55 8.58 44.87
C LEU C 175 14.51 7.71 44.21
N VAL C 176 14.42 6.43 44.59
CA VAL C 176 13.36 5.56 44.05
C VAL C 176 12.04 6.16 44.56
N ALA C 177 12.01 6.49 45.85
CA ALA C 177 10.83 7.09 46.44
C ALA C 177 10.46 8.39 45.72
N ALA C 178 11.42 9.31 45.70
CA ALA C 178 11.24 10.59 45.03
C ALA C 178 10.59 10.47 43.66
N CYS C 179 11.11 9.61 42.79
CA CYS C 179 10.54 9.45 41.46
C CYS C 179 9.12 8.93 41.47
N LEU C 180 8.85 7.85 42.20
CA LEU C 180 7.51 7.28 42.23
C LEU C 180 6.45 8.23 42.76
N PHE C 181 6.77 9.07 43.74
CA PHE C 181 5.79 10.01 44.28
C PHE C 181 5.98 11.43 43.78
N SER C 182 6.72 11.67 42.71
CA SER C 182 7.02 13.00 42.23
C SER C 182 5.81 13.79 41.76
N ASN C 183 4.74 13.15 41.30
CA ASN C 183 3.56 13.85 40.84
C ASN C 183 2.57 14.19 41.95
N TYR C 184 2.82 13.70 43.16
CA TYR C 184 1.91 13.99 44.27
C TYR C 184 1.89 15.47 44.57
N PRO C 185 0.75 15.94 45.06
CA PRO C 185 0.56 17.33 45.43
C PRO C 185 1.64 17.69 46.44
N ARG C 186 2.10 18.92 46.43
CA ARG C 186 3.19 19.35 47.31
C ARG C 186 2.83 19.22 48.78
N GLU C 187 1.56 19.25 49.14
CA GLU C 187 1.12 19.12 50.51
C GLU C 187 1.23 17.70 51.06
N THR C 188 1.60 16.68 50.29
CA THR C 188 1.73 15.33 50.79
C THR C 188 3.01 14.65 50.33
N ARG C 189 3.40 14.93 49.10
CA ARG C 189 4.53 14.38 48.39
C ARG C 189 5.68 13.83 49.24
N LEU C 190 6.30 14.74 49.98
CA LEU C 190 7.44 14.46 50.84
C LEU C 190 7.13 13.63 52.08
N GLN C 191 5.88 13.68 52.53
CA GLN C 191 5.46 12.86 53.67
C GLN C 191 5.44 11.40 53.20
N TYR C 192 4.92 11.17 52.00
CA TYR C 192 4.97 9.87 51.36
C TYR C 192 6.42 9.45 51.12
N VAL C 193 7.19 10.32 50.46
CA VAL C 193 8.60 10.04 50.20
C VAL C 193 9.27 9.46 51.42
N LYS C 194 9.25 10.18 52.55
CA LYS C 194 9.83 9.69 53.79
C LYS C 194 9.27 8.35 54.21
N ARG C 195 7.95 8.21 54.27
CA ARG C 195 7.31 6.97 54.67
C ARG C 195 7.73 5.77 53.82
N PHE C 196 7.68 5.91 52.50
CA PHE C 196 8.15 4.86 51.61
C PHE C 196 9.61 4.52 51.91
N TYR C 197 10.47 5.53 51.83
CA TYR C 197 11.89 5.36 52.13
C TYR C 197 12.08 4.49 53.37
N ASP C 198 11.53 4.88 54.52
CA ASP C 198 11.61 4.09 55.74
C ASP C 198 11.19 2.64 55.54
N ALA C 199 10.06 2.42 54.88
CA ALA C 199 9.58 1.07 54.59
C ALA C 199 10.62 0.25 53.84
N VAL C 200 11.08 0.71 52.69
CA VAL C 200 12.05 -0.04 51.90
C VAL C 200 13.44 -0.13 52.50
N SER C 201 13.96 0.87 53.21
CA SER C 201 15.32 0.81 53.74
C SER C 201 15.43 -0.02 55.00
N THR C 202 14.29 -0.34 55.61
CA THR C 202 14.28 -1.17 56.80
C THR C 202 13.66 -2.51 56.44
N PHE C 203 13.74 -2.85 55.15
CA PHE C 203 13.35 -4.07 54.51
C PHE C 203 11.92 -4.57 54.70
N LYS C 204 10.97 -3.69 54.94
CA LYS C 204 9.57 -4.05 55.14
C LYS C 204 8.95 -4.40 53.79
N ILE C 205 9.18 -3.52 52.82
CA ILE C 205 8.69 -3.77 51.46
C ILE C 205 9.87 -4.12 50.56
N SER C 206 9.69 -5.07 49.66
CA SER C 206 10.77 -5.47 48.77
C SER C 206 10.39 -5.12 47.34
N LEU C 207 11.37 -4.69 46.56
CA LEU C 207 11.07 -4.31 45.17
C LEU C 207 11.90 -5.11 44.18
N PRO C 208 11.32 -5.40 43.03
CA PRO C 208 11.93 -6.13 41.94
C PRO C 208 13.17 -5.47 41.37
N THR C 209 14.01 -6.26 40.70
CA THR C 209 15.27 -5.75 40.18
C THR C 209 15.22 -4.60 39.21
N PRO C 210 14.39 -4.66 38.18
CA PRO C 210 14.20 -3.62 37.19
C PRO C 210 13.99 -2.24 37.80
N ILE C 211 13.05 -2.18 38.74
CA ILE C 211 12.77 -0.96 39.48
C ILE C 211 14.00 -0.48 40.24
N MET C 212 14.51 -1.29 41.15
CA MET C 212 15.67 -0.96 41.95
C MET C 212 16.87 -0.50 41.15
N SER C 213 17.17 -1.16 40.03
CA SER C 213 18.31 -0.79 39.21
C SER C 213 18.02 0.35 38.25
N GLY C 214 16.76 0.63 37.90
CA GLY C 214 16.44 1.66 36.93
C GLY C 214 15.80 2.96 37.38
N VAL C 215 14.76 2.90 38.21
CA VAL C 215 14.04 4.07 38.68
C VAL C 215 14.97 5.08 39.33
N ARG C 216 15.18 6.20 38.66
CA ARG C 216 16.05 7.29 39.06
C ARG C 216 17.02 7.61 37.91
N THR C 217 17.09 6.70 36.95
CA THR C 217 17.96 6.87 35.79
C THR C 217 17.10 7.19 34.58
N PRO C 218 17.73 7.67 33.52
CA PRO C 218 17.11 8.01 32.26
C PRO C 218 16.19 7.00 31.62
N THR C 219 16.35 5.69 31.79
CA THR C 219 15.48 4.69 31.21
C THR C 219 14.04 4.73 31.72
N ARG C 220 13.15 4.11 30.96
CA ARG C 220 11.73 4.04 31.30
C ARG C 220 11.18 2.63 31.22
N GLN C 221 12.02 1.66 30.85
CA GLN C 221 11.62 0.26 30.73
C GLN C 221 11.71 -0.45 32.09
N PHE C 222 10.56 -0.85 32.65
CA PHE C 222 10.58 -1.48 33.97
C PHE C 222 9.79 -2.77 34.10
N SER C 223 9.15 -3.26 33.03
CA SER C 223 8.36 -4.50 33.19
C SER C 223 9.24 -5.73 32.99
N SER C 224 9.08 -6.71 33.87
CA SER C 224 9.88 -7.93 33.81
C SER C 224 9.20 -9.07 33.07
N CYS C 225 7.87 -9.20 33.14
CA CYS C 225 7.27 -10.29 32.37
C CYS C 225 6.04 -9.79 31.64
N VAL C 226 5.79 -10.42 30.49
CA VAL C 226 4.71 -10.07 29.58
C VAL C 226 3.90 -11.31 29.24
N LEU C 227 2.64 -11.14 28.89
CA LEU C 227 1.75 -12.24 28.50
C LEU C 227 1.14 -11.96 27.13
N ILE C 228 1.47 -12.77 26.12
CA ILE C 228 0.91 -12.59 24.79
C ILE C 228 0.06 -13.77 24.37
N GLU C 229 -1.16 -13.49 23.90
CA GLU C 229 -2.03 -14.56 23.42
C GLU C 229 -2.01 -14.54 21.90
N CYS C 230 -1.75 -15.68 21.28
CA CYS C 230 -1.59 -15.74 19.83
C CYS C 230 -2.85 -16.29 19.18
N GLY C 231 -3.23 -15.68 18.06
CA GLY C 231 -4.40 -16.11 17.30
C GLY C 231 -4.04 -17.19 16.28
N ASP C 232 -5.05 -17.84 15.71
CA ASP C 232 -4.81 -18.91 14.74
C ASP C 232 -4.72 -18.36 13.32
N SER C 233 -3.79 -17.44 13.08
CA SER C 233 -3.65 -16.82 11.77
C SER C 233 -2.22 -16.35 11.53
N LEU C 234 -1.75 -16.44 10.29
CA LEU C 234 -0.38 -15.99 9.98
C LEU C 234 -0.19 -14.54 10.44
N ASP C 235 -1.16 -13.67 10.18
CA ASP C 235 -1.11 -12.29 10.67
C ASP C 235 -0.84 -12.19 12.17
N SER C 236 -1.58 -12.94 12.99
CA SER C 236 -1.40 -12.93 14.44
C SER C 236 -0.11 -13.61 14.88
N ILE C 237 0.30 -14.70 14.24
CA ILE C 237 1.56 -15.35 14.60
C ILE C 237 2.68 -14.32 14.46
N ASN C 238 2.74 -13.70 13.30
CA ASN C 238 3.74 -12.68 13.00
C ASN C 238 3.75 -11.57 14.04
N ALA C 239 2.58 -11.04 14.36
CA ALA C 239 2.47 -9.98 15.37
C ALA C 239 3.06 -10.45 16.69
N THR C 240 2.57 -11.59 17.16
CA THR C 240 3.05 -12.20 18.40
C THR C 240 4.58 -12.21 18.39
N SER C 241 5.14 -12.95 17.44
CA SER C 241 6.58 -13.05 17.29
C SER C 241 7.22 -11.67 17.32
N SER C 242 6.73 -10.69 16.60
CA SER C 242 7.30 -9.34 16.64
C SER C 242 7.32 -8.83 18.09
N ALA C 243 6.17 -8.87 18.77
CA ALA C 243 6.11 -8.41 20.16
C ALA C 243 7.20 -9.05 20.99
N ILE C 244 7.30 -10.38 20.99
CA ILE C 244 8.31 -11.10 21.75
C ILE C 244 9.70 -10.50 21.55
N VAL C 245 10.11 -10.34 20.29
CA VAL C 245 11.43 -9.77 20.01
C VAL C 245 11.58 -8.41 20.66
N LYS C 246 10.59 -7.54 20.55
CA LYS C 246 10.65 -6.25 21.23
C LYS C 246 10.89 -6.43 22.73
N TYR C 247 10.02 -7.17 23.40
CA TYR C 247 10.10 -7.37 24.82
C TYR C 247 11.29 -8.15 25.34
N VAL C 248 11.81 -9.16 24.66
CA VAL C 248 12.97 -9.90 25.16
C VAL C 248 14.23 -9.03 25.13
N SER C 249 14.24 -8.03 24.25
CA SER C 249 15.34 -7.10 24.11
C SER C 249 15.46 -6.19 25.32
N GLN C 250 14.40 -6.08 26.11
CA GLN C 250 14.34 -5.31 27.33
C GLN C 250 14.38 -6.28 28.52
N ARG C 251 14.98 -7.45 28.31
CA ARG C 251 15.20 -8.45 29.33
C ARG C 251 13.92 -8.90 30.02
N ALA C 252 12.84 -9.08 29.26
CA ALA C 252 11.58 -9.49 29.87
C ALA C 252 11.30 -10.97 29.67
N GLY C 253 10.72 -11.57 30.69
CA GLY C 253 10.33 -12.98 30.64
C GLY C 253 8.99 -13.03 29.90
N ILE C 254 8.79 -14.02 29.03
CA ILE C 254 7.59 -14.08 28.22
C ILE C 254 6.68 -15.24 28.59
N GLY C 255 5.38 -15.06 28.43
CA GLY C 255 4.41 -16.14 28.67
C GLY C 255 3.51 -16.18 27.44
N ILE C 256 3.58 -17.24 26.66
CA ILE C 256 2.86 -17.32 25.39
C ILE C 256 1.69 -18.29 25.39
N ASN C 257 0.54 -17.90 24.85
CA ASN C 257 -0.60 -18.81 24.74
C ASN C 257 -0.77 -19.13 23.26
N ALA C 258 -0.39 -20.34 22.88
CA ALA C 258 -0.48 -20.74 21.47
C ALA C 258 -1.41 -21.93 21.30
N GLY C 259 -2.42 -22.00 22.15
CA GLY C 259 -3.39 -23.09 22.14
C GLY C 259 -4.33 -23.04 20.95
N ARG C 260 -4.58 -21.88 20.37
CA ARG C 260 -5.54 -21.79 19.27
C ARG C 260 -4.94 -22.26 17.95
N ILE C 261 -3.64 -22.24 17.77
CA ILE C 261 -3.06 -22.69 16.50
C ILE C 261 -3.52 -24.11 16.17
N ARG C 262 -4.14 -24.27 14.99
CA ARG C 262 -4.68 -25.57 14.59
C ARG C 262 -3.67 -26.70 14.50
N ALA C 263 -4.20 -27.92 14.36
CA ALA C 263 -3.40 -29.13 14.36
C ALA C 263 -2.87 -29.54 12.99
N LEU C 264 -1.74 -30.27 13.00
CA LEU C 264 -1.17 -30.74 11.75
C LEU C 264 -2.18 -31.61 11.03
N GLY C 265 -2.28 -31.39 9.72
CA GLY C 265 -3.22 -32.17 8.91
C GLY C 265 -4.46 -31.33 8.62
N SER C 266 -4.76 -30.37 9.49
CA SER C 266 -5.91 -29.50 9.34
C SER C 266 -5.91 -28.76 8.02
N PRO C 267 -7.08 -28.66 7.40
CA PRO C 267 -7.29 -28.00 6.14
C PRO C 267 -7.11 -26.49 6.14
N ILE C 268 -6.40 -25.96 5.14
CA ILE C 268 -6.18 -24.52 5.00
C ILE C 268 -6.78 -23.97 3.70
N ARG C 269 -7.60 -22.93 3.85
CA ARG C 269 -8.25 -22.23 2.74
C ARG C 269 -9.41 -22.98 2.09
N GLY C 270 -9.62 -24.25 2.38
CA GLY C 270 -10.66 -25.07 1.78
C GLY C 270 -10.10 -26.50 1.72
N GLY C 271 -9.55 -26.86 0.57
CA GLY C 271 -8.89 -28.17 0.45
C GLY C 271 -7.63 -27.92 -0.40
N GLU C 272 -7.38 -26.62 -0.56
CA GLU C 272 -6.27 -26.15 -1.35
C GLU C 272 -4.93 -26.26 -0.66
N ALA C 273 -4.87 -26.59 0.63
CA ALA C 273 -3.60 -26.71 1.33
C ALA C 273 -3.86 -27.29 2.71
N PHE C 274 -2.95 -28.15 3.18
CA PHE C 274 -3.17 -28.77 4.49
C PHE C 274 -2.10 -28.26 5.47
N HIS C 275 -2.56 -27.84 6.65
CA HIS C 275 -1.71 -27.33 7.72
C HIS C 275 -0.47 -28.20 7.94
N THR C 276 0.58 -27.52 8.39
CA THR C 276 1.89 -28.08 8.59
C THR C 276 2.20 -28.57 9.99
N GLY C 277 1.54 -28.03 11.01
CA GLY C 277 1.78 -28.40 12.39
C GLY C 277 1.98 -27.15 13.25
N CYS C 278 2.02 -27.32 14.55
CA CYS C 278 2.25 -26.21 15.47
C CYS C 278 3.76 -26.10 15.67
N ILE C 279 4.39 -27.28 15.73
CA ILE C 279 5.83 -27.36 15.94
C ILE C 279 6.62 -26.30 15.22
N PRO C 280 6.56 -26.24 13.90
CA PRO C 280 7.22 -25.25 13.07
C PRO C 280 7.05 -23.85 13.62
N PHE C 281 5.87 -23.47 14.09
CA PHE C 281 5.66 -22.16 14.69
C PHE C 281 6.28 -22.05 16.08
N TYR C 282 6.19 -23.11 16.89
CA TYR C 282 6.79 -23.07 18.24
C TYR C 282 8.28 -22.79 18.09
N LYS C 283 8.93 -23.46 17.16
CA LYS C 283 10.35 -23.25 16.88
C LYS C 283 10.59 -21.79 16.53
N HIS C 284 9.67 -21.18 15.77
CA HIS C 284 9.76 -19.79 15.38
C HIS C 284 9.57 -18.86 16.57
N PHE C 285 8.76 -19.26 17.54
CA PHE C 285 8.58 -18.46 18.75
C PHE C 285 9.83 -18.61 19.62
N GLN C 286 10.52 -19.75 19.52
CA GLN C 286 11.74 -19.95 20.30
C GLN C 286 12.82 -18.99 19.83
N THR C 287 13.07 -19.01 18.52
CA THR C 287 14.03 -18.12 17.90
C THR C 287 13.70 -16.66 18.20
N ALA C 288 12.42 -16.31 18.23
CA ALA C 288 12.03 -14.96 18.61
C ALA C 288 12.53 -14.66 20.03
N VAL C 289 12.21 -15.54 20.96
CA VAL C 289 12.60 -15.42 22.35
C VAL C 289 14.10 -15.32 22.56
N LYS C 290 14.87 -16.14 21.87
CA LYS C 290 16.33 -16.17 22.01
C LYS C 290 17.04 -15.20 21.09
N SER C 291 16.31 -14.38 20.34
CA SER C 291 16.86 -13.41 19.40
C SER C 291 17.94 -12.51 19.97
N CYS C 292 17.89 -12.14 21.25
CA CYS C 292 18.89 -11.26 21.84
C CYS C 292 19.72 -11.90 22.93
N SER C 293 20.16 -13.14 22.73
CA SER C 293 20.97 -13.85 23.73
C SER C 293 22.35 -14.15 23.19
N GLN C 294 23.30 -14.63 24.00
CA GLN C 294 24.64 -14.87 23.42
C GLN C 294 24.67 -16.20 22.68
N GLY C 295 24.65 -16.10 21.34
CA GLY C 295 24.63 -17.25 20.45
C GLY C 295 23.19 -17.68 20.13
N GLY C 296 22.56 -18.22 21.17
CA GLY C 296 21.18 -18.70 21.11
C GLY C 296 20.99 -19.44 22.45
N VAL C 297 21.69 -18.94 23.47
CA VAL C 297 21.66 -19.57 24.78
C VAL C 297 21.21 -18.69 25.95
N ARG C 298 22.06 -17.75 26.28
CA ARG C 298 21.96 -16.88 27.43
C ARG C 298 20.79 -15.92 27.55
N GLY C 299 19.83 -16.32 28.40
CA GLY C 299 18.72 -15.41 28.68
C GLY C 299 17.50 -15.60 27.78
N GLY C 300 16.48 -14.80 28.09
CA GLY C 300 15.21 -14.87 27.36
C GLY C 300 14.52 -16.18 27.71
N ALA C 301 13.60 -16.11 28.67
CA ALA C 301 12.88 -17.32 29.03
C ALA C 301 11.41 -17.13 28.63
N ALA C 302 10.76 -18.23 28.30
CA ALA C 302 9.36 -18.17 27.92
C ALA C 302 8.69 -19.47 28.33
N THR C 303 7.39 -19.42 28.56
CA THR C 303 6.59 -20.57 28.94
C THR C 303 5.37 -20.60 28.03
N LEU C 304 5.20 -21.67 27.26
CA LEU C 304 4.11 -21.75 26.31
C LEU C 304 2.97 -22.62 26.83
N PHE C 305 1.73 -22.19 26.58
CA PHE C 305 0.56 -22.89 27.06
C PHE C 305 -0.30 -23.47 25.93
N TYR C 306 -0.92 -24.61 26.21
CA TYR C 306 -1.83 -25.27 25.28
C TYR C 306 -2.76 -26.18 26.06
N PRO C 307 -3.96 -26.38 25.58
CA PRO C 307 -4.96 -27.23 26.21
C PRO C 307 -4.53 -28.69 26.17
N MET C 308 -4.98 -29.53 27.10
CA MET C 308 -4.58 -30.92 27.10
C MET C 308 -5.32 -31.75 26.06
N TRP C 309 -6.45 -31.24 25.56
CA TRP C 309 -7.22 -31.93 24.54
C TRP C 309 -6.81 -31.54 23.13
N HIS C 310 -5.79 -30.68 22.98
CA HIS C 310 -5.35 -30.32 21.63
C HIS C 310 -5.04 -31.62 20.89
N LEU C 311 -5.24 -31.65 19.57
CA LEU C 311 -4.98 -32.86 18.80
C LEU C 311 -3.52 -33.27 18.72
N GLU C 312 -2.59 -32.34 18.87
CA GLU C 312 -1.17 -32.61 18.77
C GLU C 312 -0.54 -32.81 20.14
N VAL C 313 -1.33 -32.82 21.20
CA VAL C 313 -0.88 -32.91 22.58
C VAL C 313 0.20 -33.93 22.87
N GLU C 314 0.08 -35.14 22.34
CA GLU C 314 1.12 -36.15 22.54
C GLU C 314 2.45 -35.74 21.93
N SER C 315 2.47 -34.96 20.85
CA SER C 315 3.70 -34.48 20.25
C SER C 315 4.24 -33.26 21.00
N LEU C 316 3.35 -32.50 21.62
CA LEU C 316 3.75 -31.29 22.34
C LEU C 316 4.39 -31.64 23.67
N LEU C 317 3.80 -32.56 24.40
CA LEU C 317 4.29 -33.04 25.69
C LEU C 317 5.76 -33.45 25.71
N VAL C 318 6.27 -34.08 24.65
CA VAL C 318 7.66 -34.52 24.61
C VAL C 318 8.58 -33.59 23.83
N LEU C 319 8.27 -32.29 23.84
CA LEU C 319 9.08 -31.30 23.13
C LEU C 319 10.41 -31.07 23.81
N LYS C 320 10.51 -31.38 25.11
CA LYS C 320 11.77 -31.19 25.80
C LYS C 320 12.53 -32.52 25.88
N ASN C 321 11.85 -33.66 25.82
CA ASN C 321 12.56 -34.94 25.90
C ASN C 321 13.79 -34.86 25.01
N ASN C 322 14.99 -34.93 25.59
CA ASN C 322 16.22 -34.81 24.81
C ASN C 322 16.36 -35.89 23.75
N ARG C 323 16.00 -37.12 24.10
CA ARG C 323 16.17 -38.25 23.19
C ARG C 323 15.17 -38.27 22.04
N GLY C 324 15.47 -37.57 20.95
CA GLY C 324 14.56 -37.57 19.81
C GLY C 324 15.05 -36.76 18.63
N VAL C 325 14.37 -36.92 17.50
CA VAL C 325 14.72 -36.19 16.28
C VAL C 325 14.60 -34.68 16.49
N GLU C 326 15.64 -33.95 16.09
CA GLU C 326 15.68 -32.49 16.20
C GLU C 326 14.44 -31.84 15.61
N GLY C 327 14.01 -32.31 14.43
CA GLY C 327 12.78 -31.89 13.78
C GLY C 327 11.54 -31.79 14.66
N ASN C 328 11.34 -32.71 15.61
CA ASN C 328 10.19 -32.63 16.50
C ASN C 328 10.58 -32.26 17.92
N ARG C 329 11.45 -31.27 18.07
CA ARG C 329 11.91 -30.84 19.39
C ARG C 329 12.09 -29.33 19.54
N VAL C 330 11.45 -28.74 20.54
CA VAL C 330 11.65 -27.32 20.85
C VAL C 330 12.15 -27.33 22.29
N ARG C 331 13.45 -27.60 22.46
CA ARG C 331 14.01 -27.81 23.78
C ARG C 331 14.16 -26.64 24.73
N HIS C 332 14.33 -25.41 24.26
CA HIS C 332 14.63 -24.30 25.18
C HIS C 332 13.45 -23.48 25.61
N MET C 333 12.29 -24.06 25.86
CA MET C 333 11.12 -23.31 26.32
C MET C 333 10.34 -24.16 27.32
N ASP C 334 9.75 -23.58 28.35
CA ASP C 334 8.97 -24.39 29.29
C ASP C 334 7.54 -24.45 28.80
N TYR C 335 6.77 -25.48 29.15
CA TYR C 335 5.40 -25.61 28.66
C TYR C 335 4.38 -25.73 29.79
N GLY C 336 3.16 -25.25 29.55
CA GLY C 336 2.12 -25.33 30.56
C GLY C 336 0.88 -26.03 30.00
N VAL C 337 0.54 -27.18 30.54
CA VAL C 337 -0.63 -27.92 30.05
C VAL C 337 -1.86 -27.46 30.82
N GLN C 338 -2.91 -27.07 30.10
CA GLN C 338 -4.15 -26.58 30.69
C GLN C 338 -5.16 -27.68 30.93
N ILE C 339 -5.60 -27.88 32.16
CA ILE C 339 -6.51 -28.96 32.50
C ILE C 339 -7.75 -28.41 33.18
N ASN C 340 -8.86 -29.14 33.08
CA ASN C 340 -10.08 -28.73 33.76
C ASN C 340 -10.71 -29.97 34.41
N LYS C 341 -11.78 -29.71 35.14
CA LYS C 341 -12.48 -30.76 35.88
C LYS C 341 -12.79 -31.99 35.05
N LEU C 342 -13.39 -31.83 33.88
CA LEU C 342 -13.73 -32.96 33.01
C LEU C 342 -12.55 -33.88 32.75
N MET C 343 -11.41 -33.34 32.36
CA MET C 343 -10.20 -34.13 32.13
C MET C 343 -9.84 -35.00 33.31
N TYR C 344 -9.81 -34.46 34.53
CA TYR C 344 -9.50 -35.27 35.71
C TYR C 344 -10.55 -36.37 35.91
N THR C 345 -11.81 -36.04 35.69
CA THR C 345 -12.89 -37.00 35.84
C THR C 345 -12.71 -38.23 34.95
N ARG C 346 -12.43 -38.00 33.68
CA ARG C 346 -12.09 -39.09 32.77
C ARG C 346 -11.00 -39.98 33.36
N LEU C 347 -9.98 -39.42 33.98
CA LEU C 347 -8.89 -40.18 34.58
C LEU C 347 -9.37 -41.08 35.72
N LEU C 348 -10.25 -40.56 36.56
CA LEU C 348 -10.71 -41.30 37.74
C LEU C 348 -11.61 -42.46 37.35
N LYS C 349 -12.50 -42.24 36.40
CA LYS C 349 -13.39 -43.27 35.87
C LYS C 349 -12.67 -44.23 34.93
N GLY C 350 -11.41 -43.98 34.59
CA GLY C 350 -10.61 -44.82 33.71
C GLY C 350 -11.08 -44.78 32.27
N GLU C 351 -11.76 -43.72 31.86
CA GLU C 351 -12.26 -43.64 30.49
C GLU C 351 -11.21 -43.08 29.54
N ASP C 352 -11.67 -42.65 28.38
CA ASP C 352 -10.83 -42.09 27.34
C ASP C 352 -10.98 -40.57 27.25
N ILE C 353 -9.99 -39.95 26.61
CA ILE C 353 -10.00 -38.51 26.37
C ILE C 353 -10.04 -38.30 24.86
N THR C 354 -10.90 -37.40 24.40
CA THR C 354 -10.96 -37.15 22.96
C THR C 354 -10.16 -35.91 22.60
N LEU C 355 -9.24 -36.01 21.65
CA LEU C 355 -8.41 -34.88 21.23
C LEU C 355 -8.98 -34.21 19.99
N PHE C 356 -9.07 -32.88 20.00
CA PHE C 356 -9.58 -32.15 18.85
C PHE C 356 -8.67 -31.00 18.39
N SER C 357 -8.88 -30.58 17.14
CA SER C 357 -8.20 -29.39 16.64
C SER C 357 -9.16 -28.26 16.97
N PRO C 358 -8.66 -27.22 17.60
CA PRO C 358 -9.43 -26.05 18.00
C PRO C 358 -10.31 -25.55 16.85
N SER C 359 -9.73 -25.46 15.66
CA SER C 359 -10.42 -25.04 14.46
C SER C 359 -11.70 -25.80 14.12
N ASP C 360 -11.74 -27.11 14.31
CA ASP C 360 -12.90 -27.91 13.98
C ASP C 360 -14.00 -27.98 15.03
N VAL C 361 -13.91 -27.41 16.22
CA VAL C 361 -14.98 -27.53 17.21
C VAL C 361 -15.40 -26.16 17.75
N PRO C 362 -16.30 -25.52 17.03
CA PRO C 362 -16.75 -24.16 17.30
C PRO C 362 -17.23 -23.98 18.72
N GLY C 363 -16.75 -22.93 19.39
CA GLY C 363 -17.11 -22.61 20.75
C GLY C 363 -16.52 -23.45 21.86
N LEU C 364 -15.72 -24.46 21.55
CA LEU C 364 -15.14 -25.33 22.57
C LEU C 364 -14.03 -24.63 23.34
N TYR C 365 -13.08 -24.02 22.62
CA TYR C 365 -11.97 -23.33 23.26
C TYR C 365 -12.46 -22.28 24.25
N ASP C 366 -13.36 -21.41 23.82
CA ASP C 366 -13.91 -20.37 24.68
C ASP C 366 -14.59 -20.92 25.92
N ALA C 367 -15.38 -21.99 25.76
CA ALA C 367 -16.12 -22.58 26.88
C ALA C 367 -15.16 -23.13 27.91
N PHE C 368 -14.11 -23.79 27.45
CA PHE C 368 -13.06 -24.39 28.26
C PHE C 368 -12.64 -23.51 29.43
N PHE C 369 -12.42 -22.22 29.18
CA PHE C 369 -12.09 -21.26 30.22
C PHE C 369 -13.31 -20.63 30.89
N ALA C 370 -14.27 -20.13 30.12
CA ALA C 370 -15.39 -19.38 30.64
C ALA C 370 -16.56 -20.14 31.24
N ASP C 371 -16.99 -21.27 30.69
CA ASP C 371 -18.16 -21.96 31.24
C ASP C 371 -18.03 -23.47 31.22
N GLN C 372 -17.83 -24.08 32.39
CA GLN C 372 -17.62 -25.54 32.43
C GLN C 372 -18.83 -26.33 31.99
N GLU C 373 -20.04 -25.87 32.33
CA GLU C 373 -21.27 -26.52 31.92
C GLU C 373 -21.30 -26.67 30.40
N GLU C 374 -21.17 -25.53 29.72
CA GLU C 374 -21.19 -25.44 28.26
C GLU C 374 -20.06 -26.25 27.65
N PHE C 375 -18.87 -26.14 28.24
CA PHE C 375 -17.72 -26.90 27.73
C PHE C 375 -18.10 -28.37 27.63
N GLU C 376 -18.51 -28.91 28.79
CA GLU C 376 -19.02 -30.27 28.86
C GLU C 376 -20.06 -30.59 27.80
N ARG C 377 -21.10 -29.76 27.72
CA ARG C 377 -22.15 -29.93 26.72
C ARG C 377 -21.60 -30.08 25.31
N LEU C 378 -20.82 -29.11 24.84
CA LEU C 378 -20.22 -29.17 23.52
C LEU C 378 -19.23 -30.33 23.39
N TYR C 379 -18.39 -30.55 24.40
CA TYR C 379 -17.40 -31.62 24.35
C TYR C 379 -18.04 -32.99 24.10
N THR C 380 -19.12 -33.29 24.82
CA THR C 380 -19.85 -34.54 24.61
C THR C 380 -20.42 -34.57 23.20
N LYS C 381 -21.20 -33.56 22.82
CA LYS C 381 -21.77 -33.46 21.49
C LYS C 381 -20.74 -33.73 20.40
N TYR C 382 -19.63 -33.00 20.38
CA TYR C 382 -18.58 -33.20 19.40
C TYR C 382 -17.96 -34.59 19.45
N GLU C 383 -17.86 -35.21 20.62
CA GLU C 383 -17.34 -36.57 20.71
C GLU C 383 -18.10 -37.52 19.79
N LYS C 384 -19.43 -37.44 19.81
CA LYS C 384 -20.26 -38.27 18.96
C LYS C 384 -20.23 -37.82 17.50
N ASP C 385 -20.38 -36.54 17.23
CA ASP C 385 -20.36 -36.01 15.87
C ASP C 385 -19.26 -36.67 15.03
N ASP C 386 -19.65 -37.48 14.04
CA ASP C 386 -18.67 -38.19 13.23
C ASP C 386 -17.92 -37.35 12.21
N SER C 387 -18.54 -36.26 11.75
CA SER C 387 -17.89 -35.36 10.81
C SER C 387 -16.61 -34.78 11.38
N ILE C 388 -16.59 -34.47 12.67
CA ILE C 388 -15.41 -33.92 13.33
C ILE C 388 -14.24 -34.90 13.35
N ARG C 389 -13.09 -34.43 12.90
CA ARG C 389 -11.87 -35.23 12.98
C ARG C 389 -11.48 -35.31 14.46
N LYS C 390 -11.08 -36.46 14.95
CA LYS C 390 -10.75 -36.59 16.37
C LYS C 390 -9.88 -37.81 16.61
N GLN C 391 -9.39 -37.99 17.83
CA GLN C 391 -8.58 -39.17 18.15
C GLN C 391 -8.71 -39.46 19.64
N ARG C 392 -8.89 -40.72 20.00
CA ARG C 392 -9.11 -41.10 21.40
C ARG C 392 -7.83 -41.61 22.08
N VAL C 393 -7.62 -41.23 23.33
CA VAL C 393 -6.50 -41.78 24.08
C VAL C 393 -7.00 -42.17 25.47
N LYS C 394 -6.35 -43.16 26.05
CA LYS C 394 -6.72 -43.53 27.41
C LYS C 394 -6.32 -42.39 28.35
N ALA C 395 -7.23 -41.95 29.19
CA ALA C 395 -6.94 -40.86 30.13
C ALA C 395 -5.63 -41.11 30.89
N VAL C 396 -5.50 -42.34 31.41
CA VAL C 396 -4.34 -42.81 32.13
C VAL C 396 -3.03 -42.69 31.34
N GLU C 397 -3.02 -43.00 30.06
CA GLU C 397 -1.78 -42.89 29.30
C GLU C 397 -1.37 -41.42 29.15
N LEU C 398 -2.35 -40.62 28.71
CA LEU C 398 -2.09 -39.18 28.54
C LEU C 398 -1.52 -38.61 29.84
N PHE C 399 -2.27 -38.70 30.94
CA PHE C 399 -1.76 -38.18 32.21
C PHE C 399 -0.37 -38.72 32.51
N SER C 400 -0.17 -40.03 32.44
CA SER C 400 1.12 -40.66 32.72
C SER C 400 2.23 -40.01 31.92
N LEU C 401 2.04 -39.85 30.63
CA LEU C 401 3.02 -39.22 29.75
C LEU C 401 3.39 -37.80 30.18
N MET C 402 2.39 -37.02 30.58
CA MET C 402 2.61 -35.66 31.04
C MET C 402 3.41 -35.65 32.34
N MET C 403 2.99 -36.44 33.33
CA MET C 403 3.70 -36.51 34.60
C MET C 403 5.13 -36.99 34.41
N GLN C 404 5.30 -38.00 33.57
CA GLN C 404 6.61 -38.54 33.23
C GLN C 404 7.54 -37.43 32.77
N GLU C 405 7.16 -36.75 31.68
CA GLU C 405 7.90 -35.61 31.17
C GLU C 405 8.05 -34.52 32.23
N ARG C 406 7.03 -34.29 33.05
CA ARG C 406 7.15 -33.29 34.10
C ARG C 406 8.28 -33.71 35.05
N ALA C 407 8.25 -34.97 35.47
CA ALA C 407 9.25 -35.50 36.38
C ALA C 407 10.65 -35.47 35.77
N SER C 408 10.82 -35.98 34.56
CA SER C 408 12.10 -36.01 33.89
C SER C 408 12.77 -34.64 33.77
N THR C 409 12.03 -33.66 33.28
CA THR C 409 12.57 -32.32 33.08
C THR C 409 12.31 -31.37 34.25
N GLY C 410 11.16 -31.51 34.89
CA GLY C 410 10.80 -30.64 36.01
C GLY C 410 10.20 -29.32 35.52
N ARG C 411 10.03 -29.18 34.22
CA ARG C 411 9.59 -27.97 33.57
C ARG C 411 8.32 -28.18 32.74
N ILE C 412 7.49 -29.13 33.13
CA ILE C 412 6.21 -29.31 32.43
C ILE C 412 5.15 -28.89 33.45
N TYR C 413 4.59 -27.69 33.26
CA TYR C 413 3.74 -27.05 34.25
C TYR C 413 2.25 -27.29 34.03
N ILE C 414 1.49 -27.18 35.12
CA ILE C 414 0.04 -27.39 35.07
C ILE C 414 -0.75 -26.15 35.43
N GLN C 415 -1.83 -25.93 34.68
CA GLN C 415 -2.72 -24.81 34.95
C GLN C 415 -4.19 -25.23 34.94
N ASN C 416 -4.85 -25.19 36.08
CA ASN C 416 -6.25 -25.56 36.18
C ASN C 416 -7.11 -24.35 35.80
N VAL C 417 -7.45 -24.30 34.52
CA VAL C 417 -8.21 -23.21 33.93
C VAL C 417 -9.52 -22.94 34.65
N ASP C 418 -10.29 -23.98 34.93
CA ASP C 418 -11.58 -23.79 35.59
C ASP C 418 -11.40 -23.01 36.89
N HIS C 419 -10.58 -23.52 37.80
CA HIS C 419 -10.26 -22.79 39.01
C HIS C 419 -9.86 -21.36 38.69
N CYS C 420 -8.96 -21.13 37.75
CA CYS C 420 -8.56 -19.79 37.35
C CYS C 420 -9.69 -18.84 37.01
N ASN C 421 -10.82 -19.31 36.50
CA ASN C 421 -11.93 -18.42 36.14
C ASN C 421 -13.13 -18.47 37.06
N THR C 422 -13.31 -19.51 37.88
CA THR C 422 -14.43 -19.56 38.82
C THR C 422 -14.11 -18.78 40.09
N HIS C 423 -12.84 -18.76 40.47
CA HIS C 423 -12.38 -18.04 41.66
C HIS C 423 -11.35 -16.98 41.25
N SER C 424 -11.86 -15.95 40.58
CA SER C 424 -10.99 -14.86 40.11
C SER C 424 -11.67 -13.52 40.33
N PRO C 425 -10.94 -12.46 40.09
CA PRO C 425 -11.40 -11.10 40.16
C PRO C 425 -12.17 -10.68 38.92
N PHE C 426 -12.03 -11.40 37.81
CA PHE C 426 -12.67 -11.04 36.56
C PHE C 426 -13.89 -11.88 36.21
N ASP C 427 -14.78 -11.32 35.40
CA ASP C 427 -15.95 -12.00 34.88
C ASP C 427 -15.53 -12.73 33.61
N PRO C 428 -15.62 -14.05 33.63
CA PRO C 428 -15.18 -14.93 32.57
C PRO C 428 -15.85 -14.66 31.24
N ALA C 429 -17.12 -14.26 31.29
CA ALA C 429 -17.84 -13.92 30.06
C ALA C 429 -17.26 -12.69 29.38
N ILE C 430 -16.79 -11.71 30.16
CA ILE C 430 -16.23 -10.49 29.58
C ILE C 430 -14.71 -10.56 29.43
N ALA C 431 -13.99 -11.01 30.45
CA ALA C 431 -12.53 -11.07 30.35
C ALA C 431 -11.97 -12.24 31.14
N PRO C 432 -11.86 -13.38 30.46
CA PRO C 432 -11.41 -14.63 31.02
C PRO C 432 -9.89 -14.69 31.09
N VAL C 433 -9.39 -15.45 32.06
CA VAL C 433 -7.93 -15.65 32.16
C VAL C 433 -7.63 -16.94 31.40
N ARG C 434 -6.76 -16.89 30.39
CA ARG C 434 -6.50 -18.07 29.57
C ARG C 434 -5.03 -18.42 29.38
N GLN C 435 -4.17 -18.17 30.36
CA GLN C 435 -2.75 -18.45 30.23
C GLN C 435 -2.09 -17.90 31.49
N SER C 436 -0.82 -18.16 31.74
CA SER C 436 -0.18 -17.60 32.93
C SER C 436 1.16 -17.00 32.53
N ASN C 437 2.09 -16.67 33.42
CA ASN C 437 3.35 -16.09 32.94
C ASN C 437 4.46 -17.14 33.00
N LEU C 438 5.68 -16.66 32.91
CA LEU C 438 6.85 -17.54 32.96
C LEU C 438 6.88 -18.38 34.23
N CYS C 439 6.79 -17.76 35.39
CA CYS C 439 6.87 -18.47 36.66
C CYS C 439 5.54 -18.89 37.25
N LEU C 440 4.49 -18.98 36.46
CA LEU C 440 3.16 -19.42 36.88
C LEU C 440 2.51 -18.73 38.06
N GLU C 441 2.63 -17.43 38.27
CA GLU C 441 1.94 -16.78 39.39
C GLU C 441 0.99 -15.69 38.91
N ILE C 442 1.08 -15.29 37.66
CA ILE C 442 0.22 -14.24 37.12
C ILE C 442 -0.95 -14.82 36.36
N ALA C 443 -2.12 -14.24 36.55
CA ALA C 443 -3.33 -14.69 35.88
C ALA C 443 -4.13 -13.47 35.47
N LEU C 444 -3.94 -13.00 34.25
CA LEU C 444 -4.65 -11.84 33.74
C LEU C 444 -5.21 -12.10 32.35
N PRO C 445 -6.21 -11.34 31.98
CA PRO C 445 -6.89 -11.46 30.70
C PRO C 445 -6.07 -10.91 29.55
N THR C 446 -6.17 -11.54 28.38
CA THR C 446 -5.46 -11.16 27.18
C THR C 446 -6.32 -11.28 25.92
N LYS C 447 -6.02 -10.51 24.88
CA LYS C 447 -6.70 -10.61 23.59
C LYS C 447 -5.59 -10.58 22.53
N PRO C 448 -5.65 -11.47 21.56
CA PRO C 448 -4.67 -11.63 20.51
C PRO C 448 -4.53 -10.42 19.60
N LEU C 449 -3.33 -10.23 19.05
CA LEU C 449 -3.12 -9.10 18.16
C LEU C 449 -3.22 -9.53 16.71
N ASN C 450 -3.52 -8.59 15.81
CA ASN C 450 -3.53 -8.92 14.38
C ASN C 450 -2.41 -8.17 13.70
N ASP C 451 -1.61 -7.46 14.49
CA ASP C 451 -0.46 -6.70 14.00
C ASP C 451 0.26 -6.15 15.22
N VAL C 452 1.56 -5.90 15.14
CA VAL C 452 2.30 -5.38 16.28
C VAL C 452 1.62 -4.17 16.92
N ASN C 453 1.15 -3.25 16.08
CA ASN C 453 0.49 -2.04 16.56
C ASN C 453 -1.01 -2.14 16.69
N ASP C 454 -1.62 -3.30 16.44
CA ASP C 454 -3.06 -3.44 16.58
C ASP C 454 -3.50 -2.88 17.92
N GLU C 455 -4.43 -1.93 17.88
CA GLU C 455 -4.95 -1.25 19.05
C GLU C 455 -6.00 -2.04 19.85
N ASN C 456 -6.57 -3.08 19.28
CA ASN C 456 -7.62 -3.84 19.94
C ASN C 456 -7.14 -5.12 20.62
N GLY C 457 -5.83 -5.33 20.61
CA GLY C 457 -5.27 -6.52 21.28
C GLY C 457 -5.02 -6.14 22.74
N GLU C 458 -4.79 -7.15 23.58
CA GLU C 458 -4.46 -6.87 24.97
C GLU C 458 -3.28 -7.73 25.41
N ILE C 459 -2.32 -7.11 26.08
CA ILE C 459 -1.13 -7.83 26.55
C ILE C 459 -0.93 -7.57 28.04
N ALA C 460 -0.95 -8.60 28.87
CA ALA C 460 -0.91 -8.33 30.32
C ALA C 460 0.51 -8.09 30.79
N LEU C 461 0.67 -7.37 31.90
CA LEU C 461 1.98 -7.05 32.43
C LEU C 461 2.17 -7.38 33.91
N CYS C 462 3.41 -7.68 34.29
CA CYS C 462 3.72 -7.98 35.68
C CYS C 462 4.28 -6.77 36.42
N THR C 463 3.42 -6.18 37.24
CA THR C 463 3.86 -5.05 38.07
C THR C 463 3.94 -5.59 39.49
N LEU C 464 5.16 -5.89 39.97
CA LEU C 464 5.32 -6.55 41.25
C LEU C 464 6.01 -5.87 42.41
N SER C 465 5.82 -6.48 43.59
CA SER C 465 6.40 -6.09 44.86
C SER C 465 6.11 -7.13 45.93
N ALA C 466 6.64 -6.96 47.15
CA ALA C 466 6.37 -7.95 48.20
C ALA C 466 6.56 -7.47 49.63
N PHE C 467 5.79 -8.07 50.54
CA PHE C 467 5.87 -7.75 51.96
C PHE C 467 6.87 -8.72 52.62
N ASN C 468 7.66 -8.21 53.54
CA ASN C 468 8.62 -9.05 54.27
C ASN C 468 7.95 -9.48 55.57
N LEU C 469 7.46 -10.71 55.67
CA LEU C 469 6.78 -11.19 56.87
C LEU C 469 7.67 -11.29 58.09
N GLY C 470 9.00 -11.25 57.93
CA GLY C 470 9.93 -11.31 59.03
C GLY C 470 10.18 -9.94 59.63
N ALA C 471 9.77 -8.88 58.95
CA ALA C 471 9.99 -7.51 59.38
C ALA C 471 8.80 -6.84 60.06
N ILE C 472 7.63 -7.47 60.07
CA ILE C 472 6.48 -6.85 60.74
C ILE C 472 6.29 -7.52 62.10
N ASN C 473 5.86 -6.78 63.10
CA ASN C 473 5.66 -7.33 64.43
C ASN C 473 4.23 -7.84 64.61
N ASN C 474 3.27 -7.10 64.05
CA ASN C 474 1.88 -7.55 64.09
C ASN C 474 1.25 -7.30 62.73
N LEU C 475 0.25 -8.10 62.36
CA LEU C 475 -0.44 -7.98 61.08
C LEU C 475 -1.06 -6.63 60.81
N ASP C 476 -1.34 -5.81 61.82
CA ASP C 476 -1.88 -4.47 61.63
C ASP C 476 -0.88 -3.46 61.10
N GLU C 477 0.39 -3.79 60.96
CA GLU C 477 1.35 -2.90 60.33
C GLU C 477 1.20 -2.96 58.80
N LEU C 478 0.54 -3.99 58.30
CA LEU C 478 0.30 -4.15 56.87
C LEU C 478 -0.57 -3.02 56.33
N GLU C 479 -1.52 -2.51 57.09
CA GLU C 479 -2.33 -1.37 56.67
C GLU C 479 -1.47 -0.26 56.05
N GLU C 480 -0.44 0.23 56.75
CA GLU C 480 0.41 1.27 56.20
C GLU C 480 1.16 0.75 54.99
N LEU C 481 1.86 -0.36 55.18
CA LEU C 481 2.64 -0.97 54.08
C LEU C 481 1.82 -1.11 52.81
N ALA C 482 0.60 -1.62 52.89
CA ALA C 482 -0.29 -1.75 51.75
C ALA C 482 -0.51 -0.40 51.07
N ILE C 483 -0.81 0.62 51.86
CA ILE C 483 -0.93 1.98 51.39
C ILE C 483 0.28 2.41 50.57
N LEU C 484 1.51 2.24 51.06
CA LEU C 484 2.66 2.65 50.27
C LEU C 484 2.84 1.76 49.04
N ALA C 485 2.81 0.46 49.25
CA ALA C 485 3.00 -0.50 48.17
C ALA C 485 2.04 -0.27 47.01
N VAL C 486 0.74 -0.21 47.27
CA VAL C 486 -0.25 0.00 46.21
C VAL C 486 -0.04 1.36 45.55
N ARG C 487 0.19 2.41 46.32
CA ARG C 487 0.39 3.75 45.80
C ARG C 487 1.64 3.92 44.94
N ALA C 488 2.77 3.30 45.29
CA ALA C 488 3.98 3.46 44.49
C ALA C 488 3.91 2.69 43.18
N LEU C 489 3.27 1.53 43.20
CA LEU C 489 3.10 0.70 42.01
C LEU C 489 2.09 1.32 41.07
N ASP C 490 1.02 1.90 41.60
CA ASP C 490 0.04 2.58 40.74
C ASP C 490 0.68 3.77 40.03
N ALA C 491 1.53 4.53 40.71
CA ALA C 491 2.24 5.65 40.10
C ALA C 491 3.24 5.19 39.05
N LEU C 492 3.86 4.04 39.28
CA LEU C 492 4.78 3.49 38.31
C LEU C 492 4.13 3.22 36.97
N LEU C 493 2.91 2.68 36.92
CA LEU C 493 2.23 2.41 35.66
C LEU C 493 2.14 3.66 34.79
N ASP C 494 1.95 4.83 35.38
CA ASP C 494 1.89 6.10 34.66
C ASP C 494 3.27 6.70 34.41
N TYR C 495 4.30 6.15 35.04
CA TYR C 495 5.65 6.63 34.87
C TYR C 495 6.40 5.91 33.75
N GLN C 496 6.20 4.59 33.61
CA GLN C 496 6.94 3.78 32.67
C GLN C 496 6.41 3.86 31.23
N ASP C 497 7.24 3.42 30.29
CA ASP C 497 6.87 3.42 28.89
C ASP C 497 6.36 2.06 28.41
N TYR C 498 5.51 2.13 27.39
CA TYR C 498 4.87 0.98 26.77
C TYR C 498 5.23 0.92 25.29
N PRO C 499 6.09 -0.01 24.91
CA PRO C 499 6.56 -0.19 23.55
C PRO C 499 5.44 -0.54 22.59
N ILE C 500 4.56 -1.46 22.96
CA ILE C 500 3.44 -1.86 22.11
C ILE C 500 2.14 -1.33 22.66
N PRO C 501 1.29 -0.78 21.81
CA PRO C 501 0.00 -0.23 22.16
C PRO C 501 -0.85 -1.18 22.97
N ALA C 502 -0.91 -2.45 22.60
CA ALA C 502 -1.67 -3.47 23.30
C ALA C 502 -1.29 -3.66 24.76
N ALA C 503 -0.06 -3.35 25.15
CA ALA C 503 0.39 -3.50 26.54
C ALA C 503 -0.07 -2.30 27.35
N LYS C 504 -0.10 -1.13 26.72
CA LYS C 504 -0.57 0.09 27.37
C LYS C 504 -2.06 -0.05 27.62
N ARG C 505 -2.78 -0.65 26.68
CA ARG C 505 -4.22 -0.81 26.82
C ARG C 505 -4.57 -1.52 28.12
N GLY C 506 -4.00 -2.69 28.35
CA GLY C 506 -4.29 -3.48 29.54
C GLY C 506 -3.82 -2.75 30.80
N ALA C 507 -2.62 -2.22 30.75
CA ALA C 507 -2.06 -1.50 31.89
C ALA C 507 -2.94 -0.34 32.34
N MET C 508 -3.33 0.54 31.42
CA MET C 508 -4.21 1.65 31.77
C MET C 508 -5.64 1.17 32.01
N GLY C 509 -6.14 0.28 31.19
CA GLY C 509 -7.50 -0.23 31.36
C GLY C 509 -7.75 -0.77 32.76
N ARG C 510 -6.97 -1.75 33.18
CA ARG C 510 -7.21 -2.46 34.43
C ARG C 510 -6.21 -2.17 35.55
N ARG C 511 -5.11 -1.51 35.29
CA ARG C 511 -4.13 -1.21 36.34
C ARG C 511 -3.88 -2.36 37.31
N THR C 512 -3.38 -3.49 36.84
CA THR C 512 -3.19 -4.67 37.65
C THR C 512 -1.86 -4.73 38.40
N LEU C 513 -1.92 -5.19 39.66
CA LEU C 513 -0.73 -5.33 40.48
C LEU C 513 -0.54 -6.78 40.93
N GLY C 514 0.67 -7.09 41.37
CA GLY C 514 1.00 -8.42 41.84
C GLY C 514 1.89 -8.35 43.07
N ILE C 515 1.28 -8.19 44.24
CA ILE C 515 2.06 -8.12 45.48
C ILE C 515 2.01 -9.43 46.25
N GLY C 516 3.18 -9.92 46.69
CA GLY C 516 3.25 -11.17 47.45
C GLY C 516 4.11 -11.02 48.69
N VAL C 517 4.70 -12.11 49.20
CA VAL C 517 5.50 -12.07 50.41
C VAL C 517 6.84 -12.78 50.28
N ILE C 518 7.77 -12.45 51.17
CA ILE C 518 9.06 -13.09 51.29
C ILE C 518 9.27 -13.40 52.78
N ASN C 519 10.11 -14.35 53.13
CA ASN C 519 10.39 -14.70 54.52
C ASN C 519 9.27 -15.50 55.16
N PHE C 520 8.48 -16.24 54.38
CA PHE C 520 7.38 -17.00 54.96
C PHE C 520 7.89 -18.06 55.92
N ALA C 521 8.88 -18.83 55.50
CA ALA C 521 9.42 -19.92 56.33
C ALA C 521 9.91 -19.41 57.68
N TYR C 522 10.72 -18.36 57.64
CA TYR C 522 11.23 -17.75 58.86
C TYR C 522 10.07 -17.32 59.75
N TYR C 523 9.06 -16.68 59.16
CA TYR C 523 7.87 -16.26 59.90
C TYR C 523 7.21 -17.43 60.60
N LEU C 524 6.96 -18.54 59.91
CA LEU C 524 6.43 -19.74 60.52
C LEU C 524 7.33 -20.21 61.66
N ALA C 525 8.63 -20.31 61.42
CA ALA C 525 9.59 -20.75 62.42
C ALA C 525 9.53 -19.92 63.69
N LYS C 526 9.39 -18.61 63.59
CA LYS C 526 9.20 -17.77 64.76
C LYS C 526 7.93 -18.16 65.52
N HIS C 527 6.86 -18.54 64.83
CA HIS C 527 5.62 -18.93 65.48
C HIS C 527 5.54 -20.39 65.86
N GLY C 528 6.66 -21.10 65.75
CA GLY C 528 6.79 -22.50 66.09
C GLY C 528 5.91 -23.44 65.30
N LYS C 529 5.70 -23.18 64.02
CA LYS C 529 4.89 -24.03 63.15
C LYS C 529 5.78 -24.68 62.09
N ARG C 530 5.24 -25.69 61.41
CA ARG C 530 5.98 -26.38 60.36
C ARG C 530 5.08 -26.48 59.12
N TYR C 531 5.66 -26.89 58.00
CA TYR C 531 4.89 -27.00 56.78
C TYR C 531 4.09 -28.29 56.70
N SER C 532 4.76 -29.42 56.87
CA SER C 532 4.17 -30.73 56.64
C SER C 532 3.13 -31.27 57.59
N ASP C 533 2.91 -30.76 58.80
CA ASP C 533 1.92 -31.38 59.66
C ASP C 533 0.56 -30.69 59.74
N GLY C 534 0.41 -29.51 59.17
CA GLY C 534 -0.88 -28.82 59.21
C GLY C 534 -1.02 -27.97 60.46
N SER C 535 0.10 -27.75 61.15
CA SER C 535 0.12 -26.90 62.34
C SER C 535 0.02 -25.43 61.95
N ALA C 536 0.45 -25.08 60.75
CA ALA C 536 0.44 -23.68 60.30
C ALA C 536 -0.86 -23.27 59.65
N ASN C 537 -1.75 -24.20 59.31
CA ASN C 537 -2.98 -23.89 58.61
C ASN C 537 -3.74 -22.68 59.14
N ASN C 538 -4.10 -22.66 60.44
CA ASN C 538 -4.89 -21.52 60.92
C ASN C 538 -4.08 -20.23 60.96
N LEU C 539 -2.77 -20.26 61.21
CA LEU C 539 -1.97 -19.04 61.20
C LEU C 539 -1.85 -18.44 59.80
N THR C 540 -1.75 -19.34 58.82
CA THR C 540 -1.67 -18.93 57.43
C THR C 540 -2.98 -18.33 56.95
N HIS C 541 -4.11 -18.88 57.40
CA HIS C 541 -5.41 -18.32 57.04
C HIS C 541 -5.56 -16.90 57.59
N LYS C 542 -5.18 -16.74 58.85
CA LYS C 542 -5.19 -15.44 59.52
C LYS C 542 -4.26 -14.42 58.90
N THR C 543 -3.05 -14.84 58.49
CA THR C 543 -2.07 -13.94 57.91
C THR C 543 -2.54 -13.41 56.55
N PHE C 544 -2.95 -14.34 55.69
CA PHE C 544 -3.38 -13.99 54.34
C PHE C 544 -4.71 -13.26 54.33
N GLU C 545 -5.53 -13.46 55.36
CA GLU C 545 -6.75 -12.64 55.45
C GLU C 545 -6.33 -11.19 55.59
N ALA C 546 -5.50 -10.88 56.57
CA ALA C 546 -4.98 -9.55 56.78
C ALA C 546 -4.41 -8.94 55.51
N ILE C 547 -3.43 -9.61 54.90
CA ILE C 547 -2.80 -9.13 53.68
C ILE C 547 -3.82 -8.67 52.66
N GLN C 548 -4.69 -9.57 52.21
CA GLN C 548 -5.69 -9.23 51.20
C GLN C 548 -6.66 -8.15 51.63
N TYR C 549 -7.11 -8.21 52.89
CA TYR C 549 -7.99 -7.15 53.39
C TYR C 549 -7.35 -5.78 53.22
N TYR C 550 -6.17 -5.54 53.82
CA TYR C 550 -5.50 -4.26 53.72
C TYR C 550 -5.11 -3.85 52.31
N LEU C 551 -4.81 -4.78 51.41
CA LEU C 551 -4.53 -4.40 50.02
C LEU C 551 -5.79 -3.86 49.40
N LEU C 552 -6.89 -4.60 49.50
CA LEU C 552 -8.19 -4.16 48.99
C LEU C 552 -8.57 -2.80 49.59
N LYS C 553 -8.41 -2.62 50.90
CA LYS C 553 -8.69 -1.36 51.55
C LYS C 553 -7.90 -0.22 50.90
N ALA C 554 -6.58 -0.39 50.79
CA ALA C 554 -5.72 0.64 50.19
C ALA C 554 -6.12 1.00 48.78
N SER C 555 -6.44 -0.01 47.95
CA SER C 555 -6.90 0.25 46.60
C SER C 555 -8.22 1.02 46.60
N ASN C 556 -9.11 0.66 47.52
CA ASN C 556 -10.40 1.33 47.62
C ASN C 556 -10.22 2.79 48.02
N GLU C 557 -9.33 3.05 48.97
CA GLU C 557 -9.05 4.42 49.39
C GLU C 557 -8.51 5.22 48.21
N LEU C 558 -7.57 4.63 47.47
CA LEU C 558 -7.01 5.26 46.29
C LEU C 558 -8.09 5.55 45.25
N ALA C 559 -9.03 4.62 45.08
CA ALA C 559 -10.13 4.80 44.14
C ALA C 559 -10.93 6.06 44.46
N LYS C 560 -11.27 6.25 45.73
CA LYS C 560 -11.97 7.45 46.17
C LYS C 560 -11.13 8.68 45.80
N GLU C 561 -9.87 8.69 46.19
CA GLU C 561 -8.99 9.82 45.86
C GLU C 561 -8.80 10.05 44.37
N GLN C 562 -8.47 9.04 43.56
CA GLN C 562 -8.12 9.26 42.17
C GLN C 562 -9.01 8.60 41.12
N GLY C 563 -10.02 7.84 41.51
CA GLY C 563 -10.94 7.23 40.55
C GLY C 563 -10.61 5.78 40.24
N ALA C 564 -11.63 4.93 40.20
CA ALA C 564 -11.44 3.51 39.90
C ALA C 564 -10.87 3.31 38.50
N CYS C 565 -10.24 2.16 38.28
CA CYS C 565 -9.69 1.89 36.95
C CYS C 565 -10.82 1.85 35.93
N PRO C 566 -10.57 2.37 34.74
CA PRO C 566 -11.51 2.43 33.65
C PRO C 566 -12.28 1.13 33.44
N TRP C 567 -11.59 0.00 33.34
CA TRP C 567 -12.30 -1.27 33.11
C TRP C 567 -12.68 -1.99 34.39
N PHE C 568 -13.04 -1.25 35.44
CA PHE C 568 -13.39 -1.84 36.73
C PHE C 568 -14.67 -2.65 36.64
N ASN C 569 -15.56 -2.28 35.75
CA ASN C 569 -16.83 -2.91 35.49
C ASN C 569 -16.77 -4.31 34.93
N GLU C 570 -15.59 -4.83 34.57
CA GLU C 570 -15.47 -6.20 34.09
C GLU C 570 -15.05 -7.10 35.25
N THR C 571 -14.71 -6.53 36.39
CA THR C 571 -14.34 -7.34 37.55
C THR C 571 -15.56 -7.88 38.28
N THR C 572 -15.32 -8.96 39.05
CA THR C 572 -16.34 -9.55 39.91
C THR C 572 -16.51 -8.64 41.13
N TYR C 573 -15.44 -7.92 41.46
CA TYR C 573 -15.37 -6.97 42.55
C TYR C 573 -16.46 -5.90 42.36
N ALA C 574 -16.62 -5.43 41.14
CA ALA C 574 -17.64 -4.45 40.78
C ALA C 574 -19.06 -4.94 41.02
N LYS C 575 -19.31 -6.23 40.97
CA LYS C 575 -20.62 -6.81 41.21
C LYS C 575 -20.79 -7.22 42.68
N GLY C 576 -19.93 -6.72 43.57
CA GLY C 576 -19.96 -7.00 44.98
C GLY C 576 -19.52 -8.40 45.35
N ILE C 577 -18.68 -9.04 44.51
CA ILE C 577 -18.17 -10.36 44.82
C ILE C 577 -16.72 -10.34 45.31
N LEU C 578 -16.48 -10.96 46.46
CA LEU C 578 -15.14 -11.02 47.03
C LEU C 578 -14.54 -12.42 47.00
N PRO C 579 -13.23 -12.49 47.24
CA PRO C 579 -12.46 -13.72 47.31
C PRO C 579 -13.06 -14.70 48.28
N ILE C 580 -13.56 -14.23 49.44
CA ILE C 580 -14.23 -15.07 50.41
C ILE C 580 -15.54 -15.67 49.94
N ASP C 581 -16.12 -15.19 48.84
CA ASP C 581 -17.36 -15.73 48.33
C ASP C 581 -17.19 -16.84 47.30
N THR C 582 -16.05 -16.92 46.63
CA THR C 582 -15.89 -17.90 45.56
C THR C 582 -14.81 -18.94 45.72
N TYR C 583 -14.16 -19.04 46.87
CA TYR C 583 -13.07 -19.98 47.06
C TYR C 583 -13.58 -21.42 47.02
N LYS C 584 -12.68 -22.38 46.84
CA LYS C 584 -13.06 -23.80 46.80
C LYS C 584 -13.47 -24.28 48.18
N LYS C 585 -14.74 -24.63 48.31
CA LYS C 585 -15.41 -25.09 49.51
C LYS C 585 -14.74 -26.20 50.29
N ASP C 586 -13.91 -27.07 49.74
CA ASP C 586 -13.21 -28.08 50.53
C ASP C 586 -12.24 -27.47 51.51
N LEU C 587 -11.75 -26.25 51.30
CA LEU C 587 -10.84 -25.60 52.25
C LEU C 587 -11.41 -25.54 53.66
N ASP C 588 -12.73 -25.48 53.81
CA ASP C 588 -13.43 -25.45 55.07
C ASP C 588 -13.11 -26.64 55.97
N THR C 589 -12.79 -27.79 55.40
CA THR C 589 -12.40 -28.96 56.17
C THR C 589 -10.95 -28.93 56.65
N ILE C 590 -10.07 -28.05 56.18
CA ILE C 590 -8.69 -28.05 56.65
C ILE C 590 -8.33 -26.80 57.45
N ALA C 591 -9.30 -25.95 57.78
CA ALA C 591 -9.00 -24.75 58.56
C ALA C 591 -10.26 -24.09 59.13
N ASN C 592 -10.23 -23.77 60.44
CA ASN C 592 -11.40 -23.15 61.05
C ASN C 592 -11.17 -21.71 61.50
N GLU C 593 -9.99 -21.14 61.25
CA GLU C 593 -9.80 -19.74 61.63
C GLU C 593 -10.93 -18.88 61.05
N PRO C 594 -11.55 -18.09 61.90
CA PRO C 594 -12.63 -17.19 61.56
C PRO C 594 -12.12 -15.90 60.94
N LEU C 595 -12.98 -15.16 60.27
CA LEU C 595 -12.55 -13.90 59.65
C LEU C 595 -12.46 -12.81 60.70
N HIS C 596 -11.32 -12.15 60.83
CA HIS C 596 -11.17 -11.11 61.83
C HIS C 596 -11.50 -9.72 61.34
N TYR C 597 -11.76 -9.54 60.05
CA TYR C 597 -11.94 -8.19 59.50
C TYR C 597 -13.36 -7.96 59.00
N ASP C 598 -13.75 -6.68 58.89
CA ASP C 598 -15.08 -6.36 58.39
C ASP C 598 -15.15 -6.40 56.87
N TRP C 599 -15.46 -7.58 56.34
CA TRP C 599 -15.50 -7.77 54.90
C TRP C 599 -16.78 -7.22 54.31
N GLU C 600 -17.85 -7.23 55.08
CA GLU C 600 -19.13 -6.67 54.62
C GLU C 600 -19.10 -5.16 54.45
N ALA C 601 -18.43 -4.45 55.37
CA ALA C 601 -18.28 -3.01 55.26
C ALA C 601 -17.42 -2.62 54.06
N LEU C 602 -16.44 -3.46 53.76
CA LEU C 602 -15.57 -3.27 52.63
C LEU C 602 -16.30 -3.61 51.33
N ARG C 603 -17.10 -4.67 51.38
CA ARG C 603 -17.89 -5.08 50.21
C ARG C 603 -18.67 -3.92 49.63
N GLU C 604 -19.41 -3.25 50.51
CA GLU C 604 -20.13 -2.04 50.14
C GLU C 604 -19.21 -0.99 49.54
N SER C 605 -18.24 -0.52 50.33
CA SER C 605 -17.31 0.49 49.86
C SER C 605 -16.73 0.21 48.47
N ILE C 606 -16.28 -1.01 48.21
CA ILE C 606 -15.84 -1.37 46.87
C ILE C 606 -16.97 -1.17 45.87
N LYS C 607 -18.14 -1.77 46.11
CA LYS C 607 -19.28 -1.62 45.22
C LYS C 607 -19.54 -0.15 44.87
N THR C 608 -19.63 0.70 45.87
CA THR C 608 -19.84 2.12 45.75
C THR C 608 -18.72 2.89 45.06
N HIS C 609 -17.50 2.87 45.58
CA HIS C 609 -16.38 3.63 45.03
C HIS C 609 -15.43 2.89 44.12
N GLY C 610 -15.60 1.58 43.98
CA GLY C 610 -14.76 0.78 43.11
C GLY C 610 -13.33 0.62 43.63
N LEU C 611 -12.49 0.01 42.77
CA LEU C 611 -11.10 -0.22 43.12
C LEU C 611 -10.21 0.50 42.11
N ARG C 612 -9.05 0.96 42.57
CA ARG C 612 -8.13 1.62 41.65
C ARG C 612 -7.52 0.55 40.73
N ASN C 613 -7.22 -0.60 41.31
CA ASN C 613 -6.57 -1.71 40.63
C ASN C 613 -7.46 -2.94 40.58
N SER C 614 -7.52 -3.67 39.47
CA SER C 614 -8.38 -4.84 39.37
C SER C 614 -7.84 -6.07 40.09
N THR C 615 -6.53 -6.26 40.12
CA THR C 615 -5.89 -7.36 40.82
C THR C 615 -4.83 -6.79 41.76
N LEU C 616 -4.59 -7.37 42.94
CA LEU C 616 -3.57 -6.80 43.82
C LEU C 616 -2.50 -7.76 44.29
N SER C 617 -2.85 -9.00 44.59
CA SER C 617 -1.89 -9.96 45.13
C SER C 617 -1.54 -11.10 44.20
N ALA C 618 -0.33 -11.59 44.36
CA ALA C 618 0.21 -12.72 43.60
C ALA C 618 1.47 -13.19 44.32
N LEU C 619 1.68 -14.49 44.47
CA LEU C 619 2.85 -14.97 45.21
C LEU C 619 3.93 -15.53 44.30
N MET C 620 4.85 -14.64 43.92
CA MET C 620 5.97 -14.96 43.04
C MET C 620 7.19 -15.43 43.83
N PRO C 621 8.03 -16.21 43.19
CA PRO C 621 9.30 -16.63 43.77
C PRO C 621 10.21 -15.41 43.80
N SER C 622 11.27 -15.38 44.60
CA SER C 622 12.15 -14.22 44.54
C SER C 622 13.53 -14.56 45.12
N GLU C 623 14.49 -14.73 44.22
CA GLU C 623 15.86 -15.05 44.65
C GLU C 623 16.60 -13.78 45.07
N THR C 624 16.81 -12.85 44.14
CA THR C 624 17.54 -11.62 44.39
C THR C 624 17.00 -10.81 45.56
N SER C 625 15.75 -10.39 45.44
CA SER C 625 15.03 -9.59 46.42
C SER C 625 15.18 -10.11 47.84
N SER C 626 15.00 -11.41 48.02
CA SER C 626 15.17 -12.06 49.32
C SER C 626 16.60 -11.93 49.84
N GLN C 627 17.61 -12.02 48.99
CA GLN C 627 18.99 -11.92 49.43
C GLN C 627 19.31 -10.57 50.05
N ILE C 628 18.95 -9.48 49.39
CA ILE C 628 19.19 -8.15 49.91
C ILE C 628 18.67 -8.01 51.34
N SER C 629 17.47 -8.51 51.59
CA SER C 629 16.83 -8.45 52.89
C SER C 629 17.18 -9.61 53.80
N ASN C 630 18.18 -10.41 53.51
CA ASN C 630 18.52 -11.62 54.25
C ASN C 630 17.24 -12.31 54.72
N ALA C 631 16.55 -12.93 53.75
CA ALA C 631 15.29 -13.60 54.03
C ALA C 631 15.14 -14.90 53.24
N THR C 632 14.22 -15.74 53.70
CA THR C 632 13.95 -16.99 52.99
C THR C 632 13.14 -16.66 51.74
N ASN C 633 13.29 -17.46 50.68
CA ASN C 633 12.64 -17.12 49.42
C ASN C 633 11.13 -17.31 49.42
N GLY C 634 10.43 -16.26 49.03
CA GLY C 634 8.98 -16.29 48.96
C GLY C 634 8.41 -17.18 50.07
N ILE C 635 7.48 -18.04 49.70
CA ILE C 635 6.84 -18.95 50.62
C ILE C 635 7.60 -20.25 50.85
N GLU C 636 8.56 -20.54 49.98
CA GLU C 636 9.33 -21.76 50.03
C GLU C 636 10.18 -21.92 51.28
N PRO C 637 10.26 -23.14 51.75
CA PRO C 637 11.13 -23.55 52.84
C PRO C 637 12.55 -23.59 52.29
N PRO C 638 13.53 -23.31 53.12
CA PRO C 638 14.93 -23.30 52.74
C PRO C 638 15.49 -24.68 52.54
N ARG C 639 16.42 -24.81 51.60
CA ARG C 639 17.03 -26.11 51.30
C ARG C 639 18.01 -26.56 52.39
N GLY C 640 18.66 -25.59 53.03
CA GLY C 640 19.62 -25.87 54.10
C GLY C 640 19.83 -24.60 54.92
N TYR C 641 20.61 -24.67 55.98
CA TYR C 641 20.84 -23.53 56.84
C TYR C 641 21.81 -22.51 56.25
N VAL C 642 22.64 -22.95 55.33
CA VAL C 642 23.59 -22.07 54.67
C VAL C 642 23.43 -22.19 53.15
N SER C 643 23.20 -21.06 52.49
CA SER C 643 23.10 -21.07 51.04
C SER C 643 24.45 -20.76 50.42
N ILE C 644 24.78 -21.45 49.34
CA ILE C 644 26.08 -21.18 48.69
C ILE C 644 25.85 -20.70 47.27
N LYS C 645 26.64 -19.69 46.93
CA LYS C 645 26.59 -19.09 45.61
C LYS C 645 27.99 -18.74 45.14
N ALA C 646 28.24 -18.98 43.85
CA ALA C 646 29.54 -18.69 43.26
C ALA C 646 29.56 -17.28 42.67
N SER C 647 30.71 -16.64 42.75
CA SER C 647 30.93 -15.32 42.20
C SER C 647 32.39 -15.22 41.74
N LYS C 648 32.75 -14.18 40.99
CA LYS C 648 34.14 -13.98 40.59
C LYS C 648 35.00 -13.63 41.79
N ASP C 649 34.45 -12.88 42.73
CA ASP C 649 35.13 -12.49 43.96
C ASP C 649 35.19 -13.58 45.03
N GLY C 650 34.67 -14.77 44.79
CA GLY C 650 34.68 -15.86 45.76
C GLY C 650 33.34 -16.56 45.93
N ILE C 651 33.29 -17.44 46.93
CA ILE C 651 32.09 -18.20 47.27
C ILE C 651 31.25 -17.37 48.24
N LEU C 652 29.98 -17.21 47.89
CA LEU C 652 29.05 -16.46 48.72
C LEU C 652 28.25 -17.36 49.64
N ARG C 653 28.29 -17.05 50.92
CA ARG C 653 27.56 -17.82 51.93
C ARG C 653 26.54 -16.95 52.65
N GLN C 654 25.32 -17.47 52.82
CA GLN C 654 24.28 -16.74 53.53
C GLN C 654 23.56 -17.69 54.49
N VAL C 655 23.52 -17.30 55.76
CA VAL C 655 22.90 -18.09 56.79
C VAL C 655 21.45 -17.66 57.02
N VAL C 656 20.56 -18.64 57.19
CA VAL C 656 19.16 -18.36 57.45
C VAL C 656 19.02 -17.41 58.63
N PRO C 657 18.04 -16.53 58.54
CA PRO C 657 17.74 -15.53 59.54
C PRO C 657 17.50 -16.14 60.92
N ASP C 658 18.25 -15.66 61.90
CA ASP C 658 18.14 -16.08 63.28
C ASP C 658 18.35 -17.58 63.46
N TYR C 659 19.37 -18.12 62.80
CA TYR C 659 19.72 -19.53 62.90
C TYR C 659 20.03 -19.91 64.34
N GLU C 660 20.78 -19.05 64.98
CA GLU C 660 21.25 -19.13 66.35
C GLU C 660 20.21 -19.50 67.39
N HIS C 661 18.96 -19.09 67.17
CA HIS C 661 17.86 -19.35 68.07
C HIS C 661 16.77 -20.18 67.41
N LEU C 662 16.79 -20.29 66.09
CA LEU C 662 15.73 -21.01 65.39
C LEU C 662 16.16 -22.19 64.55
N HIS C 663 17.42 -22.62 64.57
CA HIS C 663 17.86 -23.75 63.78
C HIS C 663 16.92 -24.95 63.92
N ASP C 664 16.46 -25.22 65.13
CA ASP C 664 15.54 -26.30 65.38
C ASP C 664 14.08 -26.04 65.04
N ALA C 665 13.68 -24.78 64.87
CA ALA C 665 12.29 -24.49 64.53
C ALA C 665 12.06 -24.61 63.03
N TYR C 666 13.13 -24.39 62.26
CA TYR C 666 13.02 -24.48 60.82
C TYR C 666 12.67 -25.90 60.39
N GLU C 667 11.98 -26.01 59.28
CA GLU C 667 11.73 -27.29 58.63
C GLU C 667 12.32 -27.19 57.22
N LEU C 668 13.41 -27.90 56.95
CA LEU C 668 14.06 -27.80 55.65
C LEU C 668 13.36 -28.59 54.55
N LEU C 669 13.53 -28.16 53.31
CA LEU C 669 12.87 -28.75 52.16
C LEU C 669 12.83 -30.27 52.15
N TRP C 670 13.95 -30.95 52.36
CA TRP C 670 13.95 -32.41 52.29
C TRP C 670 13.70 -33.07 53.63
N GLU C 671 13.29 -32.28 54.63
CA GLU C 671 12.90 -32.82 55.92
C GLU C 671 11.41 -33.17 55.88
N MET C 672 10.70 -32.56 54.95
CA MET C 672 9.28 -32.84 54.78
C MET C 672 9.11 -34.27 54.28
N PRO C 673 8.21 -35.00 54.90
CA PRO C 673 7.86 -36.35 54.53
C PRO C 673 7.10 -36.43 53.21
N GLY C 674 6.33 -35.39 52.89
CA GLY C 674 5.59 -35.36 51.63
C GLY C 674 5.15 -33.97 51.20
N ASN C 675 4.26 -33.92 50.21
CA ASN C 675 3.77 -32.65 49.71
C ASN C 675 2.43 -32.20 50.28
N ASP C 676 1.76 -33.01 51.09
CA ASP C 676 0.42 -32.67 51.59
C ASP C 676 0.40 -31.37 52.39
N GLY C 677 1.21 -31.26 53.44
CA GLY C 677 1.22 -30.08 54.29
C GLY C 677 1.33 -28.78 53.50
N TYR C 678 2.33 -28.74 52.63
CA TYR C 678 2.60 -27.59 51.77
C TYR C 678 1.45 -27.28 50.85
N LEU C 679 0.89 -28.32 50.23
CA LEU C 679 -0.22 -28.15 49.30
C LEU C 679 -1.46 -27.56 49.96
N GLN C 680 -1.69 -27.90 51.23
CA GLN C 680 -2.82 -27.35 51.95
C GLN C 680 -2.59 -25.87 52.23
N LEU C 681 -1.39 -25.52 52.67
CA LEU C 681 -1.05 -24.13 52.95
C LEU C 681 -1.18 -23.27 51.68
N VAL C 682 -0.66 -23.79 50.58
CA VAL C 682 -0.83 -23.16 49.29
C VAL C 682 -2.30 -22.92 48.99
N GLY C 683 -3.19 -23.90 49.18
CA GLY C 683 -4.60 -23.74 48.91
C GLY C 683 -5.30 -22.70 49.77
N ILE C 684 -4.91 -22.67 51.04
CA ILE C 684 -5.40 -21.69 52.01
C ILE C 684 -4.99 -20.29 51.58
N MET C 685 -3.75 -20.13 51.12
CA MET C 685 -3.30 -18.85 50.59
C MET C 685 -4.16 -18.42 49.40
N GLN C 686 -4.46 -19.33 48.48
CA GLN C 686 -5.22 -19.06 47.28
C GLN C 686 -6.64 -18.59 47.53
N LYS C 687 -7.20 -18.86 48.69
CA LYS C 687 -8.52 -18.40 49.09
C LYS C 687 -8.59 -16.88 48.99
N PHE C 688 -7.57 -16.16 49.42
CA PHE C 688 -7.55 -14.71 49.36
C PHE C 688 -6.72 -14.13 48.23
N ILE C 689 -5.76 -14.84 47.67
CA ILE C 689 -4.95 -14.25 46.60
C ILE C 689 -5.80 -14.02 45.36
N ASP C 690 -5.72 -12.80 44.82
CA ASP C 690 -6.43 -12.40 43.62
C ASP C 690 -6.01 -13.18 42.38
N GLN C 691 -4.73 -13.47 42.29
CA GLN C 691 -4.18 -14.17 41.14
C GLN C 691 -3.75 -15.60 41.44
N SER C 692 -2.46 -15.90 41.28
CA SER C 692 -1.96 -17.23 41.52
C SER C 692 -0.66 -17.30 42.29
N ILE C 693 -0.22 -18.52 42.61
CA ILE C 693 0.98 -18.80 43.39
C ILE C 693 1.95 -19.72 42.66
N SER C 694 3.25 -19.52 42.82
CA SER C 694 4.23 -20.40 42.18
C SER C 694 4.53 -21.60 43.08
N ALA C 695 3.56 -22.51 43.14
CA ALA C 695 3.67 -23.70 43.98
C ALA C 695 4.58 -24.74 43.33
N ASN C 696 5.42 -25.38 44.15
CA ASN C 696 6.31 -26.43 43.70
C ASN C 696 5.88 -27.79 44.26
N THR C 697 6.38 -28.86 43.65
CA THR C 697 6.19 -30.21 44.17
C THR C 697 7.57 -30.84 44.31
N ASN C 698 7.90 -31.37 45.49
CA ASN C 698 9.22 -31.96 45.72
C ASN C 698 9.18 -33.45 46.04
N TYR C 699 10.05 -34.23 45.39
CA TYR C 699 10.16 -35.67 45.64
C TYR C 699 11.59 -36.11 45.90
N ASP C 700 11.75 -36.97 46.90
CA ASP C 700 13.05 -37.53 47.27
C ASP C 700 13.01 -39.03 47.01
N PRO C 701 13.79 -39.47 46.04
CA PRO C 701 13.86 -40.85 45.60
C PRO C 701 14.28 -41.80 46.70
N SER C 702 15.09 -41.38 47.66
CA SER C 702 15.50 -42.19 48.79
C SER C 702 14.36 -42.71 49.66
N ARG C 703 13.25 -41.98 49.77
CA ARG C 703 12.08 -42.40 50.52
C ARG C 703 11.21 -43.44 49.81
N PHE C 704 11.51 -43.80 48.57
CA PHE C 704 10.71 -44.77 47.82
C PHE C 704 11.50 -46.05 47.59
N PRO C 705 10.80 -47.17 47.52
CA PRO C 705 11.36 -48.49 47.31
C PRO C 705 12.09 -48.53 45.98
N SER C 706 13.38 -48.87 45.98
CA SER C 706 14.18 -48.91 44.77
C SER C 706 14.53 -47.54 44.21
N GLY C 707 14.37 -46.47 44.99
CA GLY C 707 14.64 -45.12 44.52
C GLY C 707 13.90 -44.71 43.25
N LYS C 708 12.60 -44.98 43.20
CA LYS C 708 11.81 -44.59 42.03
C LYS C 708 10.43 -44.10 42.44
N VAL C 709 10.19 -42.84 42.10
CA VAL C 709 8.93 -42.19 42.42
C VAL C 709 7.77 -42.87 41.69
N PRO C 710 6.86 -43.41 42.47
CA PRO C 710 5.69 -44.12 41.98
C PRO C 710 4.75 -43.20 41.22
N MET C 711 4.25 -43.71 40.09
CA MET C 711 3.27 -42.95 39.33
C MET C 711 2.00 -42.78 40.15
N GLN C 712 1.63 -43.80 40.94
CA GLN C 712 0.47 -43.65 41.82
C GLN C 712 0.61 -42.39 42.69
N GLN C 713 1.78 -42.09 43.22
CA GLN C 713 1.98 -40.93 44.08
C GLN C 713 2.04 -39.59 43.37
N LEU C 714 2.39 -39.53 42.09
CA LEU C 714 2.48 -38.26 41.38
C LEU C 714 1.08 -37.77 41.02
N LEU C 715 0.19 -38.72 40.72
CA LEU C 715 -1.19 -38.41 40.38
C LEU C 715 -1.95 -38.05 41.67
N LYS C 716 -1.61 -38.79 42.73
CA LYS C 716 -2.25 -38.50 44.02
C LYS C 716 -2.04 -37.04 44.38
N ASP C 717 -0.80 -36.57 44.40
CA ASP C 717 -0.48 -35.19 44.72
C ASP C 717 -1.11 -34.20 43.75
N LEU C 718 -1.19 -34.56 42.47
CA LEU C 718 -1.83 -33.73 41.45
C LEU C 718 -3.31 -33.49 41.76
N LEU C 719 -4.02 -34.55 42.16
CA LEU C 719 -5.44 -34.46 42.47
C LEU C 719 -5.65 -33.68 43.76
N THR C 720 -4.82 -33.94 44.77
CA THR C 720 -4.90 -33.21 46.04
C THR C 720 -4.94 -31.70 45.76
N ALA C 721 -3.90 -31.24 45.06
CA ALA C 721 -3.78 -29.84 44.65
C ALA C 721 -5.07 -29.31 44.07
N TYR C 722 -5.60 -29.98 43.04
CA TYR C 722 -6.86 -29.56 42.45
C TYR C 722 -7.99 -29.48 43.48
N LYS C 723 -8.13 -30.49 44.32
CA LYS C 723 -9.16 -30.55 45.35
C LYS C 723 -9.18 -29.33 46.26
N PHE C 724 -8.04 -28.76 46.60
CA PHE C 724 -7.96 -27.57 47.45
C PHE C 724 -7.88 -26.28 46.66
N GLY C 725 -8.21 -26.32 45.39
CA GLY C 725 -8.34 -25.15 44.55
C GLY C 725 -7.06 -24.55 44.02
N VAL C 726 -5.96 -25.29 44.00
CA VAL C 726 -4.71 -24.72 43.47
C VAL C 726 -4.89 -24.44 41.98
N LYS C 727 -4.50 -23.24 41.59
CA LYS C 727 -4.67 -22.79 40.21
C LYS C 727 -3.58 -23.27 39.27
N THR C 728 -2.32 -23.16 39.70
CA THR C 728 -1.19 -23.57 38.87
C THR C 728 -0.18 -24.42 39.63
N LEU C 729 0.71 -25.06 38.86
CA LEU C 729 1.78 -25.88 39.42
C LEU C 729 3.09 -25.63 38.67
N TYR C 730 4.07 -25.12 39.40
CA TYR C 730 5.38 -24.78 38.88
C TYR C 730 6.38 -25.92 38.91
N TYR C 731 7.62 -25.69 39.34
CA TYR C 731 8.67 -26.69 39.31
C TYR C 731 8.28 -28.01 39.96
N GLN C 732 9.10 -29.01 39.73
CA GLN C 732 9.00 -30.33 40.36
C GLN C 732 10.42 -30.75 40.76
N ASN C 733 10.79 -30.49 42.01
CA ASN C 733 12.14 -30.79 42.48
C ASN C 733 12.32 -32.26 42.85
N THR C 734 13.31 -32.88 42.22
CA THR C 734 13.59 -34.30 42.44
C THR C 734 15.04 -34.44 42.89
N ARG C 735 15.23 -34.26 44.19
CA ARG C 735 16.49 -34.27 44.88
C ARG C 735 17.52 -35.31 44.47
N ASP C 736 18.75 -34.85 44.20
CA ASP C 736 19.80 -35.78 43.91
C ASP C 736 21.16 -35.40 44.51
N GLY C 737 21.27 -35.84 45.74
CA GLY C 737 22.56 -35.69 46.45
C GLY C 737 23.31 -36.89 45.81
N SER D 8 5.91 -46.19 36.96
CA SER D 8 4.90 -45.97 35.87
C SER D 8 3.68 -46.87 36.05
N GLU D 9 3.66 -47.56 37.18
CA GLU D 9 2.53 -48.44 37.52
C GLU D 9 1.42 -47.56 38.09
N VAL D 10 0.23 -47.69 37.51
CA VAL D 10 -0.90 -46.89 37.95
C VAL D 10 -2.13 -47.77 38.28
N ASP D 11 -2.72 -47.43 39.43
CA ASP D 11 -3.93 -48.11 39.87
C ASP D 11 -5.07 -47.09 39.83
N THR D 12 -6.06 -47.42 39.02
CA THR D 12 -7.26 -46.62 38.82
C THR D 12 -8.25 -46.65 39.97
N ASP D 13 -8.41 -47.83 40.55
CA ASP D 13 -9.37 -48.02 41.65
C ASP D 13 -8.99 -47.16 42.83
N ASP D 14 -7.74 -47.28 43.29
CA ASP D 14 -7.30 -46.44 44.41
C ASP D 14 -7.57 -44.96 44.13
N LEU D 15 -7.43 -44.46 42.90
CA LEU D 15 -7.87 -43.11 42.56
C LEU D 15 -9.38 -42.91 42.47
N SER D 16 -10.11 -43.78 41.80
CA SER D 16 -11.54 -43.73 41.57
C SER D 16 -12.44 -43.17 42.67
N ASN D 17 -12.14 -43.43 43.94
CA ASN D 17 -12.89 -43.01 45.11
C ASN D 17 -12.56 -41.58 45.54
N PHE D 18 -11.49 -41.01 44.97
CA PHE D 18 -11.10 -39.63 45.21
C PHE D 18 -12.25 -38.69 44.85
N GLN D 19 -12.38 -37.63 45.62
CA GLN D 19 -13.47 -36.66 45.43
C GLN D 19 -12.95 -35.27 45.08
N LEU D 20 -12.90 -34.97 43.78
CA LEU D 20 -12.33 -33.73 43.31
C LEU D 20 -12.88 -32.50 44.04
N LEU E 5 24.38 43.16 -43.26
CA LEU E 5 25.39 43.29 -42.17
C LEU E 5 24.76 43.17 -40.78
N LEU E 6 25.06 42.05 -40.13
CA LEU E 6 24.94 41.74 -38.73
C LEU E 6 23.58 41.56 -38.06
N VAL E 7 23.12 40.30 -38.18
CA VAL E 7 21.93 39.75 -37.56
C VAL E 7 22.31 38.75 -36.47
N THR E 8 21.45 38.56 -35.47
CA THR E 8 21.66 37.59 -34.39
C THR E 8 20.54 36.57 -34.35
N LYS E 9 20.79 35.25 -34.24
CA LYS E 9 19.67 34.31 -34.20
C LYS E 9 19.20 33.96 -32.79
N ARG E 10 18.37 32.91 -32.76
CA ARG E 10 17.78 32.39 -31.53
C ARG E 10 18.77 31.79 -30.54
N ASP E 11 19.88 31.18 -31.04
CA ASP E 11 20.92 30.75 -30.09
C ASP E 11 21.81 31.97 -29.73
N GLY E 12 21.67 32.98 -30.57
CA GLY E 12 22.27 34.27 -30.15
C GLY E 12 23.66 34.29 -30.80
N SER E 13 23.61 33.73 -32.03
CA SER E 13 24.88 33.73 -32.74
C SER E 13 24.67 34.35 -34.12
N THR E 14 25.59 35.30 -34.23
CA THR E 14 25.77 36.22 -35.32
C THR E 14 26.04 35.56 -36.66
N GLU E 15 25.25 36.02 -37.61
CA GLU E 15 25.40 35.71 -39.02
C GLU E 15 25.11 37.01 -39.78
N ARG E 16 25.66 37.10 -40.98
CA ARG E 16 25.42 38.27 -41.81
C ARG E 16 24.01 38.22 -42.44
N ILE E 17 23.53 39.44 -42.70
CA ILE E 17 22.24 39.58 -43.38
C ILE E 17 22.33 39.16 -44.84
N ASN E 18 21.37 38.37 -45.29
CA ASN E 18 21.26 38.08 -46.72
C ASN E 18 19.89 38.62 -47.15
N LEU E 19 19.90 39.85 -47.65
CA LEU E 19 18.65 40.51 -47.99
C LEU E 19 17.83 39.92 -49.13
N ASP E 20 18.24 38.82 -49.78
CA ASP E 20 17.39 38.25 -50.83
C ASP E 20 16.56 37.10 -50.28
N LYS E 21 16.96 36.62 -49.09
CA LYS E 21 16.17 35.58 -48.42
C LYS E 21 14.83 36.19 -48.04
N ILE E 22 14.91 37.32 -47.34
CA ILE E 22 13.74 38.12 -46.95
C ILE E 22 12.84 38.32 -48.15
N HIS E 23 13.42 38.86 -49.22
CA HIS E 23 12.70 39.11 -50.46
C HIS E 23 11.92 37.88 -50.92
N ARG E 24 12.59 36.72 -50.96
CA ARG E 24 11.92 35.48 -51.37
C ARG E 24 10.71 35.25 -50.48
N VAL E 25 10.91 35.28 -49.16
CA VAL E 25 9.81 35.08 -48.22
C VAL E 25 8.61 35.94 -48.61
N LEU E 26 8.82 37.25 -48.74
CA LEU E 26 7.77 38.17 -49.17
C LEU E 26 7.16 37.72 -50.49
N ASP E 27 8.01 37.48 -51.49
CA ASP E 27 7.61 37.04 -52.81
C ASP E 27 6.64 35.86 -52.74
N TRP E 28 6.98 34.87 -51.93
CA TRP E 28 6.15 33.70 -51.69
C TRP E 28 4.78 34.08 -51.12
N ALA E 29 4.78 34.80 -50.02
CA ALA E 29 3.57 35.23 -49.33
C ALA E 29 2.58 35.96 -50.24
N ALA E 30 3.10 36.80 -51.13
CA ALA E 30 2.31 37.58 -52.07
C ALA E 30 1.64 36.73 -53.15
N GLU E 31 2.16 35.53 -53.40
CA GLU E 31 1.58 34.62 -54.38
C GLU E 31 0.06 34.66 -54.43
N GLY E 32 -0.46 34.99 -55.61
CA GLY E 32 -1.88 35.05 -55.85
C GLY E 32 -2.62 36.29 -55.37
N LEU E 33 -1.97 37.22 -54.68
CA LEU E 33 -2.66 38.40 -54.18
C LEU E 33 -2.63 39.56 -55.18
N HIS E 34 -3.63 40.43 -55.14
CA HIS E 34 -3.71 41.57 -56.04
C HIS E 34 -3.61 42.92 -55.33
N ASN E 35 -2.79 43.81 -55.88
CA ASN E 35 -2.61 45.16 -55.39
C ASN E 35 -1.70 45.31 -54.18
N VAL E 36 -0.86 44.31 -53.94
CA VAL E 36 0.12 44.43 -52.85
C VAL E 36 1.47 44.70 -53.49
N SER E 37 2.28 45.54 -52.87
CA SER E 37 3.59 45.82 -53.45
C SER E 37 4.70 45.39 -52.50
N ILE E 38 5.44 44.38 -52.94
CA ILE E 38 6.58 43.91 -52.14
C ILE E 38 7.54 45.04 -51.80
N SER E 39 7.92 45.84 -52.79
CA SER E 39 8.78 46.99 -52.59
C SER E 39 8.34 47.85 -51.41
N GLN E 40 7.07 48.28 -51.46
CA GLN E 40 6.50 49.10 -50.39
C GLN E 40 6.87 48.53 -49.01
N VAL E 41 6.62 47.24 -48.82
CA VAL E 41 6.91 46.56 -47.57
C VAL E 41 8.41 46.58 -47.29
N GLU E 42 9.21 46.26 -48.28
CA GLU E 42 10.67 46.26 -48.06
C GLU E 42 11.13 47.63 -47.59
N LEU E 43 10.71 48.68 -48.31
CA LEU E 43 11.04 50.05 -47.95
C LEU E 43 10.75 50.38 -46.50
N ARG E 44 9.50 50.22 -46.08
CA ARG E 44 9.09 50.53 -44.72
C ARG E 44 9.71 49.70 -43.61
N SER E 45 10.28 48.53 -43.89
CA SER E 45 10.84 47.71 -42.82
C SER E 45 12.36 47.72 -42.81
N HIS E 46 12.99 47.86 -43.98
CA HIS E 46 14.46 47.84 -44.02
C HIS E 46 15.09 48.99 -43.26
N ILE E 47 14.50 50.17 -43.37
CA ILE E 47 14.90 51.35 -42.62
C ILE E 47 14.97 51.14 -41.11
N GLN E 48 14.17 50.27 -40.51
CA GLN E 48 14.20 50.01 -39.08
C GLN E 48 15.20 48.91 -38.72
N PHE E 49 15.97 48.39 -39.68
CA PHE E 49 16.93 47.33 -39.39
C PHE E 49 18.24 47.88 -38.80
N TYR E 50 18.92 47.08 -37.98
CA TYR E 50 20.17 47.51 -37.37
C TYR E 50 21.10 46.36 -36.97
N ASP E 51 22.41 46.62 -36.92
CA ASP E 51 23.40 45.63 -36.55
C ASP E 51 23.13 45.03 -35.17
N GLY E 52 22.94 43.71 -35.15
CA GLY E 52 22.64 43.02 -33.89
C GLY E 52 21.14 42.74 -33.78
N ILE E 53 20.47 42.94 -34.93
CA ILE E 53 19.04 42.74 -34.99
C ILE E 53 18.71 41.26 -34.84
N LYS E 54 17.95 40.95 -33.78
CA LYS E 54 17.46 39.57 -33.62
C LYS E 54 16.61 39.22 -34.84
N THR E 55 16.62 37.94 -35.20
CA THR E 55 15.88 37.42 -36.33
C THR E 55 14.37 37.58 -36.12
N SER E 56 13.93 37.16 -34.93
CA SER E 56 12.51 37.29 -34.57
C SER E 56 11.99 38.68 -34.92
N ASP E 57 12.67 39.73 -34.44
CA ASP E 57 12.41 41.11 -34.75
C ASP E 57 12.27 41.37 -36.24
N ILE E 58 13.17 40.82 -37.06
CA ILE E 58 13.06 40.93 -38.51
C ILE E 58 11.67 40.51 -38.98
N HIS E 59 11.17 39.37 -38.50
CA HIS E 59 9.82 38.95 -38.88
C HIS E 59 8.77 39.94 -38.39
N GLU E 60 8.75 40.27 -37.10
CA GLU E 60 7.82 41.23 -36.55
C GLU E 60 7.72 42.50 -37.40
N THR E 61 8.88 43.06 -37.77
CA THR E 61 8.94 44.27 -38.56
C THR E 61 8.25 44.15 -39.91
N ILE E 62 8.48 43.06 -40.66
CA ILE E 62 7.86 42.96 -41.99
C ILE E 62 6.37 42.67 -41.84
N ILE E 63 6.04 41.84 -40.87
CA ILE E 63 4.63 41.52 -40.60
C ILE E 63 3.87 42.82 -40.37
N LYS E 64 4.35 43.60 -39.40
CA LYS E 64 3.74 44.89 -39.07
C LYS E 64 3.63 45.79 -40.30
N ALA E 65 4.71 45.92 -41.05
CA ALA E 65 4.73 46.78 -42.24
C ALA E 65 3.60 46.39 -43.19
N ALA E 66 3.53 45.09 -43.49
CA ALA E 66 2.47 44.56 -44.35
C ALA E 66 1.10 44.86 -43.75
N ALA E 67 0.94 44.56 -42.46
CA ALA E 67 -0.30 44.78 -41.73
C ALA E 67 -0.74 46.23 -41.72
N ASP E 68 0.19 47.17 -41.64
CA ASP E 68 -0.12 48.60 -41.62
C ASP E 68 -0.66 49.09 -42.95
N LEU E 69 -0.56 48.34 -44.05
CA LEU E 69 -1.07 48.78 -45.34
C LEU E 69 -2.46 48.24 -45.63
N ILE E 70 -3.05 47.50 -44.68
CA ILE E 70 -4.40 46.95 -44.88
C ILE E 70 -5.37 48.12 -45.06
N SER E 71 -6.19 48.07 -46.10
CA SER E 71 -7.11 49.15 -46.42
C SER E 71 -8.29 48.66 -47.25
N ARG E 72 -9.21 49.57 -47.58
CA ARG E 72 -10.34 49.17 -48.43
C ARG E 72 -9.90 49.11 -49.89
N ASP E 73 -8.86 49.87 -50.22
CA ASP E 73 -8.32 49.94 -51.59
C ASP E 73 -7.35 48.81 -51.88
N ALA E 74 -6.78 48.21 -50.85
CA ALA E 74 -5.89 47.05 -50.99
C ALA E 74 -6.10 46.13 -49.80
N PRO E 75 -7.11 45.27 -49.92
CA PRO E 75 -7.54 44.36 -48.89
C PRO E 75 -6.69 43.10 -48.81
N ASP E 76 -5.98 42.77 -49.88
CA ASP E 76 -5.11 41.60 -49.88
C ASP E 76 -3.87 41.70 -49.01
N TYR E 77 -3.62 42.83 -48.37
CA TYR E 77 -2.53 42.98 -47.41
C TYR E 77 -2.87 42.11 -46.21
N GLN E 78 -4.17 41.96 -45.93
CA GLN E 78 -4.68 41.07 -44.90
C GLN E 78 -4.00 39.69 -44.98
N TYR E 79 -4.01 39.09 -46.17
CA TYR E 79 -3.39 37.79 -46.37
C TYR E 79 -1.88 37.85 -46.45
N LEU E 80 -1.29 38.90 -47.00
CA LEU E 80 0.17 38.99 -47.06
C LEU E 80 0.73 39.03 -45.65
N ALA E 81 0.11 39.85 -44.79
CA ALA E 81 0.54 39.98 -43.40
C ALA E 81 0.38 38.65 -42.67
N ALA E 82 -0.80 38.04 -42.85
CA ALA E 82 -1.16 36.77 -42.24
C ALA E 82 -0.17 35.66 -42.54
N ARG E 83 0.04 35.37 -43.82
CA ARG E 83 1.01 34.36 -44.23
C ARG E 83 2.36 34.59 -43.59
N LEU E 84 2.90 35.81 -43.69
CA LEU E 84 4.16 36.11 -43.02
C LEU E 84 4.09 35.73 -41.54
N ALA E 85 3.00 36.06 -40.85
CA ALA E 85 2.83 35.68 -39.45
C ALA E 85 2.69 34.17 -39.27
N ILE E 86 1.97 33.49 -40.16
CA ILE E 86 1.87 32.03 -40.09
C ILE E 86 3.28 31.43 -40.12
N PHE E 87 4.02 31.81 -41.14
CA PHE E 87 5.40 31.39 -41.32
C PHE E 87 6.24 31.54 -40.05
N HIS E 88 6.23 32.75 -39.49
CA HIS E 88 6.95 33.05 -38.25
C HIS E 88 6.56 32.09 -37.13
N LEU E 89 5.26 31.94 -36.88
CA LEU E 89 4.76 31.02 -35.86
C LEU E 89 5.20 29.58 -36.14
N ARG E 90 5.15 29.16 -37.40
CA ARG E 90 5.69 27.85 -37.76
C ARG E 90 7.09 27.73 -37.18
N LYS E 91 8.03 28.58 -37.62
CA LYS E 91 9.39 28.57 -37.11
C LYS E 91 9.44 28.68 -35.58
N LYS E 92 8.63 29.57 -35.00
CA LYS E 92 8.58 29.72 -33.55
C LYS E 92 8.20 28.42 -32.82
N ALA E 93 7.33 27.60 -33.37
CA ALA E 93 6.89 26.40 -32.67
C ALA E 93 7.72 25.15 -32.98
N TYR E 94 8.08 24.98 -34.26
CA TYR E 94 8.71 23.74 -34.68
C TYR E 94 10.20 23.91 -34.94
N GLY E 95 10.61 25.16 -35.16
CA GLY E 95 12.01 25.46 -35.44
C GLY E 95 12.27 25.45 -36.94
N GLN E 96 11.24 25.14 -37.71
CA GLN E 96 11.28 25.07 -39.16
C GLN E 96 9.87 25.28 -39.69
N PHE E 97 9.74 25.59 -40.97
CA PHE E 97 8.41 25.81 -41.54
C PHE E 97 7.57 24.53 -41.50
N GLU E 98 8.18 23.41 -41.85
CA GLU E 98 7.49 22.12 -41.87
C GLU E 98 7.15 21.53 -40.53
N PRO E 99 5.86 21.36 -40.28
CA PRO E 99 5.31 20.79 -39.07
C PRO E 99 5.67 19.31 -38.97
N PRO E 100 6.09 18.90 -37.78
CA PRO E 100 6.42 17.52 -37.49
C PRO E 100 5.24 16.61 -37.79
N ALA E 101 5.49 15.31 -37.70
CA ALA E 101 4.46 14.29 -37.89
C ALA E 101 3.56 14.24 -36.66
N LEU E 102 2.26 14.24 -36.93
CA LEU E 102 1.23 14.22 -35.90
C LEU E 102 1.58 13.40 -34.66
N TYR E 103 1.84 12.11 -34.86
CA TYR E 103 2.19 11.21 -33.76
C TYR E 103 3.33 11.72 -32.89
N ASP E 104 4.46 12.07 -33.51
CA ASP E 104 5.61 12.60 -32.77
C ASP E 104 5.20 13.78 -31.90
N HIS E 105 4.53 14.74 -32.53
CA HIS E 105 3.98 15.90 -31.85
C HIS E 105 3.14 15.55 -30.64
N VAL E 106 2.04 14.82 -30.84
CA VAL E 106 1.16 14.41 -29.75
C VAL E 106 2.02 13.86 -28.61
N VAL E 107 2.79 12.80 -28.90
CA VAL E 107 3.73 12.19 -27.96
C VAL E 107 4.48 13.22 -27.13
N LYS E 108 5.24 14.09 -27.79
CA LYS E 108 6.01 15.15 -27.14
C LYS E 108 5.14 16.03 -26.26
N MET E 109 4.03 16.53 -26.82
CA MET E 109 3.09 17.37 -26.10
C MET E 109 2.53 16.68 -24.85
N VAL E 110 2.17 15.40 -24.98
CA VAL E 110 1.70 14.60 -23.86
C VAL E 110 2.76 14.52 -22.77
N GLU E 111 4.02 14.29 -23.15
CA GLU E 111 5.12 14.22 -22.20
C GLU E 111 5.36 15.55 -21.48
N MET E 112 5.19 16.65 -22.22
CA MET E 112 5.30 17.97 -21.61
C MET E 112 4.08 18.34 -20.77
N GLY E 113 3.01 17.55 -20.86
CA GLY E 113 1.80 17.76 -20.08
C GLY E 113 0.93 18.88 -20.62
N LYS E 114 0.96 19.10 -21.93
CA LYS E 114 0.12 20.13 -22.53
C LYS E 114 -1.11 19.53 -23.20
N TYR E 115 -0.99 18.26 -23.62
CA TYR E 115 -2.14 17.56 -24.19
C TYR E 115 -2.61 16.46 -23.22
N ASP E 116 -3.89 16.12 -23.29
CA ASP E 116 -4.44 15.07 -22.43
C ASP E 116 -3.79 13.74 -22.80
N ASN E 117 -3.46 12.91 -21.81
CA ASN E 117 -2.81 11.64 -22.09
C ASN E 117 -3.77 10.64 -22.72
N HIS E 118 -5.05 10.72 -22.37
CA HIS E 118 -6.08 9.85 -22.93
C HIS E 118 -6.00 9.72 -24.45
N LEU E 119 -5.53 10.71 -25.19
CA LEU E 119 -5.33 10.69 -26.61
C LEU E 119 -4.45 9.54 -27.09
N LEU E 120 -3.39 9.26 -26.32
CA LEU E 120 -2.48 8.16 -26.68
C LEU E 120 -3.11 6.83 -26.30
N GLU E 121 -3.97 6.85 -25.29
CA GLU E 121 -4.73 5.67 -24.89
C GLU E 121 -5.85 5.36 -25.89
N ASP E 122 -6.54 6.38 -26.39
CA ASP E 122 -7.68 6.15 -27.28
C ASP E 122 -7.26 5.84 -28.70
N TYR E 123 -6.18 6.47 -29.18
CA TYR E 123 -5.75 6.23 -30.55
C TYR E 123 -4.41 5.50 -30.61
N THR E 124 -4.29 4.57 -31.56
CA THR E 124 -3.06 3.82 -31.74
C THR E 124 -2.10 4.61 -32.62
N GLU E 125 -0.84 4.21 -32.64
CA GLU E 125 0.17 4.87 -33.47
C GLU E 125 -0.25 4.89 -34.94
N GLU E 126 -0.83 3.80 -35.42
CA GLU E 126 -1.29 3.65 -36.79
C GLU E 126 -2.45 4.61 -37.06
N GLU E 127 -3.34 4.75 -36.09
CA GLU E 127 -4.47 5.67 -36.19
C GLU E 127 -4.00 7.10 -36.37
N PHE E 128 -3.06 7.54 -35.53
CA PHE E 128 -2.48 8.88 -35.66
C PHE E 128 -1.85 9.03 -37.04
N LYS E 129 -1.07 8.05 -37.49
CA LYS E 129 -0.52 8.03 -38.84
C LYS E 129 -1.58 8.23 -39.92
N GLN E 130 -2.77 7.67 -39.70
CA GLN E 130 -3.86 7.82 -40.65
C GLN E 130 -4.41 9.24 -40.60
N MET E 131 -4.68 9.74 -39.40
CA MET E 131 -5.11 11.13 -39.25
C MET E 131 -4.19 12.11 -39.94
N ASP E 132 -2.87 11.97 -39.76
CA ASP E 132 -1.87 12.81 -40.41
C ASP E 132 -2.14 12.99 -41.90
N THR E 133 -2.53 11.93 -42.61
CA THR E 133 -2.86 12.03 -44.03
C THR E 133 -4.07 12.93 -44.29
N PHE E 134 -5.01 13.08 -43.37
CA PHE E 134 -6.13 14.00 -43.55
C PHE E 134 -5.66 15.45 -43.56
N ILE E 135 -4.82 15.81 -42.60
CA ILE E 135 -4.33 17.17 -42.42
C ILE E 135 -3.81 17.78 -43.72
N ASP E 136 -4.15 19.03 -43.94
CA ASP E 136 -3.62 19.85 -45.03
C ASP E 136 -3.08 21.13 -44.40
N HIS E 137 -1.78 21.14 -44.13
CA HIS E 137 -1.11 22.27 -43.49
C HIS E 137 -1.15 23.56 -44.26
N ASP E 138 -1.39 23.50 -45.57
CA ASP E 138 -1.57 24.64 -46.43
C ASP E 138 -2.87 25.39 -46.21
N ARG E 139 -3.81 24.89 -45.41
CA ARG E 139 -5.03 25.62 -45.11
C ARG E 139 -4.75 26.84 -44.25
N ASP E 140 -3.66 26.77 -43.48
CA ASP E 140 -3.10 27.85 -42.70
C ASP E 140 -2.90 29.14 -43.50
N MET E 141 -2.67 29.05 -44.81
CA MET E 141 -2.54 30.16 -45.71
C MET E 141 -3.83 30.86 -46.09
N THR E 142 -4.98 30.37 -45.65
CA THR E 142 -6.25 31.02 -45.99
C THR E 142 -6.69 32.00 -44.90
N PHE E 143 -6.02 31.98 -43.75
CA PHE E 143 -6.36 32.85 -42.64
C PHE E 143 -6.12 34.33 -42.97
N SER E 144 -6.86 35.22 -42.33
CA SER E 144 -6.67 36.65 -42.51
C SER E 144 -5.84 37.14 -41.32
N TYR E 145 -5.16 38.27 -41.46
CA TYR E 145 -4.31 38.75 -40.37
C TYR E 145 -5.05 38.81 -39.04
N ALA E 146 -6.24 39.40 -39.00
CA ALA E 146 -7.00 39.49 -37.75
C ALA E 146 -7.21 38.10 -37.15
N ALA E 147 -7.66 37.14 -37.96
CA ALA E 147 -7.76 35.75 -37.54
C ALA E 147 -6.49 35.22 -36.91
N VAL E 148 -5.36 35.27 -37.62
CA VAL E 148 -4.10 34.77 -37.09
C VAL E 148 -3.82 35.34 -35.70
N LYS E 149 -3.98 36.65 -35.51
CA LYS E 149 -3.87 37.27 -34.21
C LYS E 149 -4.77 36.65 -33.14
N GLN E 150 -6.00 36.27 -33.48
CA GLN E 150 -6.90 35.63 -32.52
C GLN E 150 -6.35 34.24 -32.19
N LEU E 151 -5.99 33.50 -33.22
CA LEU E 151 -5.40 32.18 -33.06
C LEU E 151 -4.21 32.20 -32.09
N GLU E 152 -3.24 33.04 -32.43
CA GLU E 152 -2.02 33.23 -31.65
C GLU E 152 -2.35 33.72 -30.24
N GLY E 153 -3.33 34.61 -30.14
CA GLY E 153 -3.76 35.19 -28.89
C GLY E 153 -4.52 34.32 -27.92
N LYS E 154 -5.51 33.54 -28.33
CA LYS E 154 -6.26 32.78 -27.31
C LYS E 154 -6.57 31.34 -27.66
N TYR E 155 -6.30 30.88 -28.87
CA TYR E 155 -6.61 29.50 -29.24
C TYR E 155 -5.42 28.56 -29.08
N LEU E 156 -4.35 28.80 -29.85
CA LEU E 156 -3.20 27.91 -29.80
C LEU E 156 -2.72 27.62 -28.38
N VAL E 157 -2.16 26.43 -28.20
CA VAL E 157 -1.61 26.00 -26.91
C VAL E 157 -0.23 26.66 -26.75
N GLN E 158 -0.08 27.40 -25.65
CA GLN E 158 1.20 28.07 -25.42
C GLN E 158 1.56 28.19 -23.95
N ASN E 159 2.73 28.74 -23.70
CA ASN E 159 3.18 29.00 -22.32
C ASN E 159 3.04 30.51 -22.17
N ARG E 160 2.08 30.98 -21.40
CA ARG E 160 1.79 32.42 -21.31
C ARG E 160 2.84 33.24 -20.59
N VAL E 161 3.52 32.60 -19.64
CA VAL E 161 4.62 33.21 -18.92
C VAL E 161 5.80 33.44 -19.87
N THR E 162 6.32 32.36 -20.43
CA THR E 162 7.47 32.40 -21.32
C THR E 162 7.16 32.91 -22.72
N GLY E 163 5.92 32.73 -23.18
CA GLY E 163 5.54 33.17 -24.52
C GLY E 163 5.76 32.11 -25.60
N GLU E 164 6.20 30.91 -25.21
CA GLU E 164 6.42 29.84 -26.19
C GLU E 164 5.11 29.35 -26.81
N ILE E 165 5.06 29.20 -28.13
CA ILE E 165 3.84 28.71 -28.81
C ILE E 165 4.13 27.29 -29.28
N TYR E 166 3.30 26.35 -28.83
CA TYR E 166 3.56 24.93 -29.07
C TYR E 166 2.90 24.24 -30.23
N GLU E 167 1.86 24.79 -30.85
CA GLU E 167 1.20 24.09 -31.95
C GLU E 167 0.81 25.03 -33.08
N SER E 168 0.22 24.47 -34.12
CA SER E 168 -0.27 25.27 -35.24
C SER E 168 -1.73 24.93 -35.52
N ALA E 169 -2.45 25.88 -36.12
CA ALA E 169 -3.86 25.72 -36.43
C ALA E 169 -4.30 24.31 -36.81
N GLN E 170 -3.79 23.69 -37.87
CA GLN E 170 -4.26 22.37 -38.29
C GLN E 170 -4.21 21.31 -37.20
N PHE E 171 -3.19 21.29 -36.34
CA PHE E 171 -3.14 20.31 -35.25
C PHE E 171 -4.30 20.54 -34.28
N LEU E 172 -4.60 21.80 -33.99
CA LEU E 172 -5.72 22.17 -33.14
C LEU E 172 -6.99 21.50 -33.64
N TYR E 173 -7.32 21.81 -34.88
CA TYR E 173 -8.52 21.28 -35.51
C TYR E 173 -8.61 19.77 -35.49
N ILE E 174 -7.59 19.06 -35.97
CA ILE E 174 -7.60 17.61 -35.98
C ILE E 174 -7.72 16.96 -34.62
N LEU E 175 -7.08 17.53 -33.61
CA LEU E 175 -7.17 17.00 -32.25
C LEU E 175 -8.48 17.34 -31.57
N VAL E 176 -9.11 18.45 -31.95
CA VAL E 176 -10.44 18.78 -31.42
C VAL E 176 -11.39 17.68 -31.90
N ALA E 177 -11.27 17.36 -33.19
CA ALA E 177 -12.09 16.30 -33.77
C ALA E 177 -11.85 14.98 -33.05
N ALA E 178 -10.60 14.56 -33.04
CA ALA E 178 -10.21 13.32 -32.38
C ALA E 178 -10.83 13.16 -30.99
N CYS E 179 -10.73 14.16 -30.12
CA CYS E 179 -11.30 14.07 -28.79
C CYS E 179 -12.81 13.94 -28.79
N LEU E 180 -13.52 14.79 -29.52
CA LEU E 180 -14.97 14.73 -29.54
C LEU E 180 -15.53 13.41 -30.06
N PHE E 181 -14.89 12.79 -31.05
CA PHE E 181 -15.37 11.52 -31.57
C PHE E 181 -14.59 10.31 -31.07
N SER E 182 -13.81 10.42 -30.01
CA SER E 182 -12.96 9.35 -29.53
C SER E 182 -13.71 8.12 -29.04
N ASN E 183 -14.95 8.24 -28.59
CA ASN E 183 -15.72 7.10 -28.11
C ASN E 183 -16.48 6.36 -29.22
N TYR E 184 -16.46 6.91 -30.43
CA TYR E 184 -17.18 6.26 -31.53
C TYR E 184 -16.56 4.91 -31.83
N PRO E 185 -17.39 4.00 -32.31
CA PRO E 185 -16.96 2.65 -32.68
C PRO E 185 -15.85 2.79 -33.69
N ARG E 186 -14.89 1.87 -33.69
CA ARG E 186 -13.74 1.95 -34.58
C ARG E 186 -14.11 1.92 -36.04
N GLU E 187 -15.26 1.33 -36.40
CA GLU E 187 -15.73 1.26 -37.76
C GLU E 187 -16.23 2.59 -38.32
N THR E 188 -16.34 3.66 -37.54
CA THR E 188 -16.80 4.95 -38.06
C THR E 188 -15.94 6.11 -37.59
N ARG E 189 -15.45 6.03 -36.37
CA ARG E 189 -14.66 7.02 -35.67
C ARG E 189 -13.87 7.99 -36.52
N LEU E 190 -12.92 7.44 -37.27
CA LEU E 190 -12.02 8.17 -38.15
C LEU E 190 -12.67 8.79 -39.38
N GLN E 191 -13.76 8.20 -39.83
CA GLN E 191 -14.51 8.77 -40.96
C GLN E 191 -15.15 10.07 -40.49
N TYR E 192 -15.71 10.07 -39.28
CA TYR E 192 -16.22 11.27 -38.65
C TYR E 192 -15.09 12.26 -38.42
N VAL E 193 -14.01 11.82 -37.77
CA VAL E 193 -12.86 12.68 -37.51
C VAL E 193 -12.50 13.48 -38.75
N LYS E 194 -12.23 12.82 -39.87
CA LYS E 194 -11.92 13.50 -41.11
C LYS E 194 -13.01 14.48 -41.53
N ARG E 195 -14.25 14.03 -41.58
CA ARG E 195 -15.37 14.89 -41.99
C ARG E 195 -15.50 16.14 -41.14
N PHE E 196 -15.46 16.00 -39.81
CA PHE E 196 -15.49 17.16 -38.93
C PHE E 196 -14.32 18.09 -39.23
N TYR E 197 -13.11 17.55 -39.16
CA TYR E 197 -11.91 18.30 -39.48
C TYR E 197 -12.11 19.16 -40.72
N ASP E 198 -12.45 18.57 -41.86
CA ASP E 198 -12.72 19.32 -43.08
C ASP E 198 -13.72 20.45 -42.88
N ALA E 199 -14.84 20.17 -42.21
CA ALA E 199 -15.84 21.19 -41.92
C ALA E 199 -15.26 22.38 -41.18
N VAL E 200 -14.63 22.16 -40.03
CA VAL E 200 -14.07 23.25 -39.26
C VAL E 200 -12.86 23.93 -39.86
N SER E 201 -11.97 23.25 -40.57
CA SER E 201 -10.77 23.87 -41.11
C SER E 201 -11.02 24.67 -42.38
N THR E 202 -12.19 24.47 -42.98
CA THR E 202 -12.57 25.21 -44.17
C THR E 202 -13.70 26.16 -43.80
N PHE E 203 -13.76 26.51 -42.52
CA PHE E 203 -14.64 27.45 -41.87
C PHE E 203 -16.15 27.28 -42.06
N LYS E 204 -16.64 26.08 -42.28
CA LYS E 204 -18.05 25.81 -42.47
C LYS E 204 -18.76 25.87 -41.12
N ILE E 205 -18.17 25.17 -40.15
CA ILE E 205 -18.70 25.19 -38.79
C ILE E 205 -17.78 26.01 -37.90
N SER E 206 -18.35 26.80 -37.00
CA SER E 206 -17.54 27.64 -36.11
C SER E 206 -17.72 27.15 -34.68
N LEU E 207 -16.65 27.18 -33.90
CA LEU E 207 -16.75 26.72 -32.52
C LEU E 207 -16.34 27.81 -31.53
N PRO E 208 -16.97 27.82 -30.38
CA PRO E 208 -16.73 28.74 -29.29
C PRO E 208 -15.33 28.69 -28.74
N THR E 209 -14.90 29.75 -28.07
CA THR E 209 -13.53 29.85 -27.55
C THR E 209 -13.08 28.78 -26.59
N PRO E 210 -13.85 28.48 -25.56
CA PRO E 210 -13.57 27.47 -24.56
C PRO E 210 -13.17 26.12 -25.17
N ILE E 211 -14.00 25.67 -26.10
CA ILE E 211 -13.74 24.44 -26.84
C ILE E 211 -12.43 24.53 -27.61
N MET E 212 -12.32 25.48 -28.52
CA MET E 212 -11.14 25.68 -29.33
C MET E 212 -9.84 25.78 -28.53
N SER E 213 -9.85 26.51 -27.43
CA SER E 213 -8.66 26.66 -26.61
C SER E 213 -8.43 25.51 -25.65
N GLY E 214 -9.45 24.73 -25.29
CA GLY E 214 -9.28 23.65 -24.32
C GLY E 214 -9.30 22.21 -24.76
N VAL E 215 -10.28 21.81 -25.59
CA VAL E 215 -10.42 20.43 -26.04
C VAL E 215 -9.16 19.92 -26.70
N ARG E 216 -8.48 19.00 -26.03
CA ARG E 216 -7.23 18.39 -26.44
C ARG E 216 -6.22 18.52 -25.29
N THR E 217 -6.54 19.38 -24.34
CA THR E 217 -5.66 19.60 -23.19
C THR E 217 -6.31 18.96 -21.97
N PRO E 218 -5.52 18.79 -20.91
CA PRO E 218 -5.92 18.22 -19.64
C PRO E 218 -7.19 18.74 -19.00
N THR E 219 -7.59 19.99 -19.17
CA THR E 219 -8.81 20.54 -18.58
C THR E 219 -10.09 19.87 -19.09
N ARG E 220 -11.17 20.06 -18.32
CA ARG E 220 -12.48 19.50 -18.65
C ARG E 220 -13.59 20.55 -18.56
N GLN E 221 -13.23 21.78 -18.20
CA GLN E 221 -14.20 22.88 -18.08
C GLN E 221 -14.44 23.55 -19.43
N PHE E 222 -15.65 23.43 -20.00
CA PHE E 222 -15.91 23.99 -21.31
C PHE E 222 -17.18 24.83 -21.44
N SER E 223 -17.95 25.00 -20.37
CA SER E 223 -19.20 25.76 -20.52
C SER E 223 -18.92 27.26 -20.33
N SER E 224 -19.51 28.09 -21.20
CA SER E 224 -19.31 29.51 -21.15
C SER E 224 -20.40 30.26 -20.40
N CYS E 225 -21.66 29.81 -20.46
CA CYS E 225 -22.66 30.54 -19.69
C CYS E 225 -23.56 29.57 -18.94
N VAL E 226 -24.05 30.04 -17.80
CA VAL E 226 -24.88 29.26 -16.88
C VAL E 226 -26.13 30.04 -16.54
N LEU E 227 -27.20 29.34 -16.17
CA LEU E 227 -28.47 29.94 -15.78
C LEU E 227 -28.89 29.44 -14.40
N ILE E 228 -28.94 30.32 -13.40
CA ILE E 228 -29.34 29.92 -12.06
C ILE E 228 -30.63 30.63 -11.63
N GLU E 229 -31.60 29.86 -11.15
CA GLU E 229 -32.85 30.45 -10.67
C GLU E 229 -32.81 30.45 -9.14
N CYS E 230 -33.06 31.59 -8.53
CA CYS E 230 -32.93 31.72 -7.09
C CYS E 230 -34.29 31.67 -6.41
N GLY E 231 -34.37 30.97 -5.30
CA GLY E 231 -35.61 30.85 -4.52
C GLY E 231 -35.74 31.99 -3.52
N ASP E 232 -36.92 32.16 -2.94
CA ASP E 232 -37.17 33.22 -1.97
C ASP E 232 -36.85 32.76 -0.56
N SER E 233 -35.61 32.34 -0.31
CA SER E 233 -35.20 31.84 0.99
C SER E 233 -33.71 32.04 1.23
N LEU E 234 -33.31 32.32 2.46
CA LEU E 234 -31.88 32.49 2.75
C LEU E 234 -31.09 31.27 2.30
N ASP E 235 -31.59 30.07 2.57
CA ASP E 235 -30.95 28.84 2.08
C ASP E 235 -30.69 28.86 0.57
N SER E 236 -31.67 29.23 -0.24
CA SER E 236 -31.51 29.28 -1.69
C SER E 236 -30.66 30.45 -2.14
N ILE E 237 -30.74 31.61 -1.51
CA ILE E 237 -29.88 32.74 -1.86
C ILE E 237 -28.43 32.28 -1.75
N ASN E 238 -28.10 31.75 -0.57
CA ASN E 238 -26.76 31.26 -0.29
C ASN E 238 -26.29 30.26 -1.33
N ALA E 239 -27.11 29.27 -1.63
CA ALA E 239 -26.76 28.28 -2.64
C ALA E 239 -26.43 28.95 -3.98
N THR E 240 -27.37 29.76 -4.45
CA THR E 240 -27.21 30.51 -5.69
C THR E 240 -25.84 31.18 -5.69
N SER E 241 -25.64 32.10 -4.75
CA SER E 241 -24.38 32.80 -4.60
C SER E 241 -23.20 31.83 -4.65
N SER E 242 -23.23 30.72 -3.91
CA SER E 242 -22.13 29.76 -3.97
C SER E 242 -21.91 29.30 -5.40
N ALA E 243 -22.95 28.84 -6.08
CA ALA E 243 -22.83 28.39 -7.46
C ALA E 243 -22.12 29.44 -8.32
N ILE E 244 -22.61 30.67 -8.31
CA ILE E 244 -22.00 31.76 -9.08
C ILE E 244 -20.49 31.82 -8.89
N VAL E 245 -20.04 31.86 -7.63
CA VAL E 245 -18.61 31.90 -7.36
C VAL E 245 -17.90 30.73 -8.01
N LYS E 246 -18.42 29.52 -7.89
CA LYS E 246 -17.81 28.38 -8.58
C LYS E 246 -17.68 28.64 -10.08
N TYR E 247 -18.79 28.93 -10.74
CA TYR E 247 -18.82 29.15 -12.17
C TYR E 247 -18.07 30.35 -12.68
N VAL E 248 -18.03 31.50 -12.02
CA VAL E 248 -17.29 32.66 -12.53
C VAL E 248 -15.79 32.42 -12.50
N SER E 249 -15.35 31.53 -11.62
CA SER E 249 -13.96 31.15 -11.49
C SER E 249 -13.46 30.38 -12.71
N GLN E 250 -14.38 29.82 -13.48
CA GLN E 250 -14.10 29.09 -14.70
C GLN E 250 -14.50 29.99 -15.89
N ARG E 251 -14.45 31.30 -15.68
CA ARG E 251 -14.69 32.29 -16.71
C ARG E 251 -16.04 32.14 -17.39
N ALA E 252 -17.09 31.85 -16.62
CA ALA E 252 -18.41 31.68 -17.23
C ALA E 252 -19.29 32.90 -17.01
N GLY E 253 -20.08 33.19 -18.04
CA GLY E 253 -21.05 34.29 -17.98
C GLY E 253 -22.28 33.77 -17.23
N ILE E 254 -22.87 34.57 -16.37
CA ILE E 254 -23.98 34.13 -15.54
C ILE E 254 -25.30 34.77 -15.91
N GLY E 255 -26.40 34.06 -15.74
CA GLY E 255 -27.73 34.62 -15.98
C GLY E 255 -28.56 34.27 -14.73
N ILE E 256 -28.95 35.26 -13.95
CA ILE E 256 -29.62 35.03 -12.67
C ILE E 256 -31.09 35.41 -12.66
N ASN E 257 -31.96 34.56 -12.12
CA ASN E 257 -33.37 34.90 -12.00
C ASN E 257 -33.67 35.12 -10.52
N ALA E 258 -33.84 36.39 -10.14
CA ALA E 258 -34.07 36.71 -8.74
C ALA E 258 -35.43 37.38 -8.55
N GLY E 259 -36.38 37.02 -9.41
CA GLY E 259 -37.72 37.58 -9.38
C GLY E 259 -38.54 37.13 -8.18
N ARG E 260 -38.27 35.98 -7.61
CA ARG E 260 -39.09 35.49 -6.49
C ARG E 260 -38.75 36.18 -5.18
N ILE E 261 -37.56 36.72 -5.01
CA ILE E 261 -37.21 37.39 -3.74
C ILE E 261 -38.24 38.47 -3.41
N ARG E 262 -38.86 38.36 -2.23
CA ARG E 262 -39.90 39.30 -1.82
C ARG E 262 -39.47 40.75 -1.74
N ALA E 263 -40.48 41.62 -1.59
CA ALA E 263 -40.27 43.06 -1.60
C ALA E 263 -39.96 43.66 -0.24
N LEU E 264 -39.26 44.81 -0.26
CA LEU E 264 -38.93 45.49 0.99
C LEU E 264 -40.22 45.85 1.71
N GLY E 265 -40.20 45.61 3.02
CA GLY E 265 -41.38 45.91 3.84
C GLY E 265 -42.14 44.61 4.15
N SER E 266 -42.00 43.62 3.26
CA SER E 266 -42.68 42.34 3.43
C SER E 266 -42.35 41.67 4.76
N PRO E 267 -43.35 41.09 5.38
CA PRO E 267 -43.26 40.40 6.66
C PRO E 267 -42.45 39.12 6.66
N ILE E 268 -41.57 38.94 7.65
CA ILE E 268 -40.76 37.73 7.77
C ILE E 268 -41.06 36.99 9.08
N ARG E 269 -41.35 35.69 8.94
CA ARG E 269 -41.63 34.79 10.05
C ARG E 269 -42.98 34.98 10.72
N GLY E 270 -43.73 36.03 10.42
CA GLY E 270 -45.01 36.34 11.03
C GLY E 270 -45.11 37.86 11.09
N GLY E 271 -44.77 38.43 12.24
CA GLY E 271 -44.73 39.89 12.35
C GLY E 271 -43.48 40.22 13.19
N GLU E 272 -42.71 39.14 13.35
CA GLU E 272 -41.49 39.19 14.13
C GLU E 272 -40.33 39.87 13.42
N ALA E 273 -40.43 40.19 12.14
CA ALA E 273 -39.33 40.84 11.44
C ALA E 273 -39.82 41.24 10.05
N PHE E 274 -39.38 42.41 9.57
CA PHE E 274 -39.85 42.86 8.26
C PHE E 274 -38.67 42.86 7.28
N HIS E 275 -38.91 42.29 6.10
CA HIS E 275 -37.93 42.19 5.03
C HIS E 275 -37.19 43.50 4.79
N THR E 276 -35.95 43.33 4.34
CA THR E 276 -35.01 44.41 4.12
C THR E 276 -34.94 44.97 2.72
N GLY E 277 -35.31 44.20 1.71
CA GLY E 277 -35.27 44.63 0.31
C GLY E 277 -34.55 43.58 -0.53
N CYS E 278 -34.60 43.76 -1.84
CA CYS E 278 -33.92 42.85 -2.75
C CYS E 278 -32.51 43.39 -2.97
N ILE E 279 -32.44 44.72 -3.03
CA ILE E 279 -31.18 45.42 -3.25
C ILE E 279 -30.00 44.80 -2.54
N PRO E 280 -30.03 44.73 -1.22
CA PRO E 280 -29.01 44.11 -0.40
C PRO E 280 -28.56 42.77 -0.94
N PHE E 281 -29.46 41.92 -1.40
CA PHE E 281 -29.09 40.65 -2.00
C PHE E 281 -28.51 40.81 -3.39
N TYR E 282 -29.03 41.73 -4.21
CA TYR E 282 -28.49 41.94 -5.56
C TYR E 282 -27.03 42.33 -5.43
N LYS E 283 -26.72 43.22 -4.49
CA LYS E 283 -25.35 43.63 -4.24
C LYS E 283 -24.50 42.42 -3.88
N HIS E 284 -25.06 41.48 -3.12
CA HIS E 284 -24.37 40.26 -2.73
C HIS E 284 -24.16 39.33 -3.92
N PHE E 285 -25.07 39.34 -4.88
CA PHE E 285 -24.89 38.54 -6.08
C PHE E 285 -23.84 39.21 -6.97
N GLN E 286 -23.70 40.53 -6.87
CA GLN E 286 -22.70 41.24 -7.66
C GLN E 286 -21.30 40.84 -7.20
N THR E 287 -21.07 40.96 -5.90
CA THR E 287 -19.82 40.57 -5.28
C THR E 287 -19.50 39.11 -5.57
N ALA E 288 -20.50 38.25 -5.60
CA ALA E 288 -20.29 36.85 -5.98
C ALA E 288 -19.71 36.79 -7.39
N VAL E 289 -20.38 37.45 -8.32
CA VAL E 289 -19.98 37.50 -9.72
C VAL E 289 -18.59 38.07 -9.94
N LYS E 290 -18.24 39.14 -9.25
CA LYS E 290 -16.93 39.78 -9.41
C LYS E 290 -15.87 39.21 -8.49
N SER E 291 -16.16 38.16 -7.74
CA SER E 291 -15.25 37.52 -6.80
C SER E 291 -13.89 37.17 -7.37
N CYS E 292 -13.79 36.80 -8.64
CA CYS E 292 -12.52 36.44 -9.24
C CYS E 292 -12.04 37.38 -10.35
N SER E 293 -12.18 38.68 -10.15
CA SER E 293 -11.76 39.66 -11.16
C SER E 293 -10.64 40.53 -10.64
N GLN E 294 -9.98 41.37 -11.45
CA GLN E 294 -8.87 42.15 -10.88
C GLN E 294 -9.41 43.38 -10.14
N GLY E 295 -9.38 43.28 -8.81
CA GLY E 295 -9.89 44.32 -7.91
C GLY E 295 -11.36 44.09 -7.59
N GLY E 296 -12.17 44.30 -8.62
CA GLY E 296 -13.63 44.14 -8.55
C GLY E 296 -14.13 44.73 -9.87
N VAL E 297 -13.29 44.57 -10.92
CA VAL E 297 -13.59 45.13 -12.22
C VAL E 297 -13.62 44.14 -13.39
N ARG E 298 -12.45 43.64 -13.72
CA ARG E 298 -12.18 42.82 -14.88
C ARG E 298 -12.82 41.45 -14.99
N GLY E 299 -13.88 41.39 -15.81
CA GLY E 299 -14.50 40.10 -16.10
C GLY E 299 -15.66 39.75 -15.17
N GLY E 300 -16.25 38.59 -15.49
CA GLY E 300 -17.41 38.11 -14.74
C GLY E 300 -18.61 39.00 -15.09
N ALA E 301 -19.42 38.53 -16.04
CA ALA E 301 -20.60 39.31 -16.40
C ALA E 301 -21.83 38.51 -15.99
N ALA E 302 -22.88 39.23 -15.66
CA ALA E 302 -24.13 38.57 -15.26
C ALA E 302 -25.30 39.47 -15.66
N THR E 303 -26.44 38.86 -15.88
CA THR E 303 -27.67 39.56 -16.26
C THR E 303 -28.78 39.07 -15.33
N LEU E 304 -29.38 39.96 -14.57
CA LEU E 304 -30.40 39.57 -13.61
C LEU E 304 -31.80 39.86 -14.12
N PHE E 305 -32.73 38.95 -13.87
CA PHE E 305 -34.11 39.07 -14.33
C PHE E 305 -35.12 39.24 -13.21
N TYR E 306 -36.17 40.00 -13.48
CA TYR E 306 -37.26 40.20 -12.53
C TYR E 306 -38.51 40.62 -13.31
N PRO E 307 -39.67 40.30 -12.82
CA PRO E 307 -40.94 40.63 -13.43
C PRO E 307 -41.18 42.13 -13.41
N MET E 308 -41.96 42.70 -14.32
CA MET E 308 -42.19 44.14 -14.34
C MET E 308 -43.21 44.57 -13.29
N TRP E 309 -44.01 43.62 -12.79
CA TRP E 309 -44.99 43.93 -11.76
C TRP E 309 -44.44 43.75 -10.36
N HIS E 310 -43.16 43.42 -10.20
CA HIS E 310 -42.61 43.28 -8.86
C HIS E 310 -42.87 44.59 -8.12
N LEU E 311 -43.05 44.53 -6.80
CA LEU E 311 -43.33 45.74 -6.03
C LEU E 311 -42.19 46.74 -5.97
N GLU E 312 -40.95 46.29 -6.12
CA GLU E 312 -39.78 47.15 -6.04
C GLU E 312 -39.30 47.60 -7.41
N VAL E 313 -40.03 47.26 -8.47
CA VAL E 313 -39.67 47.53 -9.85
C VAL E 313 -39.13 48.91 -10.15
N GLU E 314 -39.75 49.96 -9.62
CA GLU E 314 -39.25 51.31 -9.82
C GLU E 314 -37.87 51.52 -9.23
N SER E 315 -37.51 50.83 -8.15
CA SER E 315 -36.19 50.93 -7.56
C SER E 315 -35.19 50.05 -8.31
N LEU E 316 -35.67 48.97 -8.93
CA LEU E 316 -34.79 48.05 -9.65
C LEU E 316 -34.37 48.64 -10.97
N LEU E 317 -35.30 49.22 -11.71
CA LEU E 317 -35.06 49.85 -13.00
C LEU E 317 -33.92 50.85 -13.04
N VAL E 318 -33.71 51.64 -11.98
CA VAL E 318 -32.65 52.63 -11.94
C VAL E 318 -31.41 52.19 -11.18
N LEU E 319 -31.13 50.88 -11.17
CA LEU E 319 -29.97 50.34 -10.47
C LEU E 319 -28.68 50.71 -11.17
N LYS E 320 -28.73 51.01 -12.46
CA LYS E 320 -27.52 51.39 -13.17
C LYS E 320 -27.40 52.92 -13.25
N ASN E 321 -28.51 53.65 -13.19
CA ASN E 321 -28.41 55.11 -13.28
C ASN E 321 -27.26 55.57 -12.39
N ASN E 322 -26.21 56.14 -12.99
CA ASN E 322 -25.04 56.56 -12.22
C ASN E 322 -25.36 57.61 -11.15
N ARG E 323 -26.22 58.57 -11.50
CA ARG E 323 -26.55 59.66 -10.60
C ARG E 323 -27.46 59.25 -9.44
N GLY E 324 -26.88 58.76 -8.35
CA GLY E 324 -27.70 58.37 -7.21
C GLY E 324 -26.90 57.84 -6.03
N VAL E 325 -27.57 57.71 -4.89
CA VAL E 325 -26.94 57.20 -3.68
C VAL E 325 -26.40 55.79 -3.89
N GLU E 326 -25.14 55.58 -3.49
CA GLU E 326 -24.48 54.28 -3.60
C GLU E 326 -25.32 53.16 -2.99
N GLY E 327 -25.92 53.40 -1.82
CA GLY E 327 -26.83 52.49 -1.16
C GLY E 327 -27.91 51.87 -2.03
N ASN E 328 -28.50 52.61 -2.97
CA ASN E 328 -29.51 52.04 -3.86
C ASN E 328 -29.00 51.88 -5.28
N ARG E 329 -27.78 51.35 -5.44
CA ARG E 329 -27.21 51.15 -6.76
C ARG E 329 -26.38 49.86 -6.91
N VAL E 330 -26.72 49.06 -7.90
CA VAL E 330 -25.93 47.85 -8.21
C VAL E 330 -25.50 48.08 -9.66
N ARG E 331 -24.44 48.88 -9.84
CA ARG E 331 -24.03 49.30 -11.16
C ARG E 331 -23.40 48.31 -12.11
N HIS E 332 -22.72 47.27 -11.65
CA HIS E 332 -21.98 46.39 -12.56
C HIS E 332 -22.69 45.13 -12.98
N MET E 333 -23.99 45.16 -13.23
CA MET E 333 -24.73 43.98 -13.68
C MET E 333 -25.81 44.42 -14.67
N ASP E 334 -26.09 43.63 -15.70
CA ASP E 334 -27.16 44.03 -16.63
C ASP E 334 -28.47 43.48 -16.12
N TYR E 335 -29.62 44.07 -16.47
CA TYR E 335 -30.90 43.60 -15.98
C TYR E 335 -31.88 43.26 -17.10
N GLY E 336 -32.77 42.31 -16.84
CA GLY E 336 -33.76 41.93 -17.85
C GLY E 336 -35.16 42.04 -17.27
N VAL E 337 -35.99 42.93 -17.81
CA VAL E 337 -37.35 43.10 -17.32
C VAL E 337 -38.27 42.15 -18.08
N GLN E 338 -39.04 41.36 -17.35
CA GLN E 338 -39.96 40.38 -17.93
C GLN E 338 -41.35 40.94 -18.15
N ILE E 339 -41.84 40.93 -19.38
CA ILE E 339 -43.12 41.52 -19.72
C ILE E 339 -44.02 40.49 -20.39
N ASN E 340 -45.33 40.66 -20.28
CA ASN E 340 -46.27 39.77 -20.95
C ASN E 340 -47.37 40.61 -21.59
N LYS E 341 -48.23 39.92 -22.32
CA LYS E 341 -49.30 40.57 -23.05
C LYS E 341 -50.12 41.54 -22.22
N LEU E 342 -50.58 41.15 -21.05
CA LEU E 342 -51.37 42.03 -20.18
C LEU E 342 -50.70 43.37 -19.92
N MET E 343 -49.42 43.36 -19.54
CA MET E 343 -48.68 44.60 -19.32
C MET E 343 -48.73 45.54 -20.51
N TYR E 344 -48.48 45.06 -21.73
CA TYR E 344 -48.56 45.92 -22.91
C TYR E 344 -49.97 46.46 -23.10
N THR E 345 -50.97 45.63 -22.86
CA THR E 345 -52.37 46.03 -23.02
C THR E 345 -52.72 47.22 -22.13
N ARG E 346 -52.35 47.14 -20.86
CA ARG E 346 -52.52 48.27 -19.95
C ARG E 346 -51.92 49.54 -20.54
N LEU E 347 -50.75 49.47 -21.18
CA LEU E 347 -50.11 50.62 -21.79
C LEU E 347 -50.93 51.24 -22.92
N LEU E 348 -51.51 50.38 -23.77
CA LEU E 348 -52.25 50.84 -24.93
C LEU E 348 -53.55 51.52 -24.55
N LYS E 349 -54.26 50.93 -23.57
CA LYS E 349 -55.50 51.48 -23.05
C LYS E 349 -55.25 52.67 -22.11
N GLY E 350 -54.01 52.98 -21.78
CA GLY E 350 -53.64 54.08 -20.91
C GLY E 350 -54.04 53.86 -19.46
N GLU E 351 -54.19 52.60 -19.05
CA GLU E 351 -54.61 52.31 -17.68
C GLU E 351 -53.41 52.27 -16.73
N ASP E 352 -53.64 51.68 -15.57
CA ASP E 352 -52.63 51.54 -14.53
C ASP E 352 -52.11 50.10 -14.44
N ILE E 353 -50.94 49.97 -13.81
CA ILE E 353 -50.33 48.67 -13.57
C ILE E 353 -50.27 48.47 -12.07
N THR E 354 -50.65 47.29 -11.59
CA THR E 354 -50.60 47.04 -10.15
C THR E 354 -49.34 46.25 -9.80
N LEU E 355 -48.55 46.75 -8.85
CA LEU E 355 -47.31 46.09 -8.45
C LEU E 355 -47.53 45.24 -7.20
N PHE E 356 -47.05 44.00 -7.20
CA PHE E 356 -47.19 43.13 -6.04
C PHE E 356 -45.87 42.48 -5.59
N SER E 357 -45.87 42.03 -4.34
CA SER E 357 -44.74 41.24 -3.85
C SER E 357 -45.13 39.79 -4.17
N PRO E 358 -44.23 39.07 -4.81
CA PRO E 358 -44.43 37.68 -5.19
C PRO E 358 -44.99 36.87 -4.05
N SER E 359 -44.43 37.03 -2.85
CA SER E 359 -44.87 36.36 -1.65
C SER E 359 -46.34 36.50 -1.31
N ASP E 360 -46.95 37.66 -1.49
CA ASP E 360 -48.33 37.88 -1.14
C ASP E 360 -49.37 37.47 -2.19
N VAL E 361 -49.03 37.00 -3.39
CA VAL E 361 -50.06 36.64 -4.36
C VAL E 361 -49.87 35.23 -4.89
N PRO E 362 -50.40 34.25 -4.17
CA PRO E 362 -50.24 32.84 -4.43
C PRO E 362 -50.59 32.46 -5.85
N GLY E 363 -49.71 31.72 -6.52
CA GLY E 363 -49.92 31.27 -7.88
C GLY E 363 -49.74 32.29 -9.00
N LEU E 364 -49.44 33.54 -8.69
CA LEU E 364 -49.31 34.56 -9.71
C LEU E 364 -48.00 34.41 -10.50
N TYR E 365 -46.89 34.26 -9.79
CA TYR E 365 -45.58 34.12 -10.43
C TYR E 365 -45.58 32.96 -11.42
N ASP E 366 -46.03 31.79 -10.98
CA ASP E 366 -46.07 30.61 -11.84
C ASP E 366 -46.93 30.81 -13.07
N ALA E 367 -48.11 31.42 -12.91
CA ALA E 367 -49.04 31.65 -14.02
C ALA E 367 -48.42 32.56 -15.06
N PHE E 368 -47.74 33.61 -14.60
CA PHE E 368 -47.05 34.58 -15.43
C PHE E 368 -46.31 33.95 -16.60
N PHE E 369 -45.56 32.89 -16.35
CA PHE E 369 -44.86 32.17 -17.40
C PHE E 369 -45.69 31.08 -18.05
N ALA E 370 -46.34 30.22 -17.28
CA ALA E 370 -47.04 29.06 -17.79
C ALA E 370 -48.42 29.24 -18.37
N ASP E 371 -49.29 30.08 -17.82
CA ASP E 371 -50.65 30.19 -18.36
C ASP E 371 -51.17 31.62 -18.35
N GLN E 372 -51.26 32.25 -19.52
CA GLN E 372 -51.70 33.66 -19.57
C GLN E 372 -53.14 33.85 -19.11
N GLU E 373 -54.03 32.91 -19.45
CA GLU E 373 -55.42 32.98 -19.02
C GLU E 373 -55.49 33.11 -17.50
N GLU E 374 -54.88 32.13 -16.82
CA GLU E 374 -54.86 32.05 -15.38
C GLU E 374 -54.18 33.27 -14.76
N PHE E 375 -53.05 33.68 -15.36
CA PHE E 375 -52.35 34.86 -14.86
C PHE E 375 -53.33 36.03 -14.76
N GLU E 376 -53.93 36.33 -15.92
CA GLU E 376 -54.96 37.35 -15.99
C GLU E 376 -56.04 37.19 -14.92
N ARG E 377 -56.62 36.00 -14.82
CA ARG E 377 -57.64 35.69 -13.82
C ARG E 377 -57.20 36.08 -12.40
N LEU E 378 -56.07 35.54 -11.95
CA LEU E 378 -55.55 35.85 -10.63
C LEU E 378 -55.15 37.32 -10.51
N TYR E 379 -54.50 37.88 -11.53
CA TYR E 379 -54.06 39.28 -11.49
C TYR E 379 -55.22 40.24 -11.24
N THR E 380 -56.33 40.04 -11.94
CA THR E 380 -57.52 40.86 -11.74
C THR E 380 -58.05 40.66 -10.32
N LYS E 381 -58.32 39.41 -9.93
CA LYS E 381 -58.78 39.07 -8.59
C LYS E 381 -57.95 39.77 -7.51
N TYR E 382 -56.63 39.58 -7.50
CA TYR E 382 -55.77 40.22 -6.52
C TYR E 382 -55.81 41.74 -6.58
N GLU E 383 -55.99 42.33 -7.75
CA GLU E 383 -56.10 43.78 -7.85
C GLU E 383 -57.19 44.32 -6.93
N LYS E 384 -58.36 43.68 -6.94
CA LYS E 384 -59.46 44.07 -6.08
C LYS E 384 -59.23 43.70 -4.61
N ASP E 385 -58.81 42.46 -4.34
CA ASP E 385 -58.56 42.01 -2.97
C ASP E 385 -57.85 43.08 -2.16
N ASP E 386 -58.55 43.65 -1.16
CA ASP E 386 -57.96 44.72 -0.36
C ASP E 386 -56.91 44.27 0.65
N SER E 387 -57.00 43.03 1.12
CA SER E 387 -56.02 42.49 2.06
C SER E 387 -54.61 42.52 1.48
N ILE E 388 -54.48 42.23 0.18
CA ILE E 388 -53.18 42.25 -0.48
C ILE E 388 -52.54 43.64 -0.52
N ARG E 389 -51.29 43.70 -0.07
CA ARG E 389 -50.54 44.95 -0.17
C ARG E 389 -50.22 45.18 -1.65
N LYS E 390 -50.36 46.40 -2.15
CA LYS E 390 -50.13 46.64 -3.57
C LYS E 390 -49.88 48.12 -3.81
N GLN E 391 -49.51 48.49 -5.03
CA GLN E 391 -49.29 49.90 -5.36
C GLN E 391 -49.54 50.10 -6.85
N ARG E 392 -50.24 51.17 -7.21
CA ARG E 392 -50.61 51.42 -8.60
C ARG E 392 -49.67 52.41 -9.29
N VAL E 393 -49.34 52.16 -10.55
CA VAL E 393 -48.56 53.14 -11.31
C VAL E 393 -49.19 53.26 -12.70
N LYS E 394 -49.03 54.44 -13.29
CA LYS E 394 -49.54 54.61 -14.64
C LYS E 394 -48.68 53.74 -15.57
N ALA E 395 -49.32 52.95 -16.42
CA ALA E 395 -48.60 52.09 -17.36
C ALA E 395 -47.53 52.88 -18.12
N VAL E 396 -47.95 54.03 -18.64
CA VAL E 396 -47.10 54.95 -19.37
C VAL E 396 -45.87 55.41 -18.60
N GLU E 397 -45.98 55.70 -17.31
CA GLU E 397 -44.81 56.15 -16.57
C GLU E 397 -43.81 54.99 -16.42
N LEU E 398 -44.33 53.84 -15.97
CA LEU E 398 -43.49 52.66 -15.80
C LEU E 398 -42.75 52.38 -17.10
N PHE E 399 -43.46 52.13 -18.21
CA PHE E 399 -42.79 51.89 -19.48
C PHE E 399 -41.76 52.97 -19.80
N SER E 400 -42.15 54.23 -19.73
CA SER E 400 -41.25 55.34 -20.01
C SER E 400 -39.96 55.25 -19.22
N LEU E 401 -40.05 55.03 -17.92
CA LEU E 401 -38.90 54.88 -17.05
C LEU E 401 -37.96 53.76 -17.48
N MET E 402 -38.53 52.61 -17.87
CA MET E 402 -37.75 51.48 -18.34
C MET E 402 -37.02 51.81 -19.64
N MET E 403 -37.75 52.34 -20.63
CA MET E 403 -37.15 52.70 -21.90
C MET E 403 -36.05 53.75 -21.73
N GLN E 404 -36.33 54.74 -20.89
CA GLN E 404 -35.38 55.79 -20.55
C GLN E 404 -34.05 55.19 -20.10
N GLU E 405 -34.11 54.41 -19.02
CA GLU E 405 -32.95 53.70 -18.50
C GLU E 405 -32.36 52.78 -19.58
N ARG E 406 -33.18 52.12 -20.38
CA ARG E 406 -32.65 51.27 -21.44
C ARG E 406 -31.82 52.13 -22.38
N ALA E 407 -32.38 53.25 -22.82
CA ALA E 407 -31.71 54.18 -23.73
C ALA E 407 -30.43 54.74 -23.14
N SER E 408 -30.49 55.28 -21.93
CA SER E 408 -29.34 55.86 -21.26
C SER E 408 -28.15 54.90 -21.15
N THR E 409 -28.39 53.70 -20.66
CA THR E 409 -27.32 52.72 -20.46
C THR E 409 -27.16 51.75 -21.62
N GLY E 410 -28.26 51.38 -22.26
CA GLY E 410 -28.22 50.44 -23.37
C GLY E 410 -28.20 48.99 -22.88
N ARG E 411 -28.28 48.79 -21.58
CA ARG E 411 -28.16 47.51 -20.92
C ARG E 411 -29.39 47.16 -20.08
N ILE E 412 -30.55 47.67 -20.46
CA ILE E 412 -31.78 47.28 -19.75
C ILE E 412 -32.57 46.44 -20.77
N TYR E 413 -32.56 45.12 -20.57
CA TYR E 413 -33.05 44.17 -21.55
C TYR E 413 -34.50 43.76 -21.32
N ILE E 414 -35.16 43.32 -22.40
CA ILE E 414 -36.55 42.90 -22.34
C ILE E 414 -36.73 41.43 -22.69
N GLN E 415 -37.61 40.78 -21.94
CA GLN E 415 -37.94 39.38 -22.20
C GLN E 415 -39.44 39.12 -22.17
N ASN E 416 -40.03 38.80 -23.31
CA ASN E 416 -41.46 38.53 -23.40
C ASN E 416 -41.71 37.08 -23.01
N VAL E 417 -41.99 36.89 -21.73
CA VAL E 417 -42.20 35.58 -21.13
C VAL E 417 -43.28 34.77 -21.83
N ASP E 418 -44.42 35.37 -22.11
CA ASP E 418 -45.52 34.65 -22.77
C ASP E 418 -45.02 34.02 -24.07
N HIS E 419 -44.50 34.84 -24.98
CA HIS E 419 -43.91 34.31 -26.20
C HIS E 419 -42.94 33.18 -25.89
N CYS E 420 -42.01 33.36 -24.95
CA CYS E 420 -41.07 32.32 -24.56
C CYS E 420 -41.70 30.98 -24.20
N ASN E 421 -42.91 30.92 -23.68
CA ASN E 421 -43.52 29.66 -23.31
C ASN E 421 -44.64 29.18 -24.23
N THR E 422 -45.24 30.03 -25.04
CA THR E 422 -46.28 29.60 -25.97
C THR E 422 -45.68 29.03 -27.25
N HIS E 423 -44.53 29.54 -27.64
CA HIS E 423 -43.81 29.09 -28.83
C HIS E 423 -42.43 28.58 -28.42
N SER E 424 -42.43 27.42 -27.74
CA SER E 424 -41.18 26.82 -27.29
C SER E 424 -41.23 25.32 -27.50
N PRO E 425 -40.10 24.67 -27.27
CA PRO E 425 -39.94 23.24 -27.34
C PRO E 425 -40.44 22.54 -26.08
N PHE E 426 -40.61 23.25 -24.98
CA PHE E 426 -41.04 22.65 -23.72
C PHE E 426 -42.49 22.89 -23.36
N ASP E 427 -43.06 22.01 -22.55
CA ASP E 427 -44.40 22.13 -22.02
C ASP E 427 -44.33 22.97 -20.75
N PRO E 428 -44.97 24.13 -20.77
CA PRO E 428 -44.93 25.12 -19.71
C PRO E 428 -45.43 24.59 -18.38
N ALA E 429 -46.41 23.69 -18.41
CA ALA E 429 -46.90 23.07 -17.18
C ALA E 429 -45.84 22.21 -16.51
N ILE E 430 -45.01 21.52 -17.28
CA ILE E 430 -43.98 20.67 -16.70
C ILE E 430 -42.64 21.38 -16.58
N ALA E 431 -42.17 22.08 -17.60
CA ALA E 431 -40.89 22.77 -17.51
C ALA E 431 -40.89 24.07 -18.30
N PRO E 432 -41.27 25.13 -17.63
CA PRO E 432 -41.39 26.46 -18.19
C PRO E 432 -40.06 27.18 -18.28
N VAL E 433 -39.92 28.07 -19.25
CA VAL E 433 -38.71 28.87 -19.37
C VAL E 433 -38.97 30.18 -18.60
N ARG E 434 -38.17 30.49 -17.59
CA ARG E 434 -38.43 31.68 -16.79
C ARG E 434 -37.25 32.63 -16.61
N GLN E 435 -36.39 32.76 -17.59
CA GLN E 435 -35.21 33.63 -17.47
C GLN E 435 -34.38 33.41 -18.73
N SER E 436 -33.35 34.18 -19.00
CA SER E 436 -32.54 33.95 -20.19
C SER E 436 -31.06 33.98 -19.80
N ASN E 437 -30.09 34.09 -20.70
CA ASN E 437 -28.71 34.10 -20.23
C ASN E 437 -28.15 35.53 -20.30
N LEU E 438 -26.83 35.62 -20.22
CA LEU E 438 -26.16 36.92 -20.29
C LEU E 438 -26.50 37.68 -21.55
N CYS E 439 -26.33 37.07 -22.72
CA CYS E 439 -26.56 37.75 -23.98
C CYS E 439 -27.95 37.56 -24.56
N LEU E 440 -28.93 37.19 -23.76
CA LEU E 440 -30.32 37.01 -24.16
C LEU E 440 -30.63 36.12 -25.35
N GLU E 441 -29.95 34.99 -25.56
CA GLU E 441 -30.31 34.10 -26.67
C GLU E 441 -30.70 32.71 -26.19
N ILE E 442 -30.44 32.39 -24.93
CA ILE E 442 -30.75 31.07 -24.39
C ILE E 442 -32.06 31.10 -23.61
N ALA E 443 -32.86 30.07 -23.80
CA ALA E 443 -34.15 29.96 -23.12
C ALA E 443 -34.36 28.52 -22.70
N LEU E 444 -33.97 28.18 -21.48
CA LEU E 444 -34.11 26.82 -20.97
C LEU E 444 -34.72 26.84 -19.58
N PRO E 445 -35.29 25.71 -19.19
CA PRO E 445 -35.95 25.54 -17.91
C PRO E 445 -34.96 25.39 -16.76
N THR E 446 -35.32 25.93 -15.59
CA THR E 446 -34.51 25.90 -14.39
C THR E 446 -35.33 25.64 -13.13
N LYS E 447 -34.72 25.07 -12.10
CA LYS E 447 -35.38 24.87 -10.80
C LYS E 447 -34.35 25.32 -9.74
N PRO E 448 -34.78 26.10 -8.78
CA PRO E 448 -33.96 26.68 -7.73
C PRO E 448 -33.30 25.65 -6.83
N LEU E 449 -32.14 26.00 -6.28
CA LEU E 449 -31.46 25.07 -5.40
C LEU E 449 -31.73 25.42 -3.95
N ASN E 450 -31.59 24.44 -3.05
CA ASN E 450 -31.74 24.74 -1.62
C ASN E 450 -30.39 24.54 -0.93
N ASP E 451 -29.37 24.25 -1.73
CA ASP E 451 -28.00 24.05 -1.26
C ASP E 451 -27.12 23.86 -2.48
N VAL E 452 -25.84 24.19 -2.41
CA VAL E 452 -24.95 24.04 -3.55
C VAL E 452 -25.05 22.65 -4.18
N ASN E 453 -25.08 21.61 -3.35
CA ASN E 453 -25.16 20.25 -3.83
C ASN E 453 -26.56 19.67 -3.93
N ASP E 454 -27.59 20.47 -3.69
CA ASP E 454 -28.98 19.98 -3.81
C ASP E 454 -29.13 19.28 -5.15
N GLU E 455 -29.57 18.03 -5.10
CA GLU E 455 -29.76 17.19 -6.27
C GLU E 455 -31.03 17.44 -7.05
N ASN E 456 -32.00 18.15 -6.48
CA ASN E 456 -33.28 18.38 -7.14
C ASN E 456 -33.39 19.73 -7.82
N GLY E 457 -32.30 20.49 -7.82
CA GLY E 457 -32.31 21.80 -8.50
C GLY E 457 -31.94 21.56 -9.96
N GLU E 458 -32.17 22.57 -10.79
CA GLU E 458 -31.75 22.45 -12.19
C GLU E 458 -31.06 23.74 -12.65
N ILE E 459 -29.93 23.58 -13.31
CA ILE E 459 -29.16 24.73 -13.80
C ILE E 459 -28.89 24.58 -15.29
N ALA E 460 -29.34 25.51 -16.13
CA ALA E 460 -29.20 25.27 -17.57
C ALA E 460 -27.82 25.66 -18.05
N LEU E 461 -27.38 25.07 -19.17
CA LEU E 461 -26.05 25.35 -19.70
C LEU E 461 -26.04 25.72 -21.19
N CYS E 462 -25.04 26.52 -21.58
CA CYS E 462 -24.90 26.93 -22.96
C CYS E 462 -23.89 26.06 -23.72
N THR E 463 -24.41 25.16 -24.53
CA THR E 463 -23.53 24.32 -25.36
C THR E 463 -23.70 24.84 -26.79
N LEU E 464 -22.73 25.63 -27.27
CA LEU E 464 -22.87 26.30 -28.55
C LEU E 464 -21.97 25.98 -29.73
N SER E 465 -22.41 26.44 -30.89
CA SER E 465 -21.73 26.33 -32.17
C SER E 465 -22.45 27.14 -33.25
N ALA E 466 -21.90 27.21 -34.46
CA ALA E 466 -22.57 27.98 -35.51
C ALA E 466 -22.20 27.63 -36.94
N PHE E 467 -23.17 27.83 -37.85
CA PHE E 467 -22.96 27.58 -39.27
C PHE E 467 -22.48 28.88 -39.93
N ASN E 468 -21.55 28.75 -40.86
CA ASN E 468 -21.05 29.92 -41.60
C ASN E 468 -21.84 30.02 -42.89
N LEU E 469 -22.82 30.91 -42.98
CA LEU E 469 -23.64 31.05 -44.19
C LEU E 469 -22.89 31.52 -45.40
N GLY E 470 -21.68 32.05 -45.27
CA GLY E 470 -20.87 32.51 -46.38
C GLY E 470 -20.05 31.37 -46.96
N ALA E 471 -19.96 30.24 -46.28
CA ALA E 471 -19.18 29.09 -46.71
C ALA E 471 -19.98 27.98 -47.38
N ILE E 472 -21.30 28.04 -47.38
CA ILE E 472 -22.08 26.99 -48.05
C ILE E 472 -22.55 27.51 -49.40
N ASN E 473 -22.62 26.65 -50.40
CA ASN E 473 -23.05 27.06 -51.73
C ASN E 473 -24.57 26.91 -51.90
N ASN E 474 -25.11 25.83 -51.33
CA ASN E 474 -26.57 25.64 -51.37
C ASN E 474 -27.02 25.14 -50.00
N LEU E 475 -28.25 25.44 -49.61
CA LEU E 475 -28.82 25.05 -48.34
C LEU E 475 -28.80 23.55 -48.07
N ASP E 476 -28.71 22.69 -49.07
CA ASP E 476 -28.62 21.26 -48.87
C ASP E 476 -27.29 20.77 -48.36
N GLU E 477 -26.27 21.62 -48.23
CA GLU E 477 -25.01 21.23 -47.59
C GLU E 477 -25.18 21.21 -46.07
N LEU E 478 -26.21 21.87 -45.56
CA LEU E 478 -26.48 21.91 -44.14
C LEU E 478 -26.78 20.52 -43.57
N GLU E 479 -27.43 19.65 -44.34
CA GLU E 479 -27.66 18.27 -43.91
C GLU E 479 -26.41 17.65 -43.30
N GLU E 480 -25.28 17.64 -44.00
CA GLU E 480 -24.05 17.07 -43.46
C GLU E 480 -23.60 17.86 -42.24
N LEU E 481 -23.44 19.18 -42.44
CA LEU E 481 -22.99 20.05 -41.36
C LEU E 481 -23.78 19.83 -40.08
N ALA E 482 -25.10 19.78 -40.15
CA ALA E 482 -25.96 19.52 -39.00
C ALA E 482 -25.57 18.20 -38.32
N ILE E 483 -25.41 17.15 -39.11
CA ILE E 483 -24.93 15.86 -38.64
C ILE E 483 -23.65 16.00 -37.82
N LEU E 484 -22.61 16.68 -38.32
CA LEU E 484 -21.39 16.81 -37.54
C LEU E 484 -21.60 17.68 -36.32
N ALA E 485 -22.19 18.85 -36.52
CA ALA E 485 -22.43 19.81 -35.45
C ALA E 485 -23.18 19.19 -34.28
N VAL E 486 -24.33 18.58 -34.53
CA VAL E 486 -25.13 17.96 -33.46
C VAL E 486 -24.37 16.83 -32.81
N ARG E 487 -23.71 15.97 -33.57
CA ARG E 487 -22.94 14.86 -33.05
C ARG E 487 -21.73 15.25 -32.21
N ALA E 488 -20.99 16.28 -32.56
CA ALA E 488 -19.82 16.66 -31.78
C ALA E 488 -20.21 17.33 -30.46
N LEU E 489 -21.28 18.12 -30.48
CA LEU E 489 -21.77 18.79 -29.29
C LEU E 489 -22.42 17.79 -28.34
N ASP E 490 -23.15 16.81 -28.86
CA ASP E 490 -23.73 15.78 -28.00
C ASP E 490 -22.64 14.99 -27.28
N ALA E 491 -21.55 14.67 -27.97
CA ALA E 491 -20.43 13.96 -27.36
C ALA E 491 -19.71 14.80 -26.33
N LEU E 492 -19.66 16.10 -26.56
CA LEU E 492 -19.04 17.00 -25.59
C LEU E 492 -19.75 16.97 -24.25
N LEU E 493 -21.07 16.94 -24.19
CA LEU E 493 -21.79 16.89 -22.93
C LEU E 493 -21.33 15.73 -22.06
N ASP E 494 -21.01 14.58 -22.65
CA ASP E 494 -20.51 13.42 -21.93
C ASP E 494 -19.01 13.47 -21.68
N TYR E 495 -18.32 14.40 -22.32
CA TYR E 495 -16.88 14.56 -22.17
C TYR E 495 -16.52 15.53 -21.06
N GLN E 496 -17.26 16.62 -20.92
CA GLN E 496 -16.93 17.67 -19.97
C GLN E 496 -17.36 17.39 -18.54
N ASP E 497 -16.81 18.15 -17.60
CA ASP E 497 -17.13 17.99 -16.20
C ASP E 497 -18.17 18.99 -15.71
N TYR E 498 -18.90 18.58 -14.68
CA TYR E 498 -19.96 19.35 -14.06
C TYR E 498 -19.64 19.56 -12.59
N PRO E 499 -19.27 20.77 -12.22
CA PRO E 499 -18.91 21.14 -10.86
C PRO E 499 -20.08 20.98 -9.89
N ILE E 500 -21.27 21.44 -10.25
CA ILE E 500 -22.44 21.33 -9.39
C ILE E 500 -23.39 20.28 -9.94
N PRO E 501 -23.92 19.42 -9.08
CA PRO E 501 -24.86 18.37 -9.41
C PRO E 501 -26.04 18.85 -10.22
N ALA E 502 -26.63 19.99 -9.84
CA ALA E 502 -27.76 20.58 -10.55
C ALA E 502 -27.51 20.91 -12.02
N ALA E 503 -26.28 21.15 -12.41
CA ALA E 503 -25.94 21.47 -13.79
C ALA E 503 -25.84 20.20 -14.61
N LYS E 504 -25.36 19.13 -13.97
CA LYS E 504 -25.26 17.83 -14.62
C LYS E 504 -26.68 17.31 -14.86
N ARG E 505 -27.57 17.55 -13.91
CA ARG E 505 -28.95 17.08 -14.04
C ARG E 505 -29.59 17.56 -15.34
N GLY E 506 -29.57 18.87 -15.57
CA GLY E 506 -30.17 19.45 -16.76
C GLY E 506 -29.45 18.98 -18.02
N ALA E 507 -28.13 19.02 -17.99
CA ALA E 507 -27.32 18.60 -19.13
C ALA E 507 -27.63 17.17 -19.58
N MET E 508 -27.60 16.22 -18.65
CA MET E 508 -27.92 14.84 -18.99
C MET E 508 -29.41 14.65 -19.23
N GLY E 509 -30.26 15.25 -18.39
CA GLY E 509 -31.70 15.12 -18.56
C GLY E 509 -32.16 15.50 -19.96
N ARG E 510 -31.88 16.73 -20.39
CA ARG E 510 -32.40 17.25 -21.63
C ARG E 510 -31.40 17.41 -22.75
N ARG E 511 -30.10 17.29 -22.50
CA ARG E 511 -29.10 17.43 -23.56
C ARG E 511 -29.37 18.57 -24.54
N THR E 512 -29.40 19.82 -24.07
CA THR E 512 -29.75 20.97 -24.88
C THR E 512 -28.57 21.59 -25.65
N LEU E 513 -28.83 21.97 -26.89
CA LEU E 513 -27.82 22.60 -27.73
C LEU E 513 -28.27 23.98 -28.19
N GLY E 514 -27.31 24.79 -28.63
CA GLY E 514 -27.59 26.14 -29.11
C GLY E 514 -26.76 26.44 -30.34
N ILE E 515 -27.25 26.04 -31.51
CA ILE E 515 -26.52 26.30 -32.75
C ILE E 515 -27.13 27.45 -33.54
N GLY E 516 -26.30 28.40 -33.98
CA GLY E 516 -26.77 29.55 -34.74
C GLY E 516 -25.94 29.80 -35.99
N VAL E 517 -25.88 31.03 -36.51
CA VAL E 517 -25.14 31.32 -37.71
C VAL E 517 -24.22 32.53 -37.59
N ILE E 518 -23.25 32.64 -38.49
CA ILE E 518 -22.36 33.78 -38.63
C ILE E 518 -22.32 34.13 -40.12
N ASN E 519 -21.97 35.35 -40.47
CA ASN E 519 -21.87 35.78 -41.86
C ASN E 519 -23.24 36.02 -42.50
N PHE E 520 -24.26 36.36 -41.71
CA PHE E 520 -25.58 36.57 -42.29
C PHE E 520 -25.58 37.74 -43.26
N ALA E 521 -25.01 38.87 -42.84
CA ALA E 521 -25.00 40.08 -43.67
C ALA E 521 -24.35 39.83 -45.03
N TYR E 522 -23.17 39.22 -45.00
CA TYR E 522 -22.45 38.88 -46.22
C TYR E 522 -23.32 37.99 -47.11
N TYR E 523 -23.95 36.99 -46.50
CA TYR E 523 -24.85 36.09 -47.22
C TYR E 523 -25.96 36.87 -47.91
N LEU E 524 -26.65 37.76 -47.23
CA LEU E 524 -27.65 38.62 -47.84
C LEU E 524 -27.05 39.43 -48.98
N ALA E 525 -25.91 40.07 -48.76
CA ALA E 525 -25.24 40.88 -49.77
C ALA E 525 -24.95 40.11 -51.04
N LYS E 526 -24.51 38.85 -50.92
CA LYS E 526 -24.34 38.00 -52.10
C LYS E 526 -25.66 37.82 -52.85
N HIS E 527 -26.77 37.71 -52.14
CA HIS E 527 -28.07 37.51 -52.79
C HIS E 527 -28.77 38.81 -53.17
N GLY E 528 -28.06 39.93 -53.06
CA GLY E 528 -28.55 41.24 -53.40
C GLY E 528 -29.75 41.73 -52.61
N LYS E 529 -29.81 41.40 -51.33
CA LYS E 529 -30.90 41.83 -50.46
C LYS E 529 -30.37 42.80 -49.41
N ARG E 530 -31.28 43.48 -48.72
CA ARG E 530 -30.90 44.42 -47.68
C ARG E 530 -31.75 44.13 -46.43
N TYR E 531 -31.40 44.76 -45.32
CA TYR E 531 -32.13 44.54 -44.09
C TYR E 531 -33.41 45.36 -44.01
N SER E 532 -33.28 46.67 -44.18
CA SER E 532 -34.38 47.60 -43.96
C SER E 532 -35.56 47.64 -44.89
N ASP E 533 -35.55 47.07 -46.10
CA ASP E 533 -36.71 47.20 -46.95
C ASP E 533 -37.65 46.01 -47.03
N GLY E 534 -37.27 44.87 -46.44
CA GLY E 534 -38.15 43.70 -46.48
C GLY E 534 -37.91 42.86 -47.73
N SER E 535 -36.82 43.14 -48.43
CA SER E 535 -36.45 42.38 -49.61
C SER E 535 -35.89 41.01 -49.23
N ALA E 536 -35.34 40.88 -48.02
CA ALA E 536 -34.76 39.62 -47.57
C ALA E 536 -35.75 38.68 -46.91
N ASN E 537 -36.95 39.15 -46.56
CA ASN E 537 -37.93 38.34 -45.85
C ASN E 537 -38.10 36.92 -46.38
N ASN E 538 -38.41 36.74 -47.67
CA ASN E 538 -38.65 35.37 -48.15
C ASN E 538 -37.37 34.55 -48.20
N LEU E 539 -36.20 35.14 -48.45
CA LEU E 539 -34.96 34.38 -48.45
C LEU E 539 -34.58 33.91 -47.05
N THR E 540 -34.86 34.76 -46.07
CA THR E 540 -34.60 34.44 -44.68
C THR E 540 -35.53 33.33 -44.20
N HIS E 541 -36.78 33.33 -44.64
CA HIS E 541 -37.73 32.27 -44.26
C HIS E 541 -37.26 30.94 -44.81
N LYS E 542 -36.84 30.93 -46.07
CA LYS E 542 -36.31 29.76 -46.74
C LYS E 542 -35.02 29.23 -46.13
N THR E 543 -34.11 30.13 -45.73
CA THR E 543 -32.83 29.74 -45.16
C THR E 543 -33.01 29.07 -43.80
N PHE E 544 -33.79 29.75 -42.93
CA PHE E 544 -34.01 29.24 -41.58
C PHE E 544 -34.90 28.02 -41.56
N GLU E 545 -35.74 27.83 -42.57
CA GLU E 545 -36.49 26.58 -42.65
C GLU E 545 -35.49 25.43 -42.80
N ALA E 546 -34.61 25.52 -43.79
CA ALA E 546 -33.57 24.53 -44.00
C ALA E 546 -32.79 24.24 -42.73
N ILE E 547 -32.19 25.26 -42.14
CA ILE E 547 -31.40 25.10 -40.91
C ILE E 547 -32.12 24.24 -39.89
N GLN E 548 -33.29 24.69 -39.43
CA GLN E 548 -34.04 23.96 -38.42
C GLN E 548 -34.46 22.57 -38.85
N TYR E 549 -34.90 22.41 -40.09
CA TYR E 549 -35.23 21.09 -40.59
C TYR E 549 -34.06 20.12 -40.42
N TYR E 550 -32.91 20.41 -41.03
CA TYR E 550 -31.75 19.55 -40.93
C TYR E 550 -31.22 19.35 -39.53
N LEU E 551 -31.34 20.32 -38.63
CA LEU E 551 -30.91 20.10 -37.24
C LEU E 551 -31.82 19.06 -36.61
N LEU E 552 -33.14 19.27 -36.70
CA LEU E 552 -34.12 18.31 -36.19
C LEU E 552 -33.87 16.92 -36.78
N LYS E 553 -33.67 16.82 -38.09
CA LYS E 553 -33.37 15.56 -38.73
C LYS E 553 -32.17 14.88 -38.10
N ALA E 554 -31.05 15.59 -37.99
CA ALA E 554 -29.83 15.03 -37.41
C ALA E 554 -30.04 14.54 -35.98
N SER E 555 -30.75 15.31 -35.15
CA SER E 555 -31.06 14.90 -33.80
C SER E 555 -31.90 13.63 -33.80
N ASN E 556 -32.87 13.57 -34.70
CA ASN E 556 -33.75 12.41 -34.80
C ASN E 556 -32.95 11.17 -35.18
N GLU E 557 -32.06 11.30 -36.16
CA GLU E 557 -31.21 10.19 -36.56
C GLU E 557 -30.37 9.70 -35.39
N LEU E 558 -29.77 10.64 -34.66
CA LEU E 558 -28.98 10.31 -33.49
C LEU E 558 -29.83 9.60 -32.43
N ALA E 559 -31.08 10.03 -32.25
CA ALA E 559 -32.00 9.41 -31.31
C ALA E 559 -32.18 7.92 -31.62
N LYS E 560 -32.42 7.60 -32.89
CA LYS E 560 -32.53 6.22 -33.33
C LYS E 560 -31.25 5.46 -32.96
N GLU E 561 -30.09 5.99 -33.35
CA GLU E 561 -28.82 5.36 -33.04
C GLU E 561 -28.55 5.23 -31.55
N GLN E 562 -28.67 6.28 -30.74
CA GLN E 562 -28.25 6.25 -29.35
C GLN E 562 -29.33 6.47 -28.30
N GLY E 563 -30.57 6.71 -28.67
CA GLY E 563 -31.66 6.87 -27.71
C GLY E 563 -31.98 8.32 -27.40
N ALA E 564 -33.27 8.66 -27.36
CA ALA E 564 -33.71 10.01 -27.06
C ALA E 564 -33.26 10.45 -25.67
N CYS E 565 -33.19 11.76 -25.45
CA CYS E 565 -32.79 12.25 -24.13
C CYS E 565 -33.83 11.80 -23.10
N PRO E 566 -33.37 11.44 -21.91
CA PRO E 566 -34.20 11.00 -20.81
C PRO E 566 -35.44 11.84 -20.59
N TRP E 567 -35.30 13.16 -20.50
CA TRP E 567 -36.49 14.00 -20.27
C TRP E 567 -37.15 14.49 -21.55
N PHE E 568 -37.17 13.66 -22.60
CA PHE E 568 -37.73 14.03 -23.88
C PHE E 568 -39.25 14.22 -23.78
N ASN E 569 -39.88 13.51 -22.88
CA ASN E 569 -41.30 13.53 -22.61
C ASN E 569 -41.84 14.83 -22.05
N GLU E 570 -41.00 15.80 -21.70
CA GLU E 570 -41.48 17.09 -21.23
C GLU E 570 -41.49 18.09 -22.39
N THR E 571 -40.94 17.71 -23.53
CA THR E 571 -40.96 18.59 -24.69
C THR E 571 -42.30 18.56 -25.42
N THR E 572 -42.56 19.63 -26.18
CA THR E 572 -43.74 19.72 -27.04
C THR E 572 -43.50 18.83 -28.26
N TYR E 573 -42.23 18.63 -28.60
CA TYR E 573 -41.77 17.79 -29.67
C TYR E 573 -42.29 16.38 -29.49
N ALA E 574 -42.22 15.87 -28.27
CA ALA E 574 -42.73 14.56 -27.90
C ALA E 574 -44.22 14.38 -28.13
N LYS E 575 -45.00 15.45 -28.08
CA LYS E 575 -46.44 15.41 -28.31
C LYS E 575 -46.76 15.71 -29.77
N GLY E 576 -45.79 15.61 -30.67
CA GLY E 576 -45.95 15.85 -32.08
C GLY E 576 -46.14 17.31 -32.45
N ILE E 577 -45.65 18.23 -31.63
CA ILE E 577 -45.77 19.66 -31.94
C ILE E 577 -44.45 20.25 -32.44
N LEU E 578 -44.50 20.91 -33.58
CA LEU E 578 -43.33 21.54 -34.18
C LEU E 578 -43.38 23.07 -34.15
N PRO E 579 -42.23 23.68 -34.40
CA PRO E 579 -42.07 25.12 -34.47
C PRO E 579 -43.03 25.75 -35.45
N ILE E 580 -43.28 25.12 -36.59
CA ILE E 580 -44.26 25.59 -37.56
C ILE E 580 -45.71 25.56 -37.08
N ASP E 581 -46.01 24.89 -35.98
CA ASP E 581 -47.35 24.84 -35.46
C ASP E 581 -47.67 25.92 -34.43
N THR E 582 -46.68 26.48 -33.77
CA THR E 582 -46.94 27.44 -32.70
C THR E 582 -46.41 28.85 -32.87
N TYR E 583 -45.88 29.21 -34.02
CA TYR E 583 -45.30 30.54 -34.22
C TYR E 583 -46.37 31.62 -34.19
N LYS E 584 -45.96 32.87 -34.01
CA LYS E 584 -46.91 33.98 -33.96
C LYS E 584 -47.51 34.24 -35.34
N LYS E 585 -48.81 34.01 -35.46
CA LYS E 585 -49.62 34.13 -36.66
C LYS E 585 -49.50 35.42 -37.45
N ASP E 586 -49.11 36.57 -36.90
CA ASP E 586 -48.92 37.77 -37.69
C ASP E 586 -47.78 37.63 -38.69
N LEU E 587 -46.81 36.74 -38.48
CA LEU E 587 -45.72 36.54 -39.44
C LEU E 587 -46.23 36.24 -40.84
N ASP E 588 -47.39 35.62 -40.97
CA ASP E 588 -48.01 35.28 -42.24
C ASP E 588 -48.24 36.49 -43.15
N THR E 589 -48.44 37.68 -42.58
CA THR E 589 -48.59 38.90 -43.33
C THR E 589 -47.29 39.49 -43.84
N ILE E 590 -46.10 39.08 -43.36
CA ILE E 590 -44.86 39.66 -43.86
C ILE E 590 -44.01 38.69 -44.66
N ALA E 591 -44.51 37.51 -44.97
CA ALA E 591 -43.73 36.54 -45.76
C ALA E 591 -44.60 35.41 -46.33
N ASN E 592 -44.44 35.12 -47.62
CA ASN E 592 -45.23 34.06 -48.23
C ASN E 592 -44.41 32.85 -48.67
N GLU E 593 -43.10 32.84 -48.45
CA GLU E 593 -42.32 31.65 -48.82
C GLU E 593 -42.98 30.40 -48.24
N PRO E 594 -43.20 29.41 -49.08
CA PRO E 594 -43.80 28.14 -48.73
C PRO E 594 -42.77 27.20 -48.12
N LEU E 595 -43.24 26.15 -47.43
CA LEU E 595 -42.30 25.21 -46.82
C LEU E 595 -41.76 24.25 -47.88
N HIS E 596 -40.44 24.15 -48.00
CA HIS E 596 -39.87 23.27 -49.02
C HIS E 596 -39.56 21.87 -48.50
N TYR E 597 -39.71 21.60 -47.21
CA TYR E 597 -39.30 20.31 -46.66
C TYR E 597 -40.48 19.49 -46.15
N ASP E 598 -40.28 18.17 -46.03
CA ASP E 598 -41.34 17.31 -45.52
C ASP E 598 -41.41 17.33 -44.00
N TRP E 599 -42.20 18.27 -43.49
CA TRP E 599 -42.30 18.42 -42.04
C TRP E 599 -43.21 17.37 -41.43
N GLU E 600 -44.21 16.91 -42.20
CA GLU E 600 -45.12 15.87 -41.73
C GLU E 600 -44.44 14.52 -41.56
N ALA E 601 -43.54 14.16 -42.48
CA ALA E 601 -42.78 12.92 -42.38
C ALA E 601 -41.83 12.94 -41.18
N LEU E 602 -41.31 14.12 -40.89
CA LEU E 602 -40.42 14.34 -39.75
C LEU E 602 -41.22 14.33 -38.46
N ARG E 603 -42.40 14.94 -38.49
CA ARG E 603 -43.28 15.00 -37.33
C ARG E 603 -43.48 13.60 -36.74
N GLU E 604 -43.88 12.67 -37.61
CA GLU E 604 -44.00 11.27 -37.24
C GLU E 604 -42.72 10.72 -36.65
N SER E 605 -41.64 10.72 -37.43
CA SER E 605 -40.36 10.21 -36.98
C SER E 605 -39.96 10.70 -35.60
N ILE E 606 -40.07 12.01 -35.34
CA ILE E 606 -39.81 12.52 -34.00
C ILE E 606 -40.75 11.86 -32.99
N LYS E 607 -42.06 11.90 -33.22
CA LYS E 607 -43.02 11.28 -32.33
C LYS E 607 -42.63 9.84 -31.96
N THR E 608 -42.34 9.04 -32.98
CA THR E 608 -41.92 7.65 -32.85
C THR E 608 -40.58 7.44 -32.17
N HIS E 609 -39.48 7.99 -32.69
CA HIS E 609 -38.15 7.77 -32.15
C HIS E 609 -37.60 8.87 -31.25
N GLY E 610 -38.32 9.97 -31.11
CA GLY E 610 -37.89 11.06 -30.25
C GLY E 610 -36.68 11.81 -30.78
N LEU E 611 -36.17 12.72 -29.93
CA LEU E 611 -35.02 13.53 -30.29
C LEU E 611 -33.90 13.26 -29.28
N ARG E 612 -32.66 13.34 -29.75
CA ARG E 612 -31.53 13.15 -28.83
C ARG E 612 -31.43 14.37 -27.93
N ASN E 613 -31.66 15.54 -28.51
CA ASN E 613 -31.54 16.83 -27.83
C ASN E 613 -32.88 17.56 -27.78
N SER E 614 -33.24 18.20 -26.67
CA SER E 614 -34.52 18.89 -26.56
C SER E 614 -34.56 20.22 -27.29
N THR E 615 -33.45 20.96 -27.33
CA THR E 615 -33.36 22.23 -28.04
C THR E 615 -32.15 22.16 -28.99
N LEU E 616 -32.20 22.79 -30.15
CA LEU E 616 -31.04 22.70 -31.05
C LEU E 616 -30.48 24.03 -31.53
N SER E 617 -31.35 25.00 -31.83
CA SER E 617 -30.88 26.27 -32.37
C SER E 617 -31.06 27.46 -31.45
N ALA E 618 -30.16 28.42 -31.62
CA ALA E 618 -30.16 29.67 -30.86
C ALA E 618 -29.23 30.64 -31.60
N LEU E 619 -29.60 31.90 -31.75
CA LEU E 619 -28.75 32.83 -32.51
C LEU E 619 -28.01 33.79 -31.60
N MET E 620 -26.79 33.40 -31.23
CA MET E 620 -25.91 34.17 -30.35
C MET E 620 -25.01 35.10 -31.16
N PRO E 621 -24.59 36.17 -30.52
CA PRO E 621 -23.62 37.10 -31.10
C PRO E 621 -22.27 36.39 -31.14
N SER E 622 -21.31 36.81 -31.95
CA SER E 622 -20.01 36.14 -31.90
C SER E 622 -18.92 37.03 -32.49
N GLU E 623 -18.11 37.61 -31.60
CA GLU E 623 -17.02 38.47 -32.04
C GLU E 623 -15.81 37.64 -32.45
N THR E 624 -15.21 36.91 -31.54
CA THR E 624 -14.02 36.10 -31.80
C THR E 624 -14.18 35.13 -32.95
N SER E 625 -15.13 34.22 -32.82
CA SER E 625 -15.44 33.18 -33.80
C SER E 625 -15.54 33.72 -35.23
N SER E 626 -16.26 34.82 -35.40
CA SER E 626 -16.39 35.47 -36.69
C SER E 626 -15.05 35.96 -37.24
N GLN E 627 -14.17 36.48 -36.39
CA GLN E 627 -12.88 36.98 -36.85
C GLN E 627 -12.02 35.89 -37.46
N ILE E 628 -11.87 34.75 -36.79
CA ILE E 628 -11.09 33.65 -37.33
C ILE E 628 -11.50 33.30 -38.76
N SER E 629 -12.80 33.23 -38.98
CA SER E 629 -13.36 32.90 -40.29
C SER E 629 -13.56 34.10 -41.19
N ASN E 630 -12.98 35.26 -40.92
CA ASN E 630 -13.20 36.49 -41.66
C ASN E 630 -14.67 36.57 -42.12
N ALA E 631 -15.55 36.83 -41.15
CA ALA E 631 -16.97 36.90 -41.42
C ALA E 631 -17.66 38.00 -40.62
N THR E 632 -18.86 38.37 -41.08
CA THR E 632 -19.63 39.39 -40.37
C THR E 632 -20.22 38.76 -39.11
N ASN E 633 -20.41 39.53 -38.06
CA ASN E 633 -20.84 38.95 -36.78
C ASN E 633 -22.29 38.48 -36.77
N GLY E 634 -22.46 37.22 -36.38
CA GLY E 634 -23.80 36.64 -36.30
C GLY E 634 -24.70 37.19 -37.40
N ILE E 635 -25.90 37.58 -37.02
CA ILE E 635 -26.88 38.12 -37.94
C ILE E 635 -26.75 39.61 -38.17
N GLU E 636 -26.00 40.29 -37.32
CA GLU E 636 -25.84 41.72 -37.36
C GLU E 636 -25.14 42.24 -38.63
N PRO E 637 -25.60 43.37 -39.10
CA PRO E 637 -24.99 44.10 -40.20
C PRO E 637 -23.72 44.75 -39.66
N PRO E 638 -22.73 44.91 -40.50
CA PRO E 638 -21.45 45.50 -40.13
C PRO E 638 -21.53 47.01 -39.93
N ARG E 639 -20.73 47.52 -39.00
CA ARG E 639 -20.73 48.95 -38.71
C ARG E 639 -20.06 49.77 -39.80
N GLY E 640 -19.06 49.19 -40.44
CA GLY E 640 -18.32 49.83 -41.52
C GLY E 640 -17.59 48.77 -42.34
N TYR E 641 -16.92 49.17 -43.42
CA TYR E 641 -16.24 48.22 -44.29
C TYR E 641 -14.93 47.73 -43.69
N VAL E 642 -14.35 48.49 -42.77
CA VAL E 642 -13.10 48.10 -42.13
C VAL E 642 -13.30 48.15 -40.60
N SER E 643 -13.01 47.03 -39.94
CA SER E 643 -13.10 46.99 -38.50
C SER E 643 -11.74 47.30 -37.88
N ILE E 644 -11.73 48.08 -36.80
CA ILE E 644 -10.45 48.39 -36.17
C ILE E 644 -10.43 47.86 -34.75
N LYS E 645 -9.28 47.29 -34.42
CA LYS E 645 -9.06 46.72 -33.09
C LYS E 645 -7.63 47.02 -32.63
N ALA E 646 -7.51 47.34 -31.35
CA ALA E 646 -6.21 47.64 -30.76
C ALA E 646 -5.59 46.37 -30.18
N SER E 647 -4.27 46.29 -30.27
CA SER E 647 -3.50 45.19 -29.70
C SER E 647 -2.13 45.74 -29.27
N LYS E 648 -1.37 44.95 -28.52
CA LYS E 648 -0.02 45.37 -28.12
C LYS E 648 0.91 45.42 -29.33
N ASP E 649 0.72 44.50 -30.28
CA ASP E 649 1.49 44.43 -31.51
C ASP E 649 1.09 45.44 -32.57
N GLY E 650 0.09 46.30 -32.32
CA GLY E 650 -0.36 47.28 -33.30
C GLY E 650 -1.88 47.33 -33.47
N ILE E 651 -2.30 48.10 -34.47
CA ILE E 651 -3.72 48.28 -34.79
C ILE E 651 -4.13 47.16 -35.75
N LEU E 652 -5.21 46.48 -35.39
CA LEU E 652 -5.73 45.39 -36.21
C LEU E 652 -6.85 45.86 -37.13
N ARG E 653 -6.68 45.60 -38.42
CA ARG E 653 -7.67 45.97 -39.42
C ARG E 653 -8.23 44.75 -40.13
N GLN E 654 -9.55 44.69 -40.28
CA GLN E 654 -10.20 43.59 -40.98
C GLN E 654 -11.25 44.13 -41.94
N VAL E 655 -11.12 43.76 -43.21
CA VAL E 655 -12.04 44.20 -44.24
C VAL E 655 -13.17 43.20 -44.47
N VAL E 656 -14.39 43.70 -44.62
CA VAL E 656 -15.53 42.84 -44.87
C VAL E 656 -15.26 41.91 -46.05
N PRO E 657 -15.77 40.70 -45.95
CA PRO E 657 -15.62 39.67 -46.94
C PRO E 657 -16.10 40.11 -48.32
N ASP E 658 -15.23 39.99 -49.31
CA ASP E 658 -15.51 40.33 -50.69
C ASP E 658 -15.98 41.77 -50.87
N TYR E 659 -15.28 42.70 -50.23
CA TYR E 659 -15.56 44.12 -50.32
C TYR E 659 -15.46 44.59 -51.76
N GLU E 660 -14.42 44.13 -52.42
CA GLU E 660 -14.03 44.40 -53.79
C GLU E 660 -15.14 44.28 -54.81
N HIS E 661 -16.08 43.38 -54.59
CA HIS E 661 -17.20 43.13 -55.48
C HIS E 661 -18.54 43.42 -54.81
N LEU E 662 -18.56 43.53 -53.49
CA LEU E 662 -19.82 43.73 -52.78
C LEU E 662 -19.94 45.00 -51.96
N HIS E 663 -18.98 45.91 -51.99
CA HIS E 663 -19.07 47.13 -51.19
C HIS E 663 -20.43 47.80 -51.32
N ASP E 664 -20.96 47.85 -52.54
CA ASP E 664 -22.27 48.45 -52.77
C ASP E 664 -23.46 47.58 -52.43
N ALA E 665 -23.28 46.26 -52.24
CA ALA E 665 -24.42 45.41 -51.90
C ALA E 665 -24.67 45.42 -50.39
N TYR E 666 -23.60 45.68 -49.63
CA TYR E 666 -23.73 45.72 -48.18
C TYR E 666 -24.66 46.86 -47.76
N GLU E 667 -25.32 46.67 -46.63
CA GLU E 667 -26.09 47.74 -46.00
C GLU E 667 -25.50 47.90 -44.59
N LEU E 668 -24.81 49.00 -44.33
CA LEU E 668 -24.18 49.18 -43.04
C LEU E 668 -25.15 49.60 -41.93
N LEU E 669 -24.79 49.30 -40.69
CA LEU E 669 -25.64 49.55 -39.53
C LEU E 669 -26.33 50.91 -39.52
N TRP E 670 -25.61 52.01 -39.74
CA TRP E 670 -26.23 53.33 -39.68
C TRP E 670 -26.76 53.81 -41.02
N GLU E 671 -26.80 52.92 -42.01
CA GLU E 671 -27.39 53.23 -43.30
C GLU E 671 -28.89 52.91 -43.25
N MET E 672 -29.25 52.06 -42.32
CA MET E 672 -30.66 51.70 -42.13
C MET E 672 -31.42 52.92 -41.63
N PRO E 673 -32.55 53.19 -42.24
CA PRO E 673 -33.45 54.27 -41.87
C PRO E 673 -34.15 54.02 -40.54
N GLY E 674 -34.41 52.75 -40.21
CA GLY E 674 -35.05 52.42 -38.95
C GLY E 674 -34.85 50.96 -38.51
N ASN E 675 -35.62 50.54 -37.51
CA ASN E 675 -35.53 49.18 -37.01
C ASN E 675 -36.55 48.20 -37.57
N ASP E 676 -37.51 48.64 -38.38
CA ASP E 676 -38.57 47.77 -38.87
C ASP E 676 -38.04 46.58 -39.66
N GLY E 677 -37.27 46.82 -40.72
CA GLY E 677 -36.76 45.76 -41.57
C GLY E 677 -36.10 44.64 -40.78
N TYR E 678 -35.17 45.02 -39.91
CA TYR E 678 -34.42 44.11 -39.07
C TYR E 678 -35.32 43.34 -38.13
N LEU E 679 -36.27 44.03 -37.51
CA LEU E 679 -37.20 43.40 -36.58
C LEU E 679 -38.08 42.35 -37.23
N GLN E 680 -38.43 42.55 -38.49
CA GLN E 680 -39.23 41.56 -39.20
C GLN E 680 -38.38 40.33 -39.48
N LEU E 681 -37.15 40.52 -39.93
CA LEU E 681 -36.24 39.41 -40.20
C LEU E 681 -35.99 38.58 -38.95
N VAL E 682 -35.74 39.29 -37.85
CA VAL E 682 -35.62 38.64 -36.55
C VAL E 682 -36.84 37.79 -36.25
N GLY E 683 -38.06 38.29 -36.41
CA GLY E 683 -39.27 37.55 -36.13
C GLY E 683 -39.45 36.31 -37.00
N ILE E 684 -39.09 36.44 -38.28
CA ILE E 684 -39.12 35.34 -39.24
C ILE E 684 -38.15 34.25 -38.81
N MET E 685 -36.97 34.64 -38.35
CA MET E 685 -36.01 33.69 -37.83
C MET E 685 -36.58 32.92 -36.64
N GLN E 686 -37.25 33.63 -35.72
CA GLN E 686 -37.81 33.06 -34.50
C GLN E 686 -38.89 32.03 -34.74
N LYS E 687 -39.52 32.03 -35.90
CA LYS E 687 -40.52 31.04 -36.29
C LYS E 687 -39.93 29.64 -36.18
N PHE E 688 -38.70 29.42 -36.63
CA PHE E 688 -38.07 28.12 -36.57
C PHE E 688 -37.06 27.96 -35.45
N ILE E 689 -36.49 29.02 -34.89
CA ILE E 689 -35.50 28.83 -33.82
C ILE E 689 -36.16 28.26 -32.57
N ASP E 690 -35.55 27.21 -32.04
CA ASP E 690 -36.02 26.54 -30.83
C ASP E 690 -35.97 27.42 -29.59
N GLN E 691 -34.93 28.24 -29.51
CA GLN E 691 -34.73 29.11 -28.37
C GLN E 691 -34.96 30.58 -28.67
N SER E 692 -33.92 31.40 -28.53
CA SER E 692 -34.04 32.83 -28.77
C SER E 692 -32.90 33.44 -29.56
N ILE E 693 -33.03 34.72 -29.88
CA ILE E 693 -32.07 35.49 -30.66
C ILE E 693 -31.58 36.74 -29.93
N SER E 694 -30.32 37.12 -30.11
CA SER E 694 -29.80 38.34 -29.48
C SER E 694 -30.06 39.55 -30.38
N ALA E 695 -31.33 39.96 -30.43
CA ALA E 695 -31.73 41.08 -31.27
C ALA E 695 -31.36 42.42 -30.63
N ASN E 696 -30.89 43.34 -31.47
CA ASN E 696 -30.52 44.68 -31.01
C ASN E 696 -31.50 45.72 -31.58
N THR E 697 -31.50 46.90 -30.97
CA THR E 697 -32.25 48.04 -31.49
C THR E 697 -31.27 49.20 -31.65
N ASN E 698 -31.21 49.82 -32.82
CA ASN E 698 -30.28 50.91 -33.07
C ASN E 698 -30.96 52.24 -33.39
N TYR E 699 -30.50 53.32 -32.75
CA TYR E 699 -31.02 54.66 -32.99
C TYR E 699 -29.91 55.68 -33.27
N ASP E 700 -30.14 56.52 -34.27
CA ASP E 700 -29.22 57.58 -34.65
C ASP E 700 -29.89 58.92 -34.40
N PRO E 701 -29.37 59.66 -33.42
CA PRO E 701 -29.89 60.94 -32.98
C PRO E 701 -29.93 61.97 -34.09
N SER E 702 -29.02 61.94 -35.06
CA SER E 702 -29.00 62.84 -36.19
C SER E 702 -30.27 62.81 -37.05
N ARG E 703 -30.96 61.68 -37.15
CA ARG E 703 -32.20 61.57 -37.89
C ARG E 703 -33.43 62.13 -37.19
N PHE E 704 -33.31 62.59 -35.94
CA PHE E 704 -34.43 63.14 -35.19
C PHE E 704 -34.27 64.62 -34.96
N PRO E 705 -35.39 65.33 -34.89
CA PRO E 705 -35.44 66.77 -34.69
C PRO E 705 -34.79 67.12 -33.36
N SER E 706 -33.77 67.97 -33.37
CA SER E 706 -33.05 68.36 -32.17
C SER E 706 -32.14 67.28 -31.61
N GLY E 707 -31.85 66.24 -32.38
CA GLY E 707 -31.02 65.14 -31.92
C GLY E 707 -31.51 64.45 -30.65
N LYS E 708 -32.80 64.13 -30.58
CA LYS E 708 -33.33 63.46 -29.41
C LYS E 708 -34.38 62.42 -29.80
N VAL E 709 -34.05 61.17 -29.47
CA VAL E 709 -34.92 60.05 -29.78
C VAL E 709 -36.24 60.17 -29.03
N PRO E 710 -37.30 60.26 -29.81
CA PRO E 710 -38.66 60.40 -29.31
C PRO E 710 -39.11 59.17 -28.54
N MET E 711 -39.78 59.42 -27.42
CA MET E 711 -40.33 58.32 -26.63
C MET E 711 -41.41 57.62 -27.45
N GLN E 712 -42.19 58.38 -28.23
CA GLN E 712 -43.18 57.74 -29.10
C GLN E 712 -42.52 56.67 -29.97
N GLN E 713 -41.33 56.88 -30.52
CA GLN E 713 -40.66 55.93 -31.37
C GLN E 713 -40.02 54.73 -30.67
N LEU E 714 -39.68 54.85 -29.39
CA LEU E 714 -39.04 53.74 -28.68
C LEU E 714 -40.09 52.69 -28.30
N LEU E 715 -41.30 53.18 -28.01
CA LEU E 715 -42.41 52.30 -27.66
C LEU E 715 -42.97 51.65 -28.93
N LYS E 716 -42.98 52.45 -30.00
CA LYS E 716 -43.43 51.93 -31.28
C LYS E 716 -42.62 50.69 -31.65
N ASP E 717 -41.30 50.80 -31.67
CA ASP E 717 -40.42 49.69 -31.99
C ASP E 717 -40.57 48.52 -31.02
N LEU E 718 -40.78 48.81 -29.74
CA LEU E 718 -41.00 47.79 -28.71
C LEU E 718 -42.24 46.95 -29.01
N LEU E 719 -43.33 47.59 -29.41
CA LEU E 719 -44.58 46.90 -29.71
C LEU E 719 -44.44 46.10 -31.00
N THR E 720 -43.80 46.69 -32.01
CA THR E 720 -43.57 45.98 -33.28
C THR E 720 -42.96 44.62 -33.00
N ALA E 721 -41.82 44.64 -32.30
CA ALA E 721 -41.11 43.43 -31.90
C ALA E 721 -42.05 42.39 -31.30
N TYR E 722 -42.81 42.79 -30.27
CA TYR E 722 -43.77 41.86 -29.66
C TYR E 722 -44.75 41.30 -30.69
N LYS E 723 -45.32 42.15 -31.53
CA LYS E 723 -46.28 41.76 -32.55
C LYS E 723 -45.78 40.64 -33.46
N PHE E 724 -44.50 40.62 -33.81
CA PHE E 724 -43.94 39.59 -34.66
C PHE E 724 -43.30 38.45 -33.87
N GLY E 725 -43.62 38.35 -32.59
CA GLY E 725 -43.22 37.25 -31.75
C GLY E 725 -41.80 37.25 -31.24
N VAL E 726 -41.12 38.39 -31.23
CA VAL E 726 -39.75 38.41 -30.70
C VAL E 726 -39.79 38.08 -29.22
N LYS E 727 -38.90 37.17 -28.82
CA LYS E 727 -38.87 36.69 -27.44
C LYS E 727 -38.07 37.60 -26.51
N THR E 728 -36.89 38.03 -26.95
CA THR E 728 -36.04 38.89 -26.14
C THR E 728 -35.51 40.09 -26.89
N LEU E 729 -34.97 41.06 -26.14
CA LEU E 729 -34.36 42.25 -26.71
C LEU E 729 -33.07 42.59 -25.97
N TYR E 730 -31.97 42.55 -26.70
CA TYR E 730 -30.63 42.81 -26.18
C TYR E 730 -30.21 44.27 -26.24
N TYR E 731 -28.99 44.59 -26.66
CA TYR E 731 -28.48 45.93 -26.65
C TYR E 731 -29.40 46.96 -27.30
N GLN E 732 -29.08 48.23 -27.07
CA GLN E 732 -29.74 49.37 -27.70
C GLN E 732 -28.64 50.35 -28.12
N ASN E 733 -28.21 50.27 -29.37
CA ASN E 733 -27.12 51.11 -29.86
C ASN E 733 -27.59 52.52 -30.22
N THR E 734 -26.96 53.51 -29.61
CA THR E 734 -27.30 54.91 -29.82
C THR E 734 -26.07 55.66 -30.29
N ARG E 735 -25.83 55.58 -31.59
CA ARG E 735 -24.70 56.12 -32.28
C ARG E 735 -24.21 57.50 -31.88
N ASP E 736 -22.90 57.61 -31.63
CA ASP E 736 -22.34 58.92 -31.34
C ASP E 736 -20.95 59.14 -31.95
N GLY E 737 -21.05 59.58 -33.20
CA GLY E 737 -19.83 60.00 -33.91
C GLY E 737 -19.66 61.40 -33.27
N SER F 8 -39.32 62.40 -24.28
CA SER F 8 -40.12 61.75 -23.19
C SER F 8 -41.62 62.04 -23.36
N GLU F 9 -41.94 62.67 -24.49
CA GLU F 9 -43.33 62.97 -24.83
C GLU F 9 -43.96 61.70 -25.38
N VAL F 10 -45.11 61.31 -24.80
CA VAL F 10 -45.78 60.10 -25.23
C VAL F 10 -47.26 60.36 -25.55
N ASP F 11 -47.66 59.80 -26.69
CA ASP F 11 -49.05 59.90 -27.13
C ASP F 11 -49.66 58.49 -27.08
N THR F 12 -50.68 58.36 -26.25
CA THR F 12 -51.41 57.12 -26.04
C THR F 12 -52.33 56.72 -27.20
N ASP F 13 -52.98 57.72 -27.78
CA ASP F 13 -53.94 57.49 -28.86
C ASP F 13 -53.22 56.85 -30.04
N ASP F 14 -52.16 57.50 -30.51
CA ASP F 14 -51.41 56.92 -31.64
C ASP F 14 -51.02 55.47 -31.36
N LEU F 15 -50.67 55.08 -30.13
CA LEU F 15 -50.48 53.68 -29.79
C LEU F 15 -51.76 52.86 -29.69
N SER F 16 -52.79 53.32 -29.00
CA SER F 16 -54.07 52.67 -28.77
C SER F 16 -54.64 51.78 -29.86
N ASN F 17 -54.50 52.13 -31.12
CA ASN F 17 -55.00 51.42 -32.29
C ASN F 17 -54.09 50.28 -32.71
N PHE F 18 -52.87 50.22 -32.16
CA PHE F 18 -51.93 49.14 -32.41
C PHE F 18 -52.56 47.80 -32.04
N GLN F 19 -52.23 46.77 -32.80
CA GLN F 19 -52.80 45.43 -32.60
C GLN F 19 -51.73 44.40 -32.25
N LEU F 20 -51.55 44.17 -30.95
CA LEU F 20 -50.50 43.28 -30.49
C LEU F 20 -50.47 41.94 -31.21
N TYR G 1 5.26 5.62 -25.78
CA TYR G 1 5.33 6.91 -25.04
C TYR G 1 6.00 6.75 -23.68
N LEU G 2 6.06 7.84 -22.95
CA LEU G 2 6.85 7.91 -21.73
C LEU G 2 6.18 8.62 -20.56
N VAL G 3 5.06 8.10 -20.10
CA VAL G 3 4.33 8.59 -18.94
C VAL G 3 3.85 10.02 -18.78
N GLY G 4 4.73 11.01 -18.62
CA GLY G 4 4.26 12.38 -18.35
C GLY G 4 4.11 12.68 -16.86
PA TTP H . 17.29 -1.29 17.53
O1A TTP H . 18.04 -1.03 18.82
O2A TTP H . 15.91 -1.73 17.57
O3A TTP H . 17.30 0.06 16.66
PB TTP H . 17.88 1.56 16.87
O1B TTP H . 17.30 1.98 18.14
O2B TTP H . 17.45 2.36 15.65
O3B TTP H . 19.54 1.42 16.88
PG TTP H . 20.38 2.26 18.04
O1G TTP H . 20.06 1.60 19.45
O2G TTP H . 21.92 2.16 17.72
O3G TTP H . 19.90 3.76 18.03
O5' TTP H . 18.12 -2.32 16.63
C5' TTP H . 19.46 -1.97 16.26
C4' TTP H . 20.33 -3.20 16.13
O4' TTP H . 20.69 -3.58 17.44
C3' TTP H . 19.64 -4.42 15.49
O3' TTP H . 20.72 -5.00 14.77
C2' TTP H . 19.17 -5.21 16.70
C1' TTP H . 20.31 -4.95 17.71
N1 TTP H . 19.85 -5.05 19.12
C2 TTP H . 20.33 -6.10 19.91
O2 TTP H . 21.13 -6.93 19.47
N3 TTP H . 19.88 -6.15 21.24
C4 TTP H . 18.98 -5.25 21.82
O4 TTP H . 18.65 -5.39 22.98
C5 TTP H . 18.53 -4.20 20.92
C5M TTP H . 17.56 -3.14 21.40
C6 TTP H . 18.97 -4.13 19.64
PA TTP I . -3.99 -18.05 7.69
O1A TTP I . -4.25 -19.03 6.56
O2A TTP I . -3.06 -16.95 7.51
O3A TTP I . -5.38 -17.39 8.14
PB TTP I . -6.91 -17.51 7.62
O1B TTP I . -6.84 -17.22 6.19
O2B TTP I . -7.72 -16.53 8.44
O3B TTP I . -7.42 -19.07 7.97
PG TTP I . -8.26 -19.90 6.80
O1G TTP I . -7.26 -20.23 5.61
O2G TTP I . -8.81 -21.24 7.44
O3G TTP I . -9.45 -18.99 6.31
O5' TTP I . -3.53 -18.87 8.99
C5' TTP I . -4.42 -19.87 9.51
C4' TTP I . -3.67 -21.00 10.15
O4' TTP I . -3.18 -21.83 9.10
C3' TTP I . -2.42 -20.57 10.96
O3' TTP I . -2.44 -21.53 12.01
C2' TTP I . -1.30 -20.75 9.96
C1' TTP I . -1.75 -21.98 9.16
N1 TTP I . -1.21 -22.00 7.77
C2 TTP I . -0.28 -22.99 7.42
O2 TTP I . 0.09 -23.83 8.24
N3 TTP I . 0.20 -22.97 6.10
C4 TTP I . -0.18 -22.04 5.13
O4 TTP I . 0.30 -22.11 4.01
C5 TTP I . -1.14 -21.05 5.58
C5M TTP I . -1.65 -19.97 4.63
C6 TTP I . -1.62 -21.06 6.85
PA TTP J . -36.01 32.83 5.08
O1A TTP J . -36.66 33.60 6.21
O2A TTP J . -34.70 32.22 5.25
O3A TTP J . -36.99 31.63 4.64
PB TTP J . -38.43 31.08 5.17
O1B TTP J . -38.22 30.85 6.60
O2B TTP J . -38.74 29.84 4.35
O3B TTP J . -39.55 32.28 4.83
PG TTP J . -40.65 32.67 5.99
O1G TTP J . -39.89 33.39 7.18
O2G TTP J . -41.73 33.64 5.35
O3G TTP J . -41.34 31.34 6.51
O5' TTP J . -35.96 33.75 3.77
C5' TTP J . -37.20 34.28 3.27
C4' TTP J . -36.99 35.62 2.61
O4' TTP J . -36.91 36.57 3.65
C3' TTP J . -35.70 35.77 1.80
O3' TTP J . -36.13 36.61 0.74
C2' TTP J . -34.74 36.39 2.78
C1' TTP J . -35.69 37.32 3.58
N1 TTP J . -35.20 37.58 4.96
C2 TTP J . -34.78 38.87 5.31
O2 TTP J . -34.82 39.80 4.50
N3 TTP J . -34.32 39.07 6.63
C4 TTP J . -34.26 38.07 7.60
O4 TTP J . -33.85 38.35 8.73
C5 TTP J . -34.71 36.76 7.16
C5M TTP J . -34.70 35.57 8.10
C6 TTP J . -35.15 36.56 5.90
#